data_5QOO
# 
_entry.id   5QOO 
# 
_audit_conform.dict_name       mmcif_pdbx.dic 
_audit_conform.dict_version    5.387 
_audit_conform.dict_location   http://mmcif.pdb.org/dictionaries/ascii/mmcif_pdbx.dic 
# 
loop_
_database_2.database_id 
_database_2.database_code 
_database_2.pdbx_database_accession 
_database_2.pdbx_DOI 
PDB   5QOO         pdb_00005qoo 10.2210/pdb5qoo/pdb 
WWPDB D_1001402213 ?            ?                   
# 
loop_
_pdbx_audit_revision_history.ordinal 
_pdbx_audit_revision_history.data_content_type 
_pdbx_audit_revision_history.major_revision 
_pdbx_audit_revision_history.minor_revision 
_pdbx_audit_revision_history.revision_date 
1 'Structure model' 1 0 2019-05-08 
2 'Structure model' 1 1 2019-11-20 
3 'Structure model' 1 2 2024-03-06 
# 
_pdbx_audit_revision_details.ordinal             1 
_pdbx_audit_revision_details.revision_ordinal    1 
_pdbx_audit_revision_details.data_content_type   'Structure model' 
_pdbx_audit_revision_details.provider            repository 
_pdbx_audit_revision_details.type                'Initial release' 
_pdbx_audit_revision_details.description         ? 
_pdbx_audit_revision_details.details             ? 
# 
loop_
_pdbx_audit_revision_group.ordinal 
_pdbx_audit_revision_group.revision_ordinal 
_pdbx_audit_revision_group.data_content_type 
_pdbx_audit_revision_group.group 
1 2 'Structure model' 'Data collection'     
2 3 'Structure model' 'Data collection'     
3 3 'Structure model' 'Database references' 
# 
loop_
_pdbx_audit_revision_category.ordinal 
_pdbx_audit_revision_category.revision_ordinal 
_pdbx_audit_revision_category.data_content_type 
_pdbx_audit_revision_category.category 
1 2 'Structure model' diffrn_source  
2 3 'Structure model' chem_comp_atom 
3 3 'Structure model' chem_comp_bond 
4 3 'Structure model' database_2     
# 
loop_
_pdbx_audit_revision_item.ordinal 
_pdbx_audit_revision_item.revision_ordinal 
_pdbx_audit_revision_item.data_content_type 
_pdbx_audit_revision_item.item 
1 2 'Structure model' '_diffrn_source.pdbx_synchrotron_beamline' 
2 2 'Structure model' '_diffrn_source.type'                      
3 3 'Structure model' '_database_2.pdbx_DOI'                     
4 3 'Structure model' '_database_2.pdbx_database_accession'      
# 
_pdbx_database_status.entry_id                        5QOO 
_pdbx_database_status.status_code                     REL 
_pdbx_database_status.status_code_sf                  REL 
_pdbx_database_status.status_code_mr                  ? 
_pdbx_database_status.status_code_cs                  ? 
_pdbx_database_status.recvd_initial_deposition_date   2019-02-22 
_pdbx_database_status.deposit_site                    RCSB 
_pdbx_database_status.process_site                    RCSB 
_pdbx_database_status.SG_entry                        ? 
_pdbx_database_status.pdb_format_compatible           Y 
_pdbx_database_status.methods_development_category    ? 
_pdbx_database_status.status_code_nmr_data            ? 
# 
loop_
_audit_author.name 
_audit_author.pdbx_ordinal 
_audit_author.identifier_ORCID 
'Nelson, E.R.'      1  ? 
'Velupillai, S.'    2  ? 
'Talon, R.'         3  ? 
'Collins, P.M.'     4  ? 
'Krojer, T.'        5  ? 
'Wang, D.'          6  ? 
'Brandao-Neto, J.'  7  ? 
'Douangamath, A.'   8  ? 
'Burgess-Brown, N.' 9  ? 
'Arrowsmith, C.H.'  10 ? 
'Bountra, C.'       11 ? 
'Huber, K.'         12 ? 
'von Delft, F.'     13 ? 
# 
_citation.id                        primary 
_citation.title                     'PanDDA analysis group deposition' 
_citation.journal_abbrev            'To Be Published' 
_citation.journal_volume            ? 
_citation.page_first                ? 
_citation.page_last                 ? 
_citation.year                      ? 
_citation.journal_id_ASTM           ? 
_citation.country                   ? 
_citation.journal_id_ISSN           ? 
_citation.journal_id_CSD            0353 
_citation.book_publisher            ? 
_citation.pdbx_database_id_PubMed   ? 
_citation.pdbx_database_id_DOI      ? 
# 
loop_
_citation_author.citation_id 
_citation_author.name 
_citation_author.identifier_ORCID 
_citation_author.ordinal 
primary 'Nelson, E.R.'      ? 1  
primary 'Velupillai, S.'    ? 2  
primary 'Talon, R.'         ? 3  
primary 'Collins, P.M.'     ? 4  
primary 'Krojer, T.'        ? 5  
primary 'Wang, D.'          ? 6  
primary 'Brandao-Neto, J.'  ? 7  
primary 'Douangamath, A.'   ? 8  
primary 'Burgess-Brown, N.' ? 9  
primary 'Arrowsmith, C.H.'  ? 10 
primary 'Bountra, C.'       ? 11 
primary 'Huber, K.'         ? 12 
primary 'von Delft, F.'     ? 13 
# 
loop_
_entity.id 
_entity.type 
_entity.src_method 
_entity.pdbx_description 
_entity.formula_weight 
_entity.pdbx_number_of_molecules 
_entity.pdbx_ec 
_entity.pdbx_mutation 
_entity.pdbx_fragment 
_entity.details 
1 polymer     man 'DCP2 (NUDT20)'                                                               19073.738 1  3.6.1.62 ? 
'UNP residues 95-260' ? 
2 non-polymer syn 1,2-ETHANEDIOL                                                                62.068    1  ?        ? ? ? 
3 non-polymer syn 'DIMETHYL SULFOXIDE'                                                          78.133    1  ?        ? ? ? 
4 non-polymer syn 'ACETATE ION'                                                                 59.044    1  ?        ? ? ? 
5 non-polymer syn 'DI(HYDROXYETHYL)ETHER'                                                       106.120   1  ?        ? ? ? 
6 non-polymer syn '2-methyl-N-{5-[(2S)-oxolan-2-yl]-1,3,4-thiadiazol-2(3H)-ylidene}propanamide' 241.310   1  ?        ? ? ? 
7 water       nat water                                                                         18.015    88 ?        ? ? ? 
# 
_entity_name_com.entity_id   1 
_entity_name_com.name        
'Nucleoside diphosphate-linked moiety X motif 20, Nudix motif 20, mRNA-decapping enzyme 2, hDpc, m7GpppN-mRNA hydrolase' 
# 
_entity_poly.entity_id                      1 
_entity_poly.type                           'polypeptide(L)' 
_entity_poly.nstd_linkage                   no 
_entity_poly.nstd_monomer                   no 
_entity_poly.pdbx_seq_one_letter_code       
;SMGVPTYGAIILDETLENVLLVQGYLAKSGWGFPKGKVNKEEAPHDCAAREVFEETGFDIKDYICKDDYIELRINDQLAR
LYIIPGIPKDTKFNPKTRREIRNIEWFSIEKLPCHRNDMTPKSKLGLAPNKFFMAIPFIRPLRDWLSRRFGDSSDSDNGF
SSTGSTP
;
_entity_poly.pdbx_seq_one_letter_code_can   
;SMGVPTYGAIILDETLENVLLVQGYLAKSGWGFPKGKVNKEEAPHDCAAREVFEETGFDIKDYICKDDYIELRINDQLAR
LYIIPGIPKDTKFNPKTRREIRNIEWFSIEKLPCHRNDMTPKSKLGLAPNKFFMAIPFIRPLRDWLSRRFGDSSDSDNGF
SSTGSTP
;
_entity_poly.pdbx_strand_id                 A 
_entity_poly.pdbx_target_identifier         ? 
# 
loop_
_pdbx_entity_nonpoly.entity_id 
_pdbx_entity_nonpoly.name 
_pdbx_entity_nonpoly.comp_id 
2 1,2-ETHANEDIOL                                                                EDO 
3 'DIMETHYL SULFOXIDE'                                                          DMS 
4 'ACETATE ION'                                                                 ACT 
5 'DI(HYDROXYETHYL)ETHER'                                                       PEG 
6 '2-methyl-N-{5-[(2S)-oxolan-2-yl]-1,3,4-thiadiazol-2(3H)-ylidene}propanamide' LDJ 
7 water                                                                         HOH 
# 
loop_
_entity_poly_seq.entity_id 
_entity_poly_seq.num 
_entity_poly_seq.mon_id 
_entity_poly_seq.hetero 
1 1   SER n 
1 2   MET n 
1 3   GLY n 
1 4   VAL n 
1 5   PRO n 
1 6   THR n 
1 7   TYR n 
1 8   GLY n 
1 9   ALA n 
1 10  ILE n 
1 11  ILE n 
1 12  LEU n 
1 13  ASP n 
1 14  GLU n 
1 15  THR n 
1 16  LEU n 
1 17  GLU n 
1 18  ASN n 
1 19  VAL n 
1 20  LEU n 
1 21  LEU n 
1 22  VAL n 
1 23  GLN n 
1 24  GLY n 
1 25  TYR n 
1 26  LEU n 
1 27  ALA n 
1 28  LYS n 
1 29  SER n 
1 30  GLY n 
1 31  TRP n 
1 32  GLY n 
1 33  PHE n 
1 34  PRO n 
1 35  LYS n 
1 36  GLY n 
1 37  LYS n 
1 38  VAL n 
1 39  ASN n 
1 40  LYS n 
1 41  GLU n 
1 42  GLU n 
1 43  ALA n 
1 44  PRO n 
1 45  HIS n 
1 46  ASP n 
1 47  CYS n 
1 48  ALA n 
1 49  ALA n 
1 50  ARG n 
1 51  GLU n 
1 52  VAL n 
1 53  PHE n 
1 54  GLU n 
1 55  GLU n 
1 56  THR n 
1 57  GLY n 
1 58  PHE n 
1 59  ASP n 
1 60  ILE n 
1 61  LYS n 
1 62  ASP n 
1 63  TYR n 
1 64  ILE n 
1 65  CYS n 
1 66  LYS n 
1 67  ASP n 
1 68  ASP n 
1 69  TYR n 
1 70  ILE n 
1 71  GLU n 
1 72  LEU n 
1 73  ARG n 
1 74  ILE n 
1 75  ASN n 
1 76  ASP n 
1 77  GLN n 
1 78  LEU n 
1 79  ALA n 
1 80  ARG n 
1 81  LEU n 
1 82  TYR n 
1 83  ILE n 
1 84  ILE n 
1 85  PRO n 
1 86  GLY n 
1 87  ILE n 
1 88  PRO n 
1 89  LYS n 
1 90  ASP n 
1 91  THR n 
1 92  LYS n 
1 93  PHE n 
1 94  ASN n 
1 95  PRO n 
1 96  LYS n 
1 97  THR n 
1 98  ARG n 
1 99  ARG n 
1 100 GLU n 
1 101 ILE n 
1 102 ARG n 
1 103 ASN n 
1 104 ILE n 
1 105 GLU n 
1 106 TRP n 
1 107 PHE n 
1 108 SER n 
1 109 ILE n 
1 110 GLU n 
1 111 LYS n 
1 112 LEU n 
1 113 PRO n 
1 114 CYS n 
1 115 HIS n 
1 116 ARG n 
1 117 ASN n 
1 118 ASP n 
1 119 MET n 
1 120 THR n 
1 121 PRO n 
1 122 LYS n 
1 123 SER n 
1 124 LYS n 
1 125 LEU n 
1 126 GLY n 
1 127 LEU n 
1 128 ALA n 
1 129 PRO n 
1 130 ASN n 
1 131 LYS n 
1 132 PHE n 
1 133 PHE n 
1 134 MET n 
1 135 ALA n 
1 136 ILE n 
1 137 PRO n 
1 138 PHE n 
1 139 ILE n 
1 140 ARG n 
1 141 PRO n 
1 142 LEU n 
1 143 ARG n 
1 144 ASP n 
1 145 TRP n 
1 146 LEU n 
1 147 SER n 
1 148 ARG n 
1 149 ARG n 
1 150 PHE n 
1 151 GLY n 
1 152 ASP n 
1 153 SER n 
1 154 SER n 
1 155 ASP n 
1 156 SER n 
1 157 ASP n 
1 158 ASN n 
1 159 GLY n 
1 160 PHE n 
1 161 SER n 
1 162 SER n 
1 163 THR n 
1 164 GLY n 
1 165 SER n 
1 166 THR n 
1 167 PRO n 
# 
_entity_src_gen.entity_id                          1 
_entity_src_gen.pdbx_src_id                        1 
_entity_src_gen.pdbx_alt_source_flag               sample 
_entity_src_gen.pdbx_seq_type                      'Biological sequence' 
_entity_src_gen.pdbx_beg_seq_num                   1 
_entity_src_gen.pdbx_end_seq_num                   167 
_entity_src_gen.gene_src_common_name               Human 
_entity_src_gen.gene_src_genus                     ? 
_entity_src_gen.pdbx_gene_src_gene                 'DCP2, NUDT20' 
_entity_src_gen.gene_src_species                   ? 
_entity_src_gen.gene_src_strain                    ? 
_entity_src_gen.gene_src_tissue                    ? 
_entity_src_gen.gene_src_tissue_fraction           ? 
_entity_src_gen.gene_src_details                   ? 
_entity_src_gen.pdbx_gene_src_fragment             ? 
_entity_src_gen.pdbx_gene_src_scientific_name      'Homo sapiens' 
_entity_src_gen.pdbx_gene_src_ncbi_taxonomy_id     9606 
_entity_src_gen.pdbx_gene_src_variant              ? 
_entity_src_gen.pdbx_gene_src_cell_line            ? 
_entity_src_gen.pdbx_gene_src_atcc                 ? 
_entity_src_gen.pdbx_gene_src_organ                ? 
_entity_src_gen.pdbx_gene_src_organelle            ? 
_entity_src_gen.pdbx_gene_src_cell                 ? 
_entity_src_gen.pdbx_gene_src_cellular_location    ? 
_entity_src_gen.host_org_common_name               ? 
_entity_src_gen.pdbx_host_org_scientific_name      'Escherichia coli' 
_entity_src_gen.pdbx_host_org_ncbi_taxonomy_id     562 
_entity_src_gen.host_org_genus                     ? 
_entity_src_gen.pdbx_host_org_gene                 ? 
_entity_src_gen.pdbx_host_org_organ                ? 
_entity_src_gen.host_org_species                   ? 
_entity_src_gen.pdbx_host_org_tissue               ? 
_entity_src_gen.pdbx_host_org_tissue_fraction      ? 
_entity_src_gen.pdbx_host_org_strain               ? 
_entity_src_gen.pdbx_host_org_variant              ? 
_entity_src_gen.pdbx_host_org_cell_line            ? 
_entity_src_gen.pdbx_host_org_atcc                 ? 
_entity_src_gen.pdbx_host_org_culture_collection   ? 
_entity_src_gen.pdbx_host_org_cell                 ? 
_entity_src_gen.pdbx_host_org_organelle            ? 
_entity_src_gen.pdbx_host_org_cellular_location    ? 
_entity_src_gen.pdbx_host_org_vector_type          ? 
_entity_src_gen.pdbx_host_org_vector               ? 
_entity_src_gen.host_org_details                   ? 
_entity_src_gen.expression_system_id               ? 
_entity_src_gen.plasmid_name                       ? 
_entity_src_gen.plasmid_details                    ? 
_entity_src_gen.pdbx_description                   ? 
# 
loop_
_chem_comp.id 
_chem_comp.type 
_chem_comp.mon_nstd_flag 
_chem_comp.name 
_chem_comp.pdbx_synonyms 
_chem_comp.formula 
_chem_comp.formula_weight 
ACT non-polymer         . 'ACETATE ION'                                                                 ?                 
'C2 H3 O2 -1'     59.044  
ALA 'L-peptide linking' y ALANINE                                                                       ?                 
'C3 H7 N O2'      89.093  
ARG 'L-peptide linking' y ARGININE                                                                      ?                 
'C6 H15 N4 O2 1'  175.209 
ASN 'L-peptide linking' y ASPARAGINE                                                                    ?                 
'C4 H8 N2 O3'     132.118 
ASP 'L-peptide linking' y 'ASPARTIC ACID'                                                               ?                 
'C4 H7 N O4'      133.103 
CYS 'L-peptide linking' y CYSTEINE                                                                      ?                 
'C3 H7 N O2 S'    121.158 
DMS non-polymer         . 'DIMETHYL SULFOXIDE'                                                          ?                 
'C2 H6 O S'       78.133  
EDO non-polymer         . 1,2-ETHANEDIOL                                                                'ETHYLENE GLYCOL' 
'C2 H6 O2'        62.068  
GLN 'L-peptide linking' y GLUTAMINE                                                                     ?                 
'C5 H10 N2 O3'    146.144 
GLU 'L-peptide linking' y 'GLUTAMIC ACID'                                                               ?                 
'C5 H9 N O4'      147.129 
GLY 'peptide linking'   y GLYCINE                                                                       ?                 
'C2 H5 N O2'      75.067  
HIS 'L-peptide linking' y HISTIDINE                                                                     ?                 
'C6 H10 N3 O2 1'  156.162 
HOH non-polymer         . WATER                                                                         ?                 'H2 O' 
18.015  
ILE 'L-peptide linking' y ISOLEUCINE                                                                    ?                 
'C6 H13 N O2'     131.173 
LDJ non-polymer         . '2-methyl-N-{5-[(2S)-oxolan-2-yl]-1,3,4-thiadiazol-2(3H)-ylidene}propanamide' ?                 
'C10 H15 N3 O2 S' 241.310 
LEU 'L-peptide linking' y LEUCINE                                                                       ?                 
'C6 H13 N O2'     131.173 
LYS 'L-peptide linking' y LYSINE                                                                        ?                 
'C6 H15 N2 O2 1'  147.195 
MET 'L-peptide linking' y METHIONINE                                                                    ?                 
'C5 H11 N O2 S'   149.211 
PEG non-polymer         . 'DI(HYDROXYETHYL)ETHER'                                                       ?                 
'C4 H10 O3'       106.120 
PHE 'L-peptide linking' y PHENYLALANINE                                                                 ?                 
'C9 H11 N O2'     165.189 
PRO 'L-peptide linking' y PROLINE                                                                       ?                 
'C5 H9 N O2'      115.130 
SER 'L-peptide linking' y SERINE                                                                        ?                 
'C3 H7 N O3'      105.093 
THR 'L-peptide linking' y THREONINE                                                                     ?                 
'C4 H9 N O3'      119.119 
TRP 'L-peptide linking' y TRYPTOPHAN                                                                    ?                 
'C11 H12 N2 O2'   204.225 
TYR 'L-peptide linking' y TYROSINE                                                                      ?                 
'C9 H11 N O3'     181.189 
VAL 'L-peptide linking' y VALINE                                                                        ?                 
'C5 H11 N O2'     117.146 
# 
loop_
_pdbx_poly_seq_scheme.asym_id 
_pdbx_poly_seq_scheme.entity_id 
_pdbx_poly_seq_scheme.seq_id 
_pdbx_poly_seq_scheme.mon_id 
_pdbx_poly_seq_scheme.ndb_seq_num 
_pdbx_poly_seq_scheme.pdb_seq_num 
_pdbx_poly_seq_scheme.auth_seq_num 
_pdbx_poly_seq_scheme.pdb_mon_id 
_pdbx_poly_seq_scheme.auth_mon_id 
_pdbx_poly_seq_scheme.pdb_strand_id 
_pdbx_poly_seq_scheme.pdb_ins_code 
_pdbx_poly_seq_scheme.hetero 
A 1 1   SER 1   94  ?   ?   ?   A . n 
A 1 2   MET 2   95  ?   ?   ?   A . n 
A 1 3   GLY 3   96  96  GLY GLY A . n 
A 1 4   VAL 4   97  97  VAL VAL A . n 
A 1 5   PRO 5   98  98  PRO PRO A . n 
A 1 6   THR 6   99  99  THR THR A . n 
A 1 7   TYR 7   100 100 TYR TYR A . n 
A 1 8   GLY 8   101 101 GLY GLY A . n 
A 1 9   ALA 9   102 102 ALA ALA A . n 
A 1 10  ILE 10  103 103 ILE ILE A . n 
A 1 11  ILE 11  104 104 ILE ILE A . n 
A 1 12  LEU 12  105 105 LEU LEU A . n 
A 1 13  ASP 13  106 106 ASP ASP A . n 
A 1 14  GLU 14  107 107 GLU GLU A . n 
A 1 15  THR 15  108 108 THR THR A . n 
A 1 16  LEU 16  109 109 LEU LEU A . n 
A 1 17  GLU 17  110 110 GLU GLU A . n 
A 1 18  ASN 18  111 111 ASN ASN A . n 
A 1 19  VAL 19  112 112 VAL VAL A . n 
A 1 20  LEU 20  113 113 LEU LEU A . n 
A 1 21  LEU 21  114 114 LEU LEU A . n 
A 1 22  VAL 22  115 115 VAL VAL A . n 
A 1 23  GLN 23  116 116 GLN GLN A . n 
A 1 24  GLY 24  117 117 GLY GLY A . n 
A 1 25  TYR 25  118 118 TYR TYR A . n 
A 1 26  LEU 26  119 119 LEU LEU A . n 
A 1 27  ALA 27  120 120 ALA ALA A . n 
A 1 28  LYS 28  121 121 LYS LYS A . n 
A 1 29  SER 29  122 122 SER SER A . n 
A 1 30  GLY 30  123 123 GLY GLY A . n 
A 1 31  TRP 31  124 124 TRP TRP A . n 
A 1 32  GLY 32  125 125 GLY GLY A . n 
A 1 33  PHE 33  126 126 PHE PHE A . n 
A 1 34  PRO 34  127 127 PRO PRO A . n 
A 1 35  LYS 35  128 128 LYS LYS A . n 
A 1 36  GLY 36  129 129 GLY GLY A . n 
A 1 37  LYS 37  130 130 LYS LYS A . n 
A 1 38  VAL 38  131 131 VAL VAL A . n 
A 1 39  ASN 39  132 132 ASN ASN A . n 
A 1 40  LYS 40  133 133 LYS LYS A . n 
A 1 41  GLU 41  134 134 GLU GLU A . n 
A 1 42  GLU 42  135 135 GLU GLU A . n 
A 1 43  ALA 43  136 136 ALA ALA A . n 
A 1 44  PRO 44  137 137 PRO PRO A . n 
A 1 45  HIS 45  138 138 HIS HIS A . n 
A 1 46  ASP 46  139 139 ASP ASP A . n 
A 1 47  CYS 47  140 140 CYS CYS A . n 
A 1 48  ALA 48  141 141 ALA ALA A . n 
A 1 49  ALA 49  142 142 ALA ALA A . n 
A 1 50  ARG 50  143 143 ARG ARG A . n 
A 1 51  GLU 51  144 144 GLU GLU A . n 
A 1 52  VAL 52  145 145 VAL VAL A . n 
A 1 53  PHE 53  146 146 PHE PHE A . n 
A 1 54  GLU 54  147 147 GLU GLU A . n 
A 1 55  GLU 55  148 148 GLU GLU A . n 
A 1 56  THR 56  149 149 THR THR A . n 
A 1 57  GLY 57  150 150 GLY GLY A . n 
A 1 58  PHE 58  151 151 PHE PHE A . n 
A 1 59  ASP 59  152 152 ASP ASP A . n 
A 1 60  ILE 60  153 153 ILE ILE A . n 
A 1 61  LYS 61  154 154 LYS LYS A . n 
A 1 62  ASP 62  155 155 ASP ASP A . n 
A 1 63  TYR 63  156 156 TYR TYR A . n 
A 1 64  ILE 64  157 157 ILE ILE A . n 
A 1 65  CYS 65  158 158 CYS CYS A . n 
A 1 66  LYS 66  159 159 LYS LYS A . n 
A 1 67  ASP 67  160 160 ASP ASP A . n 
A 1 68  ASP 68  161 161 ASP ASP A . n 
A 1 69  TYR 69  162 162 TYR TYR A . n 
A 1 70  ILE 70  163 163 ILE ILE A . n 
A 1 71  GLU 71  164 164 GLU GLU A . n 
A 1 72  LEU 72  165 165 LEU LEU A . n 
A 1 73  ARG 73  166 166 ARG ARG A . n 
A 1 74  ILE 74  167 167 ILE ILE A . n 
A 1 75  ASN 75  168 168 ASN ASN A . n 
A 1 76  ASP 76  169 169 ASP ASP A . n 
A 1 77  GLN 77  170 170 GLN GLN A . n 
A 1 78  LEU 78  171 171 LEU LEU A . n 
A 1 79  ALA 79  172 172 ALA ALA A . n 
A 1 80  ARG 80  173 173 ARG ARG A . n 
A 1 81  LEU 81  174 174 LEU LEU A . n 
A 1 82  TYR 82  175 175 TYR TYR A . n 
A 1 83  ILE 83  176 176 ILE ILE A . n 
A 1 84  ILE 84  177 177 ILE ILE A . n 
A 1 85  PRO 85  178 178 PRO PRO A . n 
A 1 86  GLY 86  179 179 GLY GLY A . n 
A 1 87  ILE 87  180 180 ILE ILE A . n 
A 1 88  PRO 88  181 181 PRO PRO A . n 
A 1 89  LYS 89  182 182 LYS LYS A . n 
A 1 90  ASP 90  183 183 ASP ASP A . n 
A 1 91  THR 91  184 184 THR THR A . n 
A 1 92  LYS 92  185 185 LYS LYS A . n 
A 1 93  PHE 93  186 186 PHE PHE A . n 
A 1 94  ASN 94  187 187 ASN ASN A . n 
A 1 95  PRO 95  188 188 PRO PRO A . n 
A 1 96  LYS 96  189 189 LYS LYS A . n 
A 1 97  THR 97  190 190 THR THR A . n 
A 1 98  ARG 98  191 191 ARG ARG A . n 
A 1 99  ARG 99  192 192 ARG ARG A . n 
A 1 100 GLU 100 193 193 GLU GLU A . n 
A 1 101 ILE 101 194 194 ILE ILE A . n 
A 1 102 ARG 102 195 195 ARG ARG A . n 
A 1 103 ASN 103 196 196 ASN ASN A . n 
A 1 104 ILE 104 197 197 ILE ILE A . n 
A 1 105 GLU 105 198 198 GLU GLU A . n 
A 1 106 TRP 106 199 199 TRP TRP A . n 
A 1 107 PHE 107 200 200 PHE PHE A . n 
A 1 108 SER 108 201 201 SER SER A . n 
A 1 109 ILE 109 202 202 ILE ILE A . n 
A 1 110 GLU 110 203 203 GLU GLU A . n 
A 1 111 LYS 111 204 204 LYS LYS A . n 
A 1 112 LEU 112 205 205 LEU LEU A . n 
A 1 113 PRO 113 206 206 PRO PRO A . n 
A 1 114 CYS 114 207 207 CYS CYS A . n 
A 1 115 HIS 115 208 208 HIS HIS A . n 
A 1 116 ARG 116 209 209 ARG ARG A . n 
A 1 117 ASN 117 210 210 ASN ASN A . n 
A 1 118 ASP 118 211 211 ASP ASP A . n 
A 1 119 MET 119 212 212 MET MET A . n 
A 1 120 THR 120 213 213 THR THR A . n 
A 1 121 PRO 121 214 214 PRO PRO A . n 
A 1 122 LYS 122 215 215 LYS LYS A . n 
A 1 123 SER 123 216 216 SER SER A . n 
A 1 124 LYS 124 217 217 LYS LYS A . n 
A 1 125 LEU 125 218 218 LEU LEU A . n 
A 1 126 GLY 126 219 219 GLY GLY A . n 
A 1 127 LEU 127 220 220 LEU LEU A . n 
A 1 128 ALA 128 221 221 ALA ALA A . n 
A 1 129 PRO 129 222 222 PRO PRO A . n 
A 1 130 ASN 130 223 223 ASN ASN A . n 
A 1 131 LYS 131 224 224 LYS LYS A . n 
A 1 132 PHE 132 225 225 PHE PHE A . n 
A 1 133 PHE 133 226 226 PHE PHE A . n 
A 1 134 MET 134 227 227 MET MET A . n 
A 1 135 ALA 135 228 228 ALA ALA A . n 
A 1 136 ILE 136 229 229 ILE ILE A . n 
A 1 137 PRO 137 230 230 PRO PRO A . n 
A 1 138 PHE 138 231 231 PHE PHE A . n 
A 1 139 ILE 139 232 232 ILE ILE A . n 
A 1 140 ARG 140 233 233 ARG ARG A . n 
A 1 141 PRO 141 234 234 PRO PRO A . n 
A 1 142 LEU 142 235 235 LEU LEU A . n 
A 1 143 ARG 143 236 236 ARG ARG A . n 
A 1 144 ASP 144 237 237 ASP ASP A . n 
A 1 145 TRP 145 238 238 TRP TRP A . n 
A 1 146 LEU 146 239 239 LEU LEU A . n 
A 1 147 SER 147 240 240 SER SER A . n 
A 1 148 ARG 148 241 241 ARG ARG A . n 
A 1 149 ARG 149 242 242 ARG ARG A . n 
A 1 150 PHE 150 243 243 PHE PHE A . n 
A 1 151 GLY 151 244 244 GLY GLY A . n 
A 1 152 ASP 152 245 ?   ?   ?   A . n 
A 1 153 SER 153 246 ?   ?   ?   A . n 
A 1 154 SER 154 247 ?   ?   ?   A . n 
A 1 155 ASP 155 248 ?   ?   ?   A . n 
A 1 156 SER 156 249 ?   ?   ?   A . n 
A 1 157 ASP 157 250 ?   ?   ?   A . n 
A 1 158 ASN 158 251 ?   ?   ?   A . n 
A 1 159 GLY 159 252 ?   ?   ?   A . n 
A 1 160 PHE 160 253 ?   ?   ?   A . n 
A 1 161 SER 161 254 ?   ?   ?   A . n 
A 1 162 SER 162 255 ?   ?   ?   A . n 
A 1 163 THR 163 256 ?   ?   ?   A . n 
A 1 164 GLY 164 257 ?   ?   ?   A . n 
A 1 165 SER 165 258 ?   ?   ?   A . n 
A 1 166 THR 166 259 ?   ?   ?   A . n 
A 1 167 PRO 167 260 ?   ?   ?   A . n 
# 
loop_
_pdbx_nonpoly_scheme.asym_id 
_pdbx_nonpoly_scheme.entity_id 
_pdbx_nonpoly_scheme.mon_id 
_pdbx_nonpoly_scheme.ndb_seq_num 
_pdbx_nonpoly_scheme.pdb_seq_num 
_pdbx_nonpoly_scheme.auth_seq_num 
_pdbx_nonpoly_scheme.pdb_mon_id 
_pdbx_nonpoly_scheme.auth_mon_id 
_pdbx_nonpoly_scheme.pdb_strand_id 
_pdbx_nonpoly_scheme.pdb_ins_code 
B 2 EDO 1  301 2   EDO EDO A . 
C 3 DMS 1  302 1   DMS DMS A . 
D 4 ACT 1  303 1   ACT ACT A . 
E 5 PEG 1  304 1   PEG PEG A . 
F 6 LDJ 1  305 1   LDJ LIG A . 
G 7 HOH 1  401 83  HOH HOH A . 
G 7 HOH 2  402 68  HOH HOH A . 
G 7 HOH 3  403 70  HOH HOH A . 
G 7 HOH 4  404 104 HOH HOH A . 
G 7 HOH 5  405 107 HOH HOH A . 
G 7 HOH 6  406 102 HOH HOH A . 
G 7 HOH 7  407 60  HOH HOH A . 
G 7 HOH 8  408 8   HOH HOH A . 
G 7 HOH 9  409 39  HOH HOH A . 
G 7 HOH 10 410 88  HOH HOH A . 
G 7 HOH 11 411 76  HOH HOH A . 
G 7 HOH 12 412 16  HOH HOH A . 
G 7 HOH 13 413 96  HOH HOH A . 
G 7 HOH 14 414 97  HOH HOH A . 
G 7 HOH 15 415 12  HOH HOH A . 
G 7 HOH 16 416 17  HOH HOH A . 
G 7 HOH 17 417 66  HOH HOH A . 
G 7 HOH 18 418 38  HOH HOH A . 
G 7 HOH 19 419 95  HOH HOH A . 
G 7 HOH 20 420 23  HOH HOH A . 
G 7 HOH 21 421 18  HOH HOH A . 
G 7 HOH 22 422 13  HOH HOH A . 
G 7 HOH 23 423 1   HOH HOH A . 
G 7 HOH 24 424 55  HOH HOH A . 
G 7 HOH 25 425 100 HOH HOH A . 
G 7 HOH 26 426 9   HOH HOH A . 
G 7 HOH 27 427 67  HOH HOH A . 
G 7 HOH 28 428 31  HOH HOH A . 
G 7 HOH 29 429 29  HOH HOH A . 
G 7 HOH 30 430 5   HOH HOH A . 
G 7 HOH 31 431 14  HOH HOH A . 
G 7 HOH 32 432 35  HOH HOH A . 
G 7 HOH 33 433 85  HOH HOH A . 
G 7 HOH 34 434 46  HOH HOH A . 
G 7 HOH 35 435 65  HOH HOH A . 
G 7 HOH 36 436 2   HOH HOH A . 
G 7 HOH 37 437 32  HOH HOH A . 
G 7 HOH 38 438 33  HOH HOH A . 
G 7 HOH 39 439 59  HOH HOH A . 
G 7 HOH 40 440 6   HOH HOH A . 
G 7 HOH 41 441 10  HOH HOH A . 
G 7 HOH 42 442 24  HOH HOH A . 
G 7 HOH 43 443 50  HOH HOH A . 
G 7 HOH 44 444 7   HOH HOH A . 
G 7 HOH 45 445 3   HOH HOH A . 
G 7 HOH 46 446 4   HOH HOH A . 
G 7 HOH 47 447 43  HOH HOH A . 
G 7 HOH 48 448 71  HOH HOH A . 
G 7 HOH 49 449 75  HOH HOH A . 
G 7 HOH 50 450 84  HOH HOH A . 
G 7 HOH 51 451 80  HOH HOH A . 
G 7 HOH 52 452 22  HOH HOH A . 
G 7 HOH 53 453 27  HOH HOH A . 
G 7 HOH 54 454 30  HOH HOH A . 
G 7 HOH 55 455 74  HOH HOH A . 
G 7 HOH 56 456 11  HOH HOH A . 
G 7 HOH 57 457 62  HOH HOH A . 
G 7 HOH 58 458 36  HOH HOH A . 
G 7 HOH 59 459 105 HOH HOH A . 
G 7 HOH 60 460 103 HOH HOH A . 
G 7 HOH 61 461 72  HOH HOH A . 
G 7 HOH 62 462 42  HOH HOH A . 
G 7 HOH 63 463 69  HOH HOH A . 
G 7 HOH 64 464 28  HOH HOH A . 
G 7 HOH 65 465 78  HOH HOH A . 
G 7 HOH 66 466 94  HOH HOH A . 
G 7 HOH 67 467 40  HOH HOH A . 
G 7 HOH 68 468 57  HOH HOH A . 
G 7 HOH 69 469 19  HOH HOH A . 
G 7 HOH 70 470 106 HOH HOH A . 
G 7 HOH 71 471 25  HOH HOH A . 
G 7 HOH 72 472 79  HOH HOH A . 
G 7 HOH 73 473 21  HOH HOH A . 
G 7 HOH 74 474 92  HOH HOH A . 
G 7 HOH 75 475 15  HOH HOH A . 
G 7 HOH 76 476 47  HOH HOH A . 
G 7 HOH 77 477 26  HOH HOH A . 
G 7 HOH 78 478 111 HOH HOH A . 
G 7 HOH 79 479 86  HOH HOH A . 
G 7 HOH 80 480 81  HOH HOH A . 
G 7 HOH 81 481 101 HOH HOH A . 
G 7 HOH 82 482 110 HOH HOH A . 
G 7 HOH 83 483 98  HOH HOH A . 
G 7 HOH 84 484 51  HOH HOH A . 
G 7 HOH 85 485 20  HOH HOH A . 
G 7 HOH 86 486 56  HOH HOH A . 
G 7 HOH 87 487 93  HOH HOH A . 
G 7 HOH 88 488 41  HOH HOH A . 
# 
loop_
_pdbx_unobs_or_zero_occ_atoms.id 
_pdbx_unobs_or_zero_occ_atoms.PDB_model_num 
_pdbx_unobs_or_zero_occ_atoms.polymer_flag 
_pdbx_unobs_or_zero_occ_atoms.occupancy_flag 
_pdbx_unobs_or_zero_occ_atoms.auth_asym_id 
_pdbx_unobs_or_zero_occ_atoms.auth_comp_id 
_pdbx_unobs_or_zero_occ_atoms.auth_seq_id 
_pdbx_unobs_or_zero_occ_atoms.PDB_ins_code 
_pdbx_unobs_or_zero_occ_atoms.auth_atom_id 
_pdbx_unobs_or_zero_occ_atoms.label_alt_id 
_pdbx_unobs_or_zero_occ_atoms.label_asym_id 
_pdbx_unobs_or_zero_occ_atoms.label_comp_id 
_pdbx_unobs_or_zero_occ_atoms.label_seq_id 
_pdbx_unobs_or_zero_occ_atoms.label_atom_id 
1  1 Y 1 A LYS 130 ? CE  ? A LYS 37  CE  
2  1 Y 1 A LYS 130 ? NZ  ? A LYS 37  NZ  
3  1 Y 1 A LYS 133 ? CG  ? A LYS 40  CG  
4  1 Y 1 A LYS 133 ? CD  ? A LYS 40  CD  
5  1 Y 1 A LYS 133 ? CE  ? A LYS 40  CE  
6  1 Y 1 A LYS 133 ? NZ  ? A LYS 40  NZ  
7  1 Y 1 A GLU 134 ? CG  ? A GLU 41  CG  
8  1 Y 1 A GLU 134 ? CD  ? A GLU 41  CD  
9  1 Y 1 A GLU 134 ? OE1 ? A GLU 41  OE1 
10 1 Y 1 A GLU 134 ? OE2 ? A GLU 41  OE2 
11 1 Y 1 A LYS 159 ? CD  ? A LYS 66  CD  
12 1 Y 1 A LYS 159 ? CE  ? A LYS 66  CE  
13 1 Y 1 A LYS 159 ? NZ  ? A LYS 66  NZ  
14 1 Y 1 A LYS 185 ? CE  ? A LYS 92  CE  
15 1 Y 1 A LYS 185 ? NZ  ? A LYS 92  NZ  
16 1 Y 1 A LYS 215 ? CD  ? A LYS 122 CD  
17 1 Y 1 A LYS 215 ? CE  ? A LYS 122 CE  
18 1 Y 1 A LYS 215 ? NZ  ? A LYS 122 NZ  
19 1 Y 1 A LYS 217 ? CE  ? A LYS 124 CE  
20 1 Y 1 A LYS 217 ? NZ  ? A LYS 124 NZ  
21 1 Y 1 A ARG 241 ? CD  ? A ARG 148 CD  
22 1 Y 1 A ARG 241 ? NE  ? A ARG 148 NE  
23 1 Y 1 A ARG 241 ? CZ  ? A ARG 148 CZ  
24 1 Y 1 A ARG 241 ? NH1 ? A ARG 148 NH1 
25 1 Y 1 A ARG 241 ? NH2 ? A ARG 148 NH2 
# 
loop_
_software.pdbx_ordinal 
_software.name 
_software.version 
_software.date 
_software.type 
_software.contact_author 
_software.contact_author_email 
_software.classification 
_software.location 
_software.language 
_software.citation_id 
1 REFMAC      5.8.0189 ?               program 'Garib N. Murshudov' garib@ysbl.york.ac.uk    refinement        
http://www.ccp4.ac.uk/dist/html/refmac5.html        Fortran_77 ? 
2 Aimless     0.5.31   12/12/16        program 'Phil Evans'         ?                        'data scaling'    
http://www.mrc-lmb.cam.ac.uk/harry/pre/aimless.html ?          ? 
3 PDB_EXTRACT 3.23     'SEP. 23, 2016' package PDB                  deposit@deposit.rcsb.org 'data extraction' 
http://sw-tools.pdb.org/apps/PDB_EXTRACT/           C++        ? 
4 XDS         .        ?               program ?                    ?                        'data reduction'  ? ?          ? 
5 REFMAC      .        ?               program ?                    ?                        phasing           ? ?          ? 
# 
_cell.entry_id           5QOO 
_cell.length_a           48.730 
_cell.length_b           61.320 
_cell.length_c           65.840 
_cell.angle_alpha        90.000 
_cell.angle_beta         90.000 
_cell.angle_gamma        90.000 
_cell.Z_PDB              4 
_cell.pdbx_unique_axis   ? 
# 
_symmetry.entry_id                         5QOO 
_symmetry.Int_Tables_number                19 
_symmetry.space_group_name_H-M             'P 21 21 21' 
_symmetry.pdbx_full_space_group_name_H-M   ? 
_symmetry.cell_setting                     ? 
# 
_exptl.crystals_number   1 
_exptl.entry_id          5QOO 
_exptl.method            'X-RAY DIFFRACTION' 
# 
_exptl_crystal.id                    1 
_exptl_crystal.pdbx_mosaicity        0.000 
_exptl_crystal.pdbx_mosaicity_esd    ? 
_exptl_crystal.density_Matthews      2.58 
_exptl_crystal.density_diffrn        ? 
_exptl_crystal.density_meas          ? 
_exptl_crystal.density_meas_temp     ? 
_exptl_crystal.density_percent_sol   52.30 
_exptl_crystal.size_max              ? 
_exptl_crystal.size_mid              ? 
_exptl_crystal.size_min              ? 
_exptl_crystal.size_rad              ? 
_exptl_crystal.description           ? 
# 
_exptl_crystal_grow.crystal_id      1 
_exptl_crystal_grow.method          'VAPOR DIFFUSION, SITTING DROP' 
_exptl_crystal_grow.pH              4.5 
_exptl_crystal_grow.temp            277 
_exptl_crystal_grow.pdbx_details    '0.1 M acetate, pH 4.5, 5-25% PEG3350' 
_exptl_crystal_grow.temp_details    ? 
_exptl_crystal_grow.pdbx_pH_range   ? 
# 
_diffrn.id                     1 
_diffrn.ambient_temp           ? 
_diffrn.crystal_id             1 
_diffrn.ambient_temp_details   ? 
# 
_diffrn_detector.detector               PIXEL 
_diffrn_detector.type                   'DECTRIS PILATUS 2M' 
_diffrn_detector.pdbx_collection_date   2017-03-03 
_diffrn_detector.diffrn_id              1 
_diffrn_detector.details                ? 
# 
_diffrn_radiation.diffrn_id                        1 
_diffrn_radiation.wavelength_id                    1 
_diffrn_radiation.pdbx_diffrn_protocol             'SINGLE WAVELENGTH' 
_diffrn_radiation.pdbx_monochromatic_or_laue_m_l   ? 
_diffrn_radiation.monochromator                    ? 
_diffrn_radiation.pdbx_scattering_type             x-ray 
# 
_diffrn_radiation_wavelength.id           1 
_diffrn_radiation_wavelength.wavelength   0.92819 
_diffrn_radiation_wavelength.wt           1.0 
# 
_diffrn_source.diffrn_id                   1 
_diffrn_source.source                      SYNCHROTRON 
_diffrn_source.type                        'DIAMOND BEAMLINE I04-1' 
_diffrn_source.pdbx_wavelength_list        0.92819 
_diffrn_source.pdbx_synchrotron_site       Diamond 
_diffrn_source.pdbx_synchrotron_beamline   I04-1 
_diffrn_source.pdbx_wavelength             ? 
# 
_reflns.entry_id                     5QOO 
_reflns.pdbx_diffrn_id               1 
_reflns.pdbx_ordinal                 1 
_reflns.observed_criterion_sigma_I   ? 
_reflns.observed_criterion_sigma_F   ? 
_reflns.d_resolution_low             48.730 
_reflns.d_resolution_high            1.560 
_reflns.number_obs                   28648 
_reflns.number_all                   ? 
_reflns.percent_possible_obs         99.500 
_reflns.pdbx_Rmerge_I_obs            0.038 
_reflns.pdbx_Rsym_value              ? 
_reflns.pdbx_netI_over_sigmaI        20.200 
_reflns.B_iso_Wilson_estimate        ? 
_reflns.pdbx_redundancy              6.300 
_reflns.pdbx_Rrim_I_all              0.042 
_reflns.pdbx_Rpim_I_all              0.017 
_reflns.pdbx_CC_half                 1.000 
_reflns.pdbx_netI_over_av_sigmaI     ? 
_reflns.pdbx_number_measured_all     181138 
_reflns.pdbx_scaling_rejects         0 
_reflns.pdbx_chi_squared             ? 
_reflns.Rmerge_F_all                 ? 
_reflns.Rmerge_F_obs                 ? 
_reflns.observed_criterion_F_max     ? 
_reflns.observed_criterion_F_min     ? 
_reflns.observed_criterion_I_max     ? 
_reflns.observed_criterion_I_min     ? 
_reflns.pdbx_d_res_high_opt          ? 
_reflns.pdbx_d_res_low_opt           ? 
_reflns.details                      ? 
# 
loop_
_reflns_shell.pdbx_diffrn_id 
_reflns_shell.pdbx_ordinal 
_reflns_shell.d_res_high 
_reflns_shell.d_res_low 
_reflns_shell.number_measured_obs 
_reflns_shell.number_measured_all 
_reflns_shell.number_unique_obs 
_reflns_shell.pdbx_rejects 
_reflns_shell.Rmerge_I_obs 
_reflns_shell.meanI_over_sigI_obs 
_reflns_shell.pdbx_Rsym_value 
_reflns_shell.pdbx_chi_squared 
_reflns_shell.pdbx_redundancy 
_reflns_shell.percent_possible_obs 
_reflns_shell.pdbx_netI_over_sigmaI_obs 
_reflns_shell.number_possible 
_reflns_shell.number_unique_all 
_reflns_shell.Rmerge_F_all 
_reflns_shell.Rmerge_F_obs 
_reflns_shell.Rmerge_I_all 
_reflns_shell.meanI_over_sigI_all 
_reflns_shell.percent_possible_all 
_reflns_shell.pdbx_Rrim_I_all 
_reflns_shell.pdbx_Rpim_I_all 
_reflns_shell.pdbx_CC_half 
1 1 1.560 1.600  ? 13927 ? ? 1.546 ? ? ? 6.700 ? 1.300  ? 2086 ? ? ? ? 99.400 1.677 0.644 0.667 
1 2 6.980 48.730 ? 2171  ? ? 0.018 ? ? ? 5.700 ? 69.300 ? 382  ? ? ? ? 99.300 0.021 0.009 1.000 
# 
_refine.entry_id                                 5QOO 
_refine.pdbx_refine_id                           'X-RAY DIFFRACTION' 
_refine.ls_d_res_high                            1.5600 
_refine.ls_d_res_low                             44.8700 
_refine.pdbx_ls_sigma_F                          0.000 
_refine.pdbx_data_cutoff_high_absF               ? 
_refine.pdbx_data_cutoff_low_absF                ? 
_refine.ls_percent_reflns_obs                    99.4000 
_refine.ls_number_reflns_obs                     27169 
_refine.ls_number_reflns_all                     ? 
_refine.pdbx_ls_cross_valid_method               THROUGHOUT 
_refine.ls_matrix_type                           ? 
_refine.pdbx_R_Free_selection_details            RANDOM 
_refine.details                                  
'HYDROGENS HAVE BEEN ADDED IN THE RIDING POSITIONS U VALUES : REFINED INDIVIDUALLY' 
_refine.ls_R_factor_all                          ? 
_refine.ls_R_factor_obs                          0.2046 
_refine.ls_R_factor_R_work                       0.2023 
_refine.ls_wR_factor_R_work                      ? 
_refine.ls_R_factor_R_free                       0.2521 
_refine.ls_wR_factor_R_free                      ? 
_refine.ls_percent_reflns_R_free                 5.0000 
_refine.ls_number_reflns_R_free                  1421 
_refine.ls_number_reflns_R_work                  ? 
_refine.ls_R_factor_R_free_error                 ? 
_refine.B_iso_mean                               35.5280 
_refine.solvent_model_param_bsol                 ? 
_refine.solvent_model_param_ksol                 ? 
_refine.pdbx_isotropic_thermal_model             ? 
_refine.aniso_B[1][1]                            -0.0100 
_refine.aniso_B[2][2]                            -0.0100 
_refine.aniso_B[3][3]                            0.0200 
_refine.aniso_B[1][2]                            -0.0000 
_refine.aniso_B[1][3]                            -0.0000 
_refine.aniso_B[2][3]                            0.0000 
_refine.correlation_coeff_Fo_to_Fc               0.9650 
_refine.correlation_coeff_Fo_to_Fc_free          0.9390 
_refine.overall_SU_R_Cruickshank_DPI             ? 
_refine.pdbx_overall_SU_R_free_Cruickshank_DPI   ? 
_refine.pdbx_overall_SU_R_Blow_DPI               ? 
_refine.pdbx_overall_SU_R_free_Blow_DPI          ? 
_refine.overall_SU_R_free                        ? 
_refine.pdbx_overall_ESU_R                       0.0880 
_refine.pdbx_overall_ESU_R_Free                  0.0960 
_refine.overall_SU_ML                            0.0810 
_refine.overall_SU_B                             2.4120 
_refine.solvent_model_details                    MASK 
_refine.pdbx_solvent_vdw_probe_radii             1.2000 
_refine.pdbx_solvent_ion_probe_radii             0.8000 
_refine.pdbx_solvent_shrinkage_radii             0.8000 
_refine.ls_number_parameters                     ? 
_refine.ls_number_restraints                     ? 
_refine.pdbx_starting_model                      'PDB entry 5MP0' 
_refine.pdbx_method_to_determine_struct          'FOURIER SYNTHESIS' 
_refine.pdbx_stereochemistry_target_values       'MAXIMUM LIKELIHOOD' 
_refine.pdbx_stereochem_target_val_spec_case     ? 
_refine.overall_FOM_work_R_set                   ? 
_refine.B_iso_max                                92.940 
_refine.B_iso_min                                19.040 
_refine.pdbx_overall_phase_error                 ? 
_refine.occupancy_max                            ? 
_refine.occupancy_min                            ? 
_refine.pdbx_diffrn_id                           1 
_refine.pdbx_TLS_residual_ADP_flag               ? 
_refine.pdbx_ls_sigma_I                          ? 
_refine.pdbx_data_cutoff_high_rms_absF           ? 
_refine.ls_R_factor_R_free_error_details         ? 
# 
_refine_hist.cycle_id                         final 
_refine_hist.pdbx_refine_id                   'X-RAY DIFFRACTION' 
_refine_hist.d_res_high                       1.5600 
_refine_hist.d_res_low                        44.8700 
_refine_hist.pdbx_number_atoms_ligand         35 
_refine_hist.number_atoms_solvent             88 
_refine_hist.number_atoms_total               1318 
_refine_hist.pdbx_number_residues_total       149 
_refine_hist.pdbx_B_iso_mean_ligand           54.07 
_refine_hist.pdbx_B_iso_mean_solvent          43.53 
_refine_hist.pdbx_number_atoms_protein        1195 
_refine_hist.pdbx_number_atoms_nucleic_acid   0 
# 
loop_
_refine_ls_restr.pdbx_refine_id 
_refine_ls_restr.type 
_refine_ls_restr.number 
_refine_ls_restr.dev_ideal 
_refine_ls_restr.dev_ideal_target 
_refine_ls_restr.weight 
_refine_ls_restr.pdbx_restraint_function 
'X-RAY DIFFRACTION' r_bond_refined_d       1709 0.022  0.019  ? ? 
'X-RAY DIFFRACTION' r_bond_other_d         1400 0.002  0.020  ? ? 
'X-RAY DIFFRACTION' r_angle_refined_deg    2051 2.180  1.962  ? ? 
'X-RAY DIFFRACTION' r_angle_other_deg      3236 1.209  2.969  ? ? 
'X-RAY DIFFRACTION' r_dihedral_angle_1_deg 187  6.344  5.000  ? ? 
'X-RAY DIFFRACTION' r_dihedral_angle_2_deg 75   30.447 21.467 ? ? 
'X-RAY DIFFRACTION' r_dihedral_angle_3_deg 247  15.857 15.000 ? ? 
'X-RAY DIFFRACTION' r_dihedral_angle_4_deg 19   21.926 15.000 ? ? 
'X-RAY DIFFRACTION' r_chiral_restr         204  0.154  0.200  ? ? 
'X-RAY DIFFRACTION' r_gen_planes_refined   1751 0.012  0.021  ? ? 
'X-RAY DIFFRACTION' r_gen_planes_other     356  0.003  0.020  ? ? 
'X-RAY DIFFRACTION' r_mcbond_it            782  3.475  3.386  ? ? 
'X-RAY DIFFRACTION' r_mcbond_other         768  3.364  3.352  ? ? 
'X-RAY DIFFRACTION' r_mcangle_it           901  4.821  4.932  ? ? 
# 
_refine_ls_shell.d_res_high                       1.5600 
_refine_ls_shell.d_res_low                        1.6000 
_refine_ls_shell.pdbx_total_number_of_bins_used   20 
_refine_ls_shell.percent_reflns_obs               99.3300 
_refine_ls_shell.number_reflns_R_work             1969 
_refine_ls_shell.R_factor_all                     ? 
_refine_ls_shell.R_factor_R_work                  0.3530 
_refine_ls_shell.R_factor_R_free                  0.3300 
_refine_ls_shell.percent_reflns_R_free            ? 
_refine_ls_shell.number_reflns_R_free             109 
_refine_ls_shell.R_factor_R_free_error            ? 
_refine_ls_shell.number_reflns_all                2078 
_refine_ls_shell.number_reflns_obs                ? 
_refine_ls_shell.pdbx_refine_id                   'X-RAY DIFFRACTION' 
# 
_struct.entry_id                  5QOO 
_struct.title                     
'PanDDA analysis group deposition -- Crystal Structure of DCP2 (NUDT20) in complex with FMOPL000144a' 
_struct.pdbx_model_details        ? 
_struct.pdbx_CASP_flag            ? 
_struct.pdbx_model_type_details   ? 
# 
_struct_keywords.entry_id        5QOO 
_struct_keywords.text            'SGC - Diamond I04-1 fragment screening, PanDDA, XChemExplorer, HYDROLASE' 
_struct_keywords.pdbx_keywords   HYDROLASE 
# 
loop_
_struct_asym.id 
_struct_asym.pdbx_blank_PDB_chainid_flag 
_struct_asym.pdbx_modified 
_struct_asym.entity_id 
_struct_asym.details 
A N N 1 ? 
B N N 2 ? 
C N N 3 ? 
D N N 4 ? 
E N N 5 ? 
F N N 6 ? 
G N N 7 ? 
# 
_struct_ref.id                         1 
_struct_ref.db_name                    UNP 
_struct_ref.db_code                    DCP2_HUMAN 
_struct_ref.pdbx_db_accession          Q8IU60 
_struct_ref.pdbx_db_isoform            ? 
_struct_ref.entity_id                  1 
_struct_ref.pdbx_seq_one_letter_code   
;MGVPTYGAIILDETLENVLLVQGYLAKSGWGFPKGKVNKEEAPHDCAAREVFEETGFDIKDYICKDDYIELRINDQLARL
YIIPGIPKDTKFNPKTRREIRNIEWFSIEKLPCHRNDMTPKSKLGLAPNKFFMAIPFIRPLRDWLSRRFGDSSDSDNGFS
STGSTP
;
_struct_ref.pdbx_align_begin           95 
# 
_struct_ref_seq.align_id                      1 
_struct_ref_seq.ref_id                        1 
_struct_ref_seq.pdbx_PDB_id_code              5QOO 
_struct_ref_seq.pdbx_strand_id                A 
_struct_ref_seq.seq_align_beg                 2 
_struct_ref_seq.pdbx_seq_align_beg_ins_code   ? 
_struct_ref_seq.seq_align_end                 167 
_struct_ref_seq.pdbx_seq_align_end_ins_code   ? 
_struct_ref_seq.pdbx_db_accession             Q8IU60 
_struct_ref_seq.db_align_beg                  95 
_struct_ref_seq.pdbx_db_align_beg_ins_code    ? 
_struct_ref_seq.db_align_end                  260 
_struct_ref_seq.pdbx_db_align_end_ins_code    ? 
_struct_ref_seq.pdbx_auth_seq_align_beg       95 
_struct_ref_seq.pdbx_auth_seq_align_end       260 
# 
_struct_ref_seq_dif.align_id                     1 
_struct_ref_seq_dif.pdbx_pdb_id_code             5QOO 
_struct_ref_seq_dif.mon_id                       SER 
_struct_ref_seq_dif.pdbx_pdb_strand_id           A 
_struct_ref_seq_dif.seq_num                      1 
_struct_ref_seq_dif.pdbx_pdb_ins_code            ? 
_struct_ref_seq_dif.pdbx_seq_db_name             UNP 
_struct_ref_seq_dif.pdbx_seq_db_accession_code   Q8IU60 
_struct_ref_seq_dif.db_mon_id                    ? 
_struct_ref_seq_dif.pdbx_seq_db_seq_num          ? 
_struct_ref_seq_dif.details                      'expression tag' 
_struct_ref_seq_dif.pdbx_auth_seq_num            94 
_struct_ref_seq_dif.pdbx_ordinal                 1 
# 
_pdbx_struct_assembly.id                   1 
_pdbx_struct_assembly.details              author_and_software_defined_assembly 
_pdbx_struct_assembly.method_details       PISA 
_pdbx_struct_assembly.oligomeric_details   monomeric 
_pdbx_struct_assembly.oligomeric_count     1 
# 
loop_
_pdbx_struct_assembly_prop.biol_id 
_pdbx_struct_assembly_prop.type 
_pdbx_struct_assembly_prop.value 
_pdbx_struct_assembly_prop.details 
1 'ABSA (A^2)' 850  ? 
1 MORE         8    ? 
1 'SSA (A^2)'  8810 ? 
# 
_pdbx_struct_assembly_gen.assembly_id       1 
_pdbx_struct_assembly_gen.oper_expression   1 
_pdbx_struct_assembly_gen.asym_id_list      A,B,C,D,E,F,G 
# 
_pdbx_struct_oper_list.id                   1 
_pdbx_struct_oper_list.type                 'identity operation' 
_pdbx_struct_oper_list.name                 1_555 
_pdbx_struct_oper_list.symmetry_operation   x,y,z 
_pdbx_struct_oper_list.matrix[1][1]         1.0000000000 
_pdbx_struct_oper_list.matrix[1][2]         0.0000000000 
_pdbx_struct_oper_list.matrix[1][3]         0.0000000000 
_pdbx_struct_oper_list.vector[1]            0.0000000000 
_pdbx_struct_oper_list.matrix[2][1]         0.0000000000 
_pdbx_struct_oper_list.matrix[2][2]         1.0000000000 
_pdbx_struct_oper_list.matrix[2][3]         0.0000000000 
_pdbx_struct_oper_list.vector[2]            0.0000000000 
_pdbx_struct_oper_list.matrix[3][1]         0.0000000000 
_pdbx_struct_oper_list.matrix[3][2]         0.0000000000 
_pdbx_struct_oper_list.matrix[3][3]         1.0000000000 
_pdbx_struct_oper_list.vector[3]            0.0000000000 
# 
loop_
_struct_conf.conf_type_id 
_struct_conf.id 
_struct_conf.pdbx_PDB_helix_id 
_struct_conf.beg_label_comp_id 
_struct_conf.beg_label_asym_id 
_struct_conf.beg_label_seq_id 
_struct_conf.pdbx_beg_PDB_ins_code 
_struct_conf.end_label_comp_id 
_struct_conf.end_label_asym_id 
_struct_conf.end_label_seq_id 
_struct_conf.pdbx_end_PDB_ins_code 
_struct_conf.beg_auth_comp_id 
_struct_conf.beg_auth_asym_id 
_struct_conf.beg_auth_seq_id 
_struct_conf.end_auth_comp_id 
_struct_conf.end_auth_asym_id 
_struct_conf.end_auth_seq_id 
_struct_conf.pdbx_PDB_helix_class 
_struct_conf.details 
_struct_conf.pdbx_PDB_helix_length 
HELX_P HELX_P1 AA1 TYR A 25  ? SER A 29  ? TYR A 118 SER A 122 5 ? 5  
HELX_P HELX_P2 AA2 ALA A 43  ? GLY A 57  ? ALA A 136 GLY A 150 1 ? 15 
HELX_P HELX_P3 AA3 GLU A 110 ? LEU A 112 ? GLU A 203 LEU A 205 5 ? 3  
HELX_P HELX_P4 AA4 MET A 119 ? SER A 123 ? MET A 212 SER A 216 5 ? 5  
HELX_P HELX_P5 AA5 ALA A 135 ? PRO A 137 ? ALA A 228 PRO A 230 5 ? 3  
HELX_P HELX_P6 AA6 PHE A 138 ? PHE A 150 ? PHE A 231 PHE A 243 1 ? 13 
# 
_struct_conf_type.id          HELX_P 
_struct_conf_type.criteria    ? 
_struct_conf_type.reference   ? 
# 
loop_
_struct_sheet.id 
_struct_sheet.type 
_struct_sheet.number_strands 
_struct_sheet.details 
AA1 ? 4 ? 
AA2 ? 3 ? 
# 
loop_
_struct_sheet_order.sheet_id 
_struct_sheet_order.range_id_1 
_struct_sheet_order.range_id_2 
_struct_sheet_order.offset 
_struct_sheet_order.sense 
AA1 1 2 ? anti-parallel 
AA1 2 3 ? parallel      
AA1 3 4 ? anti-parallel 
AA2 1 2 ? anti-parallel 
AA2 2 3 ? anti-parallel 
# 
loop_
_struct_sheet_range.sheet_id 
_struct_sheet_range.id 
_struct_sheet_range.beg_label_comp_id 
_struct_sheet_range.beg_label_asym_id 
_struct_sheet_range.beg_label_seq_id 
_struct_sheet_range.pdbx_beg_PDB_ins_code 
_struct_sheet_range.end_label_comp_id 
_struct_sheet_range.end_label_asym_id 
_struct_sheet_range.end_label_seq_id 
_struct_sheet_range.pdbx_end_PDB_ins_code 
_struct_sheet_range.beg_auth_comp_id 
_struct_sheet_range.beg_auth_asym_id 
_struct_sheet_range.beg_auth_seq_id 
_struct_sheet_range.end_auth_comp_id 
_struct_sheet_range.end_auth_asym_id 
_struct_sheet_range.end_auth_seq_id 
AA1 1 LYS A 35  ? LYS A 37  ? LYS A 128 LYS A 130 
AA1 2 THR A 6   ? ILE A 11  ? THR A 99  ILE A 104 
AA1 3 GLN A 77  ? ILE A 84  ? GLN A 170 ILE A 177 
AA1 4 TYR A 69  ? ILE A 74  ? TYR A 162 ILE A 167 
AA2 1 TRP A 31  ? GLY A 32  ? TRP A 124 GLY A 125 
AA2 2 ASN A 18  ? GLN A 23  ? ASN A 111 GLN A 116 
AA2 3 ASN A 103 ? SER A 108 ? ASN A 196 SER A 201 
# 
loop_
_pdbx_struct_sheet_hbond.sheet_id 
_pdbx_struct_sheet_hbond.range_id_1 
_pdbx_struct_sheet_hbond.range_id_2 
_pdbx_struct_sheet_hbond.range_1_label_atom_id 
_pdbx_struct_sheet_hbond.range_1_label_comp_id 
_pdbx_struct_sheet_hbond.range_1_label_asym_id 
_pdbx_struct_sheet_hbond.range_1_label_seq_id 
_pdbx_struct_sheet_hbond.range_1_PDB_ins_code 
_pdbx_struct_sheet_hbond.range_1_auth_atom_id 
_pdbx_struct_sheet_hbond.range_1_auth_comp_id 
_pdbx_struct_sheet_hbond.range_1_auth_asym_id 
_pdbx_struct_sheet_hbond.range_1_auth_seq_id 
_pdbx_struct_sheet_hbond.range_2_label_atom_id 
_pdbx_struct_sheet_hbond.range_2_label_comp_id 
_pdbx_struct_sheet_hbond.range_2_label_asym_id 
_pdbx_struct_sheet_hbond.range_2_label_seq_id 
_pdbx_struct_sheet_hbond.range_2_PDB_ins_code 
_pdbx_struct_sheet_hbond.range_2_auth_atom_id 
_pdbx_struct_sheet_hbond.range_2_auth_comp_id 
_pdbx_struct_sheet_hbond.range_2_auth_asym_id 
_pdbx_struct_sheet_hbond.range_2_auth_seq_id 
AA1 1 2 O GLY A 36 ? O GLY A 129 N TYR A 7   ? N TYR A 100 
AA1 2 3 N ILE A 10 ? N ILE A 103 O ILE A 84  ? O ILE A 177 
AA1 3 4 O LEU A 81 ? O LEU A 174 N ILE A 70  ? N ILE A 163 
AA2 1 2 O GLY A 32 ? O GLY A 125 N VAL A 22  ? N VAL A 115 
AA2 2 3 N GLN A 23 ? N GLN A 116 O ASN A 103 ? O ASN A 196 
# 
loop_
_struct_site.id 
_struct_site.pdbx_evidence_code 
_struct_site.pdbx_auth_asym_id 
_struct_site.pdbx_auth_comp_id 
_struct_site.pdbx_auth_seq_id 
_struct_site.pdbx_auth_ins_code 
_struct_site.pdbx_num_residues 
_struct_site.details 
AC1 Software A EDO 301 ? 5 'binding site for residue EDO A 301' 
AC2 Software A DMS 302 ? 2 'binding site for residue DMS A 302' 
AC3 Software A ACT 303 ? 5 'binding site for residue ACT A 303' 
AC4 Software A PEG 304 ? 7 'binding site for residue PEG A 304' 
AC5 Software A LDJ 305 ? 9 'binding site for residue LDJ A 305' 
# 
loop_
_struct_site_gen.id 
_struct_site_gen.site_id 
_struct_site_gen.pdbx_num_res 
_struct_site_gen.label_comp_id 
_struct_site_gen.label_asym_id 
_struct_site_gen.label_seq_id 
_struct_site_gen.pdbx_auth_ins_code 
_struct_site_gen.auth_comp_id 
_struct_site_gen.auth_asym_id 
_struct_site_gen.auth_seq_id 
_struct_site_gen.label_atom_id 
_struct_site_gen.label_alt_id 
_struct_site_gen.symmetry 
_struct_site_gen.details 
1  AC1 5 ALA A 49  ? ALA A 142 . ? 1_555 ? 
2  AC1 5 ASP A 59  ? ASP A 152 . ? 1_555 ? 
3  AC1 5 LYS A 61  ? LYS A 154 . ? 1_555 ? 
4  AC1 5 HOH G .   ? HOH A 414 . ? 1_555 ? 
5  AC1 5 HOH G .   ? HOH A 434 . ? 1_555 ? 
6  AC2 2 ASN A 18  ? ASN A 111 . ? 1_555 ? 
7  AC2 2 TRP A 106 ? TRP A 199 . ? 1_555 ? 
8  AC3 5 SER A 29  ? SER A 122 . ? 1_555 ? 
9  AC3 5 TYR A 63  ? TYR A 156 . ? 3_357 ? 
10 AC3 5 GLY A 86  ? GLY A 179 . ? 3_357 ? 
11 AC3 5 ILE A 87  ? ILE A 180 . ? 3_357 ? 
12 AC3 5 HOH G .   ? HOH A 402 . ? 1_555 ? 
13 AC4 7 VAL A 22  ? VAL A 115 . ? 1_555 ? 
14 AC4 7 GLY A 24  ? GLY A 117 . ? 1_555 ? 
15 AC4 7 LYS A 28  ? LYS A 121 . ? 1_555 ? 
16 AC4 7 GLY A 30  ? GLY A 123 . ? 1_555 ? 
17 AC4 7 LYS A 35  ? LYS A 128 . ? 1_555 ? 
18 AC4 7 GLU A 55  ? GLU A 148 . ? 1_555 ? 
19 AC4 7 MET A 134 ? MET A 227 . ? 1_555 ? 
20 AC5 9 SER A 29  ? SER A 122 . ? 1_555 ? 
21 AC5 9 ASP A 62  ? ASP A 155 . ? 3_357 ? 
22 AC5 9 TYR A 63  ? TYR A 156 . ? 3_357 ? 
23 AC5 9 ARG A 116 ? ARG A 209 . ? 1_555 ? 
24 AC5 9 PRO A 129 ? PRO A 222 . ? 1_555 ? 
25 AC5 9 ASN A 130 ? ASN A 223 . ? 1_555 ? 
26 AC5 9 LYS A 131 ? LYS A 224 . ? 1_555 ? 
27 AC5 9 PHE A 133 ? PHE A 226 . ? 1_555 ? 
28 AC5 9 HOH G .   ? HOH A 478 . ? 1_555 ? 
# 
_pdbx_validate_close_contact.id               1 
_pdbx_validate_close_contact.PDB_model_num    1 
_pdbx_validate_close_contact.auth_atom_id_1   OH 
_pdbx_validate_close_contact.auth_asym_id_1   A 
_pdbx_validate_close_contact.auth_comp_id_1   TYR 
_pdbx_validate_close_contact.auth_seq_id_1    118 
_pdbx_validate_close_contact.PDB_ins_code_1   ? 
_pdbx_validate_close_contact.label_alt_id_1   ? 
_pdbx_validate_close_contact.auth_atom_id_2   O 
_pdbx_validate_close_contact.auth_asym_id_2   A 
_pdbx_validate_close_contact.auth_comp_id_2   HOH 
_pdbx_validate_close_contact.auth_seq_id_2    401 
_pdbx_validate_close_contact.PDB_ins_code_2   ? 
_pdbx_validate_close_contact.label_alt_id_2   ? 
_pdbx_validate_close_contact.dist             2.16 
# 
loop_
_pdbx_validate_rmsd_angle.id 
_pdbx_validate_rmsd_angle.PDB_model_num 
_pdbx_validate_rmsd_angle.auth_atom_id_1 
_pdbx_validate_rmsd_angle.auth_asym_id_1 
_pdbx_validate_rmsd_angle.auth_comp_id_1 
_pdbx_validate_rmsd_angle.auth_seq_id_1 
_pdbx_validate_rmsd_angle.PDB_ins_code_1 
_pdbx_validate_rmsd_angle.label_alt_id_1 
_pdbx_validate_rmsd_angle.auth_atom_id_2 
_pdbx_validate_rmsd_angle.auth_asym_id_2 
_pdbx_validate_rmsd_angle.auth_comp_id_2 
_pdbx_validate_rmsd_angle.auth_seq_id_2 
_pdbx_validate_rmsd_angle.PDB_ins_code_2 
_pdbx_validate_rmsd_angle.label_alt_id_2 
_pdbx_validate_rmsd_angle.auth_atom_id_3 
_pdbx_validate_rmsd_angle.auth_asym_id_3 
_pdbx_validate_rmsd_angle.auth_comp_id_3 
_pdbx_validate_rmsd_angle.auth_seq_id_3 
_pdbx_validate_rmsd_angle.PDB_ins_code_3 
_pdbx_validate_rmsd_angle.label_alt_id_3 
_pdbx_validate_rmsd_angle.angle_value 
_pdbx_validate_rmsd_angle.angle_target_value 
_pdbx_validate_rmsd_angle.angle_deviation 
_pdbx_validate_rmsd_angle.angle_standard_deviation 
_pdbx_validate_rmsd_angle.linker_flag 
1 1 CB A ASP 106 ? ? CG A ASP 106 ? ? OD1 A ASP 106 ? ? 124.30 118.30 6.00   0.90 N 
2 1 CB A ASP 152 ? ? CG A ASP 152 ? ? OD1 A ASP 152 ? ? 124.82 118.30 6.52   0.90 N 
3 1 CB A ASP 169 ? ? CG A ASP 169 ? ? OD1 A ASP 169 ? ? 126.50 118.30 8.20   0.90 N 
4 1 CB A ASP 169 ? ? CG A ASP 169 ? ? OD2 A ASP 169 ? ? 107.46 118.30 -10.84 0.90 N 
5 1 CB A ASP 211 ? ? CG A ASP 211 ? ? OD2 A ASP 211 ? ? 112.86 118.30 -5.44  0.90 N 
# 
_pdbx_validate_torsion.id              1 
_pdbx_validate_torsion.PDB_model_num   1 
_pdbx_validate_torsion.auth_comp_id    LEU 
_pdbx_validate_torsion.auth_asym_id    A 
_pdbx_validate_torsion.auth_seq_id     119 
_pdbx_validate_torsion.PDB_ins_code    ? 
_pdbx_validate_torsion.label_alt_id    ? 
_pdbx_validate_torsion.phi             58.19 
_pdbx_validate_torsion.psi             -116.29 
# 
_phasing.method   MR 
# 
loop_
_pdbx_unobs_or_zero_occ_residues.id 
_pdbx_unobs_or_zero_occ_residues.PDB_model_num 
_pdbx_unobs_or_zero_occ_residues.polymer_flag 
_pdbx_unobs_or_zero_occ_residues.occupancy_flag 
_pdbx_unobs_or_zero_occ_residues.auth_asym_id 
_pdbx_unobs_or_zero_occ_residues.auth_comp_id 
_pdbx_unobs_or_zero_occ_residues.auth_seq_id 
_pdbx_unobs_or_zero_occ_residues.PDB_ins_code 
_pdbx_unobs_or_zero_occ_residues.label_asym_id 
_pdbx_unobs_or_zero_occ_residues.label_comp_id 
_pdbx_unobs_or_zero_occ_residues.label_seq_id 
1  1 Y 1 A SER 94  ? A SER 1   
2  1 Y 1 A MET 95  ? A MET 2   
3  1 Y 1 A ASP 245 ? A ASP 152 
4  1 Y 1 A SER 246 ? A SER 153 
5  1 Y 1 A SER 247 ? A SER 154 
6  1 Y 1 A ASP 248 ? A ASP 155 
7  1 Y 1 A SER 249 ? A SER 156 
8  1 Y 1 A ASP 250 ? A ASP 157 
9  1 Y 1 A ASN 251 ? A ASN 158 
10 1 Y 1 A GLY 252 ? A GLY 159 
11 1 Y 1 A PHE 253 ? A PHE 160 
12 1 Y 1 A SER 254 ? A SER 161 
13 1 Y 1 A SER 255 ? A SER 162 
14 1 Y 1 A THR 256 ? A THR 163 
15 1 Y 1 A GLY 257 ? A GLY 164 
16 1 Y 1 A SER 258 ? A SER 165 
17 1 Y 1 A THR 259 ? A THR 166 
18 1 Y 1 A PRO 260 ? A PRO 167 
# 
loop_
_chem_comp_atom.comp_id 
_chem_comp_atom.atom_id 
_chem_comp_atom.type_symbol 
_chem_comp_atom.pdbx_aromatic_flag 
_chem_comp_atom.pdbx_stereo_config 
_chem_comp_atom.pdbx_ordinal 
ACT C    C N N 1   
ACT O    O N N 2   
ACT OXT  O N N 3   
ACT CH3  C N N 4   
ACT H1   H N N 5   
ACT H2   H N N 6   
ACT H3   H N N 7   
ALA N    N N N 8   
ALA CA   C N S 9   
ALA C    C N N 10  
ALA O    O N N 11  
ALA CB   C N N 12  
ALA OXT  O N N 13  
ALA H    H N N 14  
ALA H2   H N N 15  
ALA HA   H N N 16  
ALA HB1  H N N 17  
ALA HB2  H N N 18  
ALA HB3  H N N 19  
ALA HXT  H N N 20  
ARG N    N N N 21  
ARG CA   C N S 22  
ARG C    C N N 23  
ARG O    O N N 24  
ARG CB   C N N 25  
ARG CG   C N N 26  
ARG CD   C N N 27  
ARG NE   N N N 28  
ARG CZ   C N N 29  
ARG NH1  N N N 30  
ARG NH2  N N N 31  
ARG OXT  O N N 32  
ARG H    H N N 33  
ARG H2   H N N 34  
ARG HA   H N N 35  
ARG HB2  H N N 36  
ARG HB3  H N N 37  
ARG HG2  H N N 38  
ARG HG3  H N N 39  
ARG HD2  H N N 40  
ARG HD3  H N N 41  
ARG HE   H N N 42  
ARG HH11 H N N 43  
ARG HH12 H N N 44  
ARG HH21 H N N 45  
ARG HH22 H N N 46  
ARG HXT  H N N 47  
ASN N    N N N 48  
ASN CA   C N S 49  
ASN C    C N N 50  
ASN O    O N N 51  
ASN CB   C N N 52  
ASN CG   C N N 53  
ASN OD1  O N N 54  
ASN ND2  N N N 55  
ASN OXT  O N N 56  
ASN H    H N N 57  
ASN H2   H N N 58  
ASN HA   H N N 59  
ASN HB2  H N N 60  
ASN HB3  H N N 61  
ASN HD21 H N N 62  
ASN HD22 H N N 63  
ASN HXT  H N N 64  
ASP N    N N N 65  
ASP CA   C N S 66  
ASP C    C N N 67  
ASP O    O N N 68  
ASP CB   C N N 69  
ASP CG   C N N 70  
ASP OD1  O N N 71  
ASP OD2  O N N 72  
ASP OXT  O N N 73  
ASP H    H N N 74  
ASP H2   H N N 75  
ASP HA   H N N 76  
ASP HB2  H N N 77  
ASP HB3  H N N 78  
ASP HD2  H N N 79  
ASP HXT  H N N 80  
CYS N    N N N 81  
CYS CA   C N R 82  
CYS C    C N N 83  
CYS O    O N N 84  
CYS CB   C N N 85  
CYS SG   S N N 86  
CYS OXT  O N N 87  
CYS H    H N N 88  
CYS H2   H N N 89  
CYS HA   H N N 90  
CYS HB2  H N N 91  
CYS HB3  H N N 92  
CYS HG   H N N 93  
CYS HXT  H N N 94  
DMS S    S N N 95  
DMS O    O N N 96  
DMS C1   C N N 97  
DMS C2   C N N 98  
DMS H11  H N N 99  
DMS H12  H N N 100 
DMS H13  H N N 101 
DMS H21  H N N 102 
DMS H22  H N N 103 
DMS H23  H N N 104 
EDO C1   C N N 105 
EDO O1   O N N 106 
EDO C2   C N N 107 
EDO O2   O N N 108 
EDO H11  H N N 109 
EDO H12  H N N 110 
EDO HO1  H N N 111 
EDO H21  H N N 112 
EDO H22  H N N 113 
EDO HO2  H N N 114 
GLN N    N N N 115 
GLN CA   C N S 116 
GLN C    C N N 117 
GLN O    O N N 118 
GLN CB   C N N 119 
GLN CG   C N N 120 
GLN CD   C N N 121 
GLN OE1  O N N 122 
GLN NE2  N N N 123 
GLN OXT  O N N 124 
GLN H    H N N 125 
GLN H2   H N N 126 
GLN HA   H N N 127 
GLN HB2  H N N 128 
GLN HB3  H N N 129 
GLN HG2  H N N 130 
GLN HG3  H N N 131 
GLN HE21 H N N 132 
GLN HE22 H N N 133 
GLN HXT  H N N 134 
GLU N    N N N 135 
GLU CA   C N S 136 
GLU C    C N N 137 
GLU O    O N N 138 
GLU CB   C N N 139 
GLU CG   C N N 140 
GLU CD   C N N 141 
GLU OE1  O N N 142 
GLU OE2  O N N 143 
GLU OXT  O N N 144 
GLU H    H N N 145 
GLU H2   H N N 146 
GLU HA   H N N 147 
GLU HB2  H N N 148 
GLU HB3  H N N 149 
GLU HG2  H N N 150 
GLU HG3  H N N 151 
GLU HE2  H N N 152 
GLU HXT  H N N 153 
GLY N    N N N 154 
GLY CA   C N N 155 
GLY C    C N N 156 
GLY O    O N N 157 
GLY OXT  O N N 158 
GLY H    H N N 159 
GLY H2   H N N 160 
GLY HA2  H N N 161 
GLY HA3  H N N 162 
GLY HXT  H N N 163 
HIS N    N N N 164 
HIS CA   C N S 165 
HIS C    C N N 166 
HIS O    O N N 167 
HIS CB   C N N 168 
HIS CG   C Y N 169 
HIS ND1  N Y N 170 
HIS CD2  C Y N 171 
HIS CE1  C Y N 172 
HIS NE2  N Y N 173 
HIS OXT  O N N 174 
HIS H    H N N 175 
HIS H2   H N N 176 
HIS HA   H N N 177 
HIS HB2  H N N 178 
HIS HB3  H N N 179 
HIS HD1  H N N 180 
HIS HD2  H N N 181 
HIS HE1  H N N 182 
HIS HE2  H N N 183 
HIS HXT  H N N 184 
HOH O    O N N 185 
HOH H1   H N N 186 
HOH H2   H N N 187 
ILE N    N N N 188 
ILE CA   C N S 189 
ILE C    C N N 190 
ILE O    O N N 191 
ILE CB   C N S 192 
ILE CG1  C N N 193 
ILE CG2  C N N 194 
ILE CD1  C N N 195 
ILE OXT  O N N 196 
ILE H    H N N 197 
ILE H2   H N N 198 
ILE HA   H N N 199 
ILE HB   H N N 200 
ILE HG12 H N N 201 
ILE HG13 H N N 202 
ILE HG21 H N N 203 
ILE HG22 H N N 204 
ILE HG23 H N N 205 
ILE HD11 H N N 206 
ILE HD12 H N N 207 
ILE HD13 H N N 208 
ILE HXT  H N N 209 
LDJ N1   N N N 210 
LDJ N3   N N N 211 
LDJ C4   C N N 212 
LDJ C5   C N N 213 
LDJ C6   C N N 214 
LDJ C7   C N S 215 
LDJ C8   C N N 216 
LDJ C10  C N N 217 
LDJ C1   C N N 218 
LDJ C2   C N N 219 
LDJ C3   C N N 220 
LDJ C9   C N N 221 
LDJ N2   N N N 222 
LDJ O1   O N N 223 
LDJ O2   O N N 224 
LDJ S1   S N N 225 
LDJ H3   H N N 226 
LDJ H4   H N N 227 
LDJ H5   H N N 228 
LDJ H6   H N N 229 
LDJ H7   H N N 230 
LDJ H8   H N N 231 
LDJ H9   H N N 232 
LDJ H10  H N N 233 
LDJ H11  H N N 234 
LDJ H12  H N N 235 
LDJ H13  H N N 236 
LDJ H14  H N N 237 
LDJ H15  H N N 238 
LDJ H16  H N N 239 
LDJ H17  H N N 240 
LEU N    N N N 241 
LEU CA   C N S 242 
LEU C    C N N 243 
LEU O    O N N 244 
LEU CB   C N N 245 
LEU CG   C N N 246 
LEU CD1  C N N 247 
LEU CD2  C N N 248 
LEU OXT  O N N 249 
LEU H    H N N 250 
LEU H2   H N N 251 
LEU HA   H N N 252 
LEU HB2  H N N 253 
LEU HB3  H N N 254 
LEU HG   H N N 255 
LEU HD11 H N N 256 
LEU HD12 H N N 257 
LEU HD13 H N N 258 
LEU HD21 H N N 259 
LEU HD22 H N N 260 
LEU HD23 H N N 261 
LEU HXT  H N N 262 
LYS N    N N N 263 
LYS CA   C N S 264 
LYS C    C N N 265 
LYS O    O N N 266 
LYS CB   C N N 267 
LYS CG   C N N 268 
LYS CD   C N N 269 
LYS CE   C N N 270 
LYS NZ   N N N 271 
LYS OXT  O N N 272 
LYS H    H N N 273 
LYS H2   H N N 274 
LYS HA   H N N 275 
LYS HB2  H N N 276 
LYS HB3  H N N 277 
LYS HG2  H N N 278 
LYS HG3  H N N 279 
LYS HD2  H N N 280 
LYS HD3  H N N 281 
LYS HE2  H N N 282 
LYS HE3  H N N 283 
LYS HZ1  H N N 284 
LYS HZ2  H N N 285 
LYS HZ3  H N N 286 
LYS HXT  H N N 287 
MET N    N N N 288 
MET CA   C N S 289 
MET C    C N N 290 
MET O    O N N 291 
MET CB   C N N 292 
MET CG   C N N 293 
MET SD   S N N 294 
MET CE   C N N 295 
MET OXT  O N N 296 
MET H    H N N 297 
MET H2   H N N 298 
MET HA   H N N 299 
MET HB2  H N N 300 
MET HB3  H N N 301 
MET HG2  H N N 302 
MET HG3  H N N 303 
MET HE1  H N N 304 
MET HE2  H N N 305 
MET HE3  H N N 306 
MET HXT  H N N 307 
PEG C1   C N N 308 
PEG O1   O N N 309 
PEG C2   C N N 310 
PEG O2   O N N 311 
PEG C3   C N N 312 
PEG C4   C N N 313 
PEG O4   O N N 314 
PEG H11  H N N 315 
PEG H12  H N N 316 
PEG HO1  H N N 317 
PEG H21  H N N 318 
PEG H22  H N N 319 
PEG H31  H N N 320 
PEG H32  H N N 321 
PEG H41  H N N 322 
PEG H42  H N N 323 
PEG HO4  H N N 324 
PHE N    N N N 325 
PHE CA   C N S 326 
PHE C    C N N 327 
PHE O    O N N 328 
PHE CB   C N N 329 
PHE CG   C Y N 330 
PHE CD1  C Y N 331 
PHE CD2  C Y N 332 
PHE CE1  C Y N 333 
PHE CE2  C Y N 334 
PHE CZ   C Y N 335 
PHE OXT  O N N 336 
PHE H    H N N 337 
PHE H2   H N N 338 
PHE HA   H N N 339 
PHE HB2  H N N 340 
PHE HB3  H N N 341 
PHE HD1  H N N 342 
PHE HD2  H N N 343 
PHE HE1  H N N 344 
PHE HE2  H N N 345 
PHE HZ   H N N 346 
PHE HXT  H N N 347 
PRO N    N N N 348 
PRO CA   C N S 349 
PRO C    C N N 350 
PRO O    O N N 351 
PRO CB   C N N 352 
PRO CG   C N N 353 
PRO CD   C N N 354 
PRO OXT  O N N 355 
PRO H    H N N 356 
PRO HA   H N N 357 
PRO HB2  H N N 358 
PRO HB3  H N N 359 
PRO HG2  H N N 360 
PRO HG3  H N N 361 
PRO HD2  H N N 362 
PRO HD3  H N N 363 
PRO HXT  H N N 364 
SER N    N N N 365 
SER CA   C N S 366 
SER C    C N N 367 
SER O    O N N 368 
SER CB   C N N 369 
SER OG   O N N 370 
SER OXT  O N N 371 
SER H    H N N 372 
SER H2   H N N 373 
SER HA   H N N 374 
SER HB2  H N N 375 
SER HB3  H N N 376 
SER HG   H N N 377 
SER HXT  H N N 378 
THR N    N N N 379 
THR CA   C N S 380 
THR C    C N N 381 
THR O    O N N 382 
THR CB   C N R 383 
THR OG1  O N N 384 
THR CG2  C N N 385 
THR OXT  O N N 386 
THR H    H N N 387 
THR H2   H N N 388 
THR HA   H N N 389 
THR HB   H N N 390 
THR HG1  H N N 391 
THR HG21 H N N 392 
THR HG22 H N N 393 
THR HG23 H N N 394 
THR HXT  H N N 395 
TRP N    N N N 396 
TRP CA   C N S 397 
TRP C    C N N 398 
TRP O    O N N 399 
TRP CB   C N N 400 
TRP CG   C Y N 401 
TRP CD1  C Y N 402 
TRP CD2  C Y N 403 
TRP NE1  N Y N 404 
TRP CE2  C Y N 405 
TRP CE3  C Y N 406 
TRP CZ2  C Y N 407 
TRP CZ3  C Y N 408 
TRP CH2  C Y N 409 
TRP OXT  O N N 410 
TRP H    H N N 411 
TRP H2   H N N 412 
TRP HA   H N N 413 
TRP HB2  H N N 414 
TRP HB3  H N N 415 
TRP HD1  H N N 416 
TRP HE1  H N N 417 
TRP HE3  H N N 418 
TRP HZ2  H N N 419 
TRP HZ3  H N N 420 
TRP HH2  H N N 421 
TRP HXT  H N N 422 
TYR N    N N N 423 
TYR CA   C N S 424 
TYR C    C N N 425 
TYR O    O N N 426 
TYR CB   C N N 427 
TYR CG   C Y N 428 
TYR CD1  C Y N 429 
TYR CD2  C Y N 430 
TYR CE1  C Y N 431 
TYR CE2  C Y N 432 
TYR CZ   C Y N 433 
TYR OH   O N N 434 
TYR OXT  O N N 435 
TYR H    H N N 436 
TYR H2   H N N 437 
TYR HA   H N N 438 
TYR HB2  H N N 439 
TYR HB3  H N N 440 
TYR HD1  H N N 441 
TYR HD2  H N N 442 
TYR HE1  H N N 443 
TYR HE2  H N N 444 
TYR HH   H N N 445 
TYR HXT  H N N 446 
VAL N    N N N 447 
VAL CA   C N S 448 
VAL C    C N N 449 
VAL O    O N N 450 
VAL CB   C N N 451 
VAL CG1  C N N 452 
VAL CG2  C N N 453 
VAL OXT  O N N 454 
VAL H    H N N 455 
VAL H2   H N N 456 
VAL HA   H N N 457 
VAL HB   H N N 458 
VAL HG11 H N N 459 
VAL HG12 H N N 460 
VAL HG13 H N N 461 
VAL HG21 H N N 462 
VAL HG22 H N N 463 
VAL HG23 H N N 464 
VAL HXT  H N N 465 
# 
loop_
_chem_comp_bond.comp_id 
_chem_comp_bond.atom_id_1 
_chem_comp_bond.atom_id_2 
_chem_comp_bond.value_order 
_chem_comp_bond.pdbx_aromatic_flag 
_chem_comp_bond.pdbx_stereo_config 
_chem_comp_bond.pdbx_ordinal 
ACT C   O    doub N N 1   
ACT C   OXT  sing N N 2   
ACT C   CH3  sing N N 3   
ACT CH3 H1   sing N N 4   
ACT CH3 H2   sing N N 5   
ACT CH3 H3   sing N N 6   
ALA N   CA   sing N N 7   
ALA N   H    sing N N 8   
ALA N   H2   sing N N 9   
ALA CA  C    sing N N 10  
ALA CA  CB   sing N N 11  
ALA CA  HA   sing N N 12  
ALA C   O    doub N N 13  
ALA C   OXT  sing N N 14  
ALA CB  HB1  sing N N 15  
ALA CB  HB2  sing N N 16  
ALA CB  HB3  sing N N 17  
ALA OXT HXT  sing N N 18  
ARG N   CA   sing N N 19  
ARG N   H    sing N N 20  
ARG N   H2   sing N N 21  
ARG CA  C    sing N N 22  
ARG CA  CB   sing N N 23  
ARG CA  HA   sing N N 24  
ARG C   O    doub N N 25  
ARG C   OXT  sing N N 26  
ARG CB  CG   sing N N 27  
ARG CB  HB2  sing N N 28  
ARG CB  HB3  sing N N 29  
ARG CG  CD   sing N N 30  
ARG CG  HG2  sing N N 31  
ARG CG  HG3  sing N N 32  
ARG CD  NE   sing N N 33  
ARG CD  HD2  sing N N 34  
ARG CD  HD3  sing N N 35  
ARG NE  CZ   sing N N 36  
ARG NE  HE   sing N N 37  
ARG CZ  NH1  sing N N 38  
ARG CZ  NH2  doub N N 39  
ARG NH1 HH11 sing N N 40  
ARG NH1 HH12 sing N N 41  
ARG NH2 HH21 sing N N 42  
ARG NH2 HH22 sing N N 43  
ARG OXT HXT  sing N N 44  
ASN N   CA   sing N N 45  
ASN N   H    sing N N 46  
ASN N   H2   sing N N 47  
ASN CA  C    sing N N 48  
ASN CA  CB   sing N N 49  
ASN CA  HA   sing N N 50  
ASN C   O    doub N N 51  
ASN C   OXT  sing N N 52  
ASN CB  CG   sing N N 53  
ASN CB  HB2  sing N N 54  
ASN CB  HB3  sing N N 55  
ASN CG  OD1  doub N N 56  
ASN CG  ND2  sing N N 57  
ASN ND2 HD21 sing N N 58  
ASN ND2 HD22 sing N N 59  
ASN OXT HXT  sing N N 60  
ASP N   CA   sing N N 61  
ASP N   H    sing N N 62  
ASP N   H2   sing N N 63  
ASP CA  C    sing N N 64  
ASP CA  CB   sing N N 65  
ASP CA  HA   sing N N 66  
ASP C   O    doub N N 67  
ASP C   OXT  sing N N 68  
ASP CB  CG   sing N N 69  
ASP CB  HB2  sing N N 70  
ASP CB  HB3  sing N N 71  
ASP CG  OD1  doub N N 72  
ASP CG  OD2  sing N N 73  
ASP OD2 HD2  sing N N 74  
ASP OXT HXT  sing N N 75  
CYS N   CA   sing N N 76  
CYS N   H    sing N N 77  
CYS N   H2   sing N N 78  
CYS CA  C    sing N N 79  
CYS CA  CB   sing N N 80  
CYS CA  HA   sing N N 81  
CYS C   O    doub N N 82  
CYS C   OXT  sing N N 83  
CYS CB  SG   sing N N 84  
CYS CB  HB2  sing N N 85  
CYS CB  HB3  sing N N 86  
CYS SG  HG   sing N N 87  
CYS OXT HXT  sing N N 88  
DMS S   O    doub N N 89  
DMS S   C1   sing N N 90  
DMS S   C2   sing N N 91  
DMS C1  H11  sing N N 92  
DMS C1  H12  sing N N 93  
DMS C1  H13  sing N N 94  
DMS C2  H21  sing N N 95  
DMS C2  H22  sing N N 96  
DMS C2  H23  sing N N 97  
EDO C1  O1   sing N N 98  
EDO C1  C2   sing N N 99  
EDO C1  H11  sing N N 100 
EDO C1  H12  sing N N 101 
EDO O1  HO1  sing N N 102 
EDO C2  O2   sing N N 103 
EDO C2  H21  sing N N 104 
EDO C2  H22  sing N N 105 
EDO O2  HO2  sing N N 106 
GLN N   CA   sing N N 107 
GLN N   H    sing N N 108 
GLN N   H2   sing N N 109 
GLN CA  C    sing N N 110 
GLN CA  CB   sing N N 111 
GLN CA  HA   sing N N 112 
GLN C   O    doub N N 113 
GLN C   OXT  sing N N 114 
GLN CB  CG   sing N N 115 
GLN CB  HB2  sing N N 116 
GLN CB  HB3  sing N N 117 
GLN CG  CD   sing N N 118 
GLN CG  HG2  sing N N 119 
GLN CG  HG3  sing N N 120 
GLN CD  OE1  doub N N 121 
GLN CD  NE2  sing N N 122 
GLN NE2 HE21 sing N N 123 
GLN NE2 HE22 sing N N 124 
GLN OXT HXT  sing N N 125 
GLU N   CA   sing N N 126 
GLU N   H    sing N N 127 
GLU N   H2   sing N N 128 
GLU CA  C    sing N N 129 
GLU CA  CB   sing N N 130 
GLU CA  HA   sing N N 131 
GLU C   O    doub N N 132 
GLU C   OXT  sing N N 133 
GLU CB  CG   sing N N 134 
GLU CB  HB2  sing N N 135 
GLU CB  HB3  sing N N 136 
GLU CG  CD   sing N N 137 
GLU CG  HG2  sing N N 138 
GLU CG  HG3  sing N N 139 
GLU CD  OE1  doub N N 140 
GLU CD  OE2  sing N N 141 
GLU OE2 HE2  sing N N 142 
GLU OXT HXT  sing N N 143 
GLY N   CA   sing N N 144 
GLY N   H    sing N N 145 
GLY N   H2   sing N N 146 
GLY CA  C    sing N N 147 
GLY CA  HA2  sing N N 148 
GLY CA  HA3  sing N N 149 
GLY C   O    doub N N 150 
GLY C   OXT  sing N N 151 
GLY OXT HXT  sing N N 152 
HIS N   CA   sing N N 153 
HIS N   H    sing N N 154 
HIS N   H2   sing N N 155 
HIS CA  C    sing N N 156 
HIS CA  CB   sing N N 157 
HIS CA  HA   sing N N 158 
HIS C   O    doub N N 159 
HIS C   OXT  sing N N 160 
HIS CB  CG   sing N N 161 
HIS CB  HB2  sing N N 162 
HIS CB  HB3  sing N N 163 
HIS CG  ND1  sing Y N 164 
HIS CG  CD2  doub Y N 165 
HIS ND1 CE1  doub Y N 166 
HIS ND1 HD1  sing N N 167 
HIS CD2 NE2  sing Y N 168 
HIS CD2 HD2  sing N N 169 
HIS CE1 NE2  sing Y N 170 
HIS CE1 HE1  sing N N 171 
HIS NE2 HE2  sing N N 172 
HIS OXT HXT  sing N N 173 
HOH O   H1   sing N N 174 
HOH O   H2   sing N N 175 
ILE N   CA   sing N N 176 
ILE N   H    sing N N 177 
ILE N   H2   sing N N 178 
ILE CA  C    sing N N 179 
ILE CA  CB   sing N N 180 
ILE CA  HA   sing N N 181 
ILE C   O    doub N N 182 
ILE C   OXT  sing N N 183 
ILE CB  CG1  sing N N 184 
ILE CB  CG2  sing N N 185 
ILE CB  HB   sing N N 186 
ILE CG1 CD1  sing N N 187 
ILE CG1 HG12 sing N N 188 
ILE CG1 HG13 sing N N 189 
ILE CG2 HG21 sing N N 190 
ILE CG2 HG22 sing N N 191 
ILE CG2 HG23 sing N N 192 
ILE CD1 HD11 sing N N 193 
ILE CD1 HD12 sing N N 194 
ILE CD1 HD13 sing N N 195 
ILE OXT HXT  sing N N 196 
LDJ C9  C8   sing N N 197 
LDJ C9  C10  sing N N 198 
LDJ C8  C7   sing N N 199 
LDJ C10 O2   sing N N 200 
LDJ C7  O2   sing N N 201 
LDJ C7  C6   sing N N 202 
LDJ S1  C6   sing N N 203 
LDJ S1  C5   sing N N 204 
LDJ C6  N3   doub N N 205 
LDJ O1  C4   doub N N 206 
LDJ N3  N2   sing N N 207 
LDJ C5  N2   sing N N 208 
LDJ C5  N1   doub N N 209 
LDJ C4  N1   sing N N 210 
LDJ C4  C2   sing N N 211 
LDJ C3  C2   sing N N 212 
LDJ C2  C1   sing N N 213 
LDJ C7  H3   sing N N 214 
LDJ C8  H4   sing N N 215 
LDJ C8  H5   sing N N 216 
LDJ C10 H6   sing N N 217 
LDJ C10 H7   sing N N 218 
LDJ C1  H8   sing N N 219 
LDJ C1  H9   sing N N 220 
LDJ C1  H10  sing N N 221 
LDJ C2  H11  sing N N 222 
LDJ C3  H12  sing N N 223 
LDJ C3  H13  sing N N 224 
LDJ C3  H14  sing N N 225 
LDJ C9  H15  sing N N 226 
LDJ C9  H16  sing N N 227 
LDJ N2  H17  sing N N 228 
LEU N   CA   sing N N 229 
LEU N   H    sing N N 230 
LEU N   H2   sing N N 231 
LEU CA  C    sing N N 232 
LEU CA  CB   sing N N 233 
LEU CA  HA   sing N N 234 
LEU C   O    doub N N 235 
LEU C   OXT  sing N N 236 
LEU CB  CG   sing N N 237 
LEU CB  HB2  sing N N 238 
LEU CB  HB3  sing N N 239 
LEU CG  CD1  sing N N 240 
LEU CG  CD2  sing N N 241 
LEU CG  HG   sing N N 242 
LEU CD1 HD11 sing N N 243 
LEU CD1 HD12 sing N N 244 
LEU CD1 HD13 sing N N 245 
LEU CD2 HD21 sing N N 246 
LEU CD2 HD22 sing N N 247 
LEU CD2 HD23 sing N N 248 
LEU OXT HXT  sing N N 249 
LYS N   CA   sing N N 250 
LYS N   H    sing N N 251 
LYS N   H2   sing N N 252 
LYS CA  C    sing N N 253 
LYS CA  CB   sing N N 254 
LYS CA  HA   sing N N 255 
LYS C   O    doub N N 256 
LYS C   OXT  sing N N 257 
LYS CB  CG   sing N N 258 
LYS CB  HB2  sing N N 259 
LYS CB  HB3  sing N N 260 
LYS CG  CD   sing N N 261 
LYS CG  HG2  sing N N 262 
LYS CG  HG3  sing N N 263 
LYS CD  CE   sing N N 264 
LYS CD  HD2  sing N N 265 
LYS CD  HD3  sing N N 266 
LYS CE  NZ   sing N N 267 
LYS CE  HE2  sing N N 268 
LYS CE  HE3  sing N N 269 
LYS NZ  HZ1  sing N N 270 
LYS NZ  HZ2  sing N N 271 
LYS NZ  HZ3  sing N N 272 
LYS OXT HXT  sing N N 273 
MET N   CA   sing N N 274 
MET N   H    sing N N 275 
MET N   H2   sing N N 276 
MET CA  C    sing N N 277 
MET CA  CB   sing N N 278 
MET CA  HA   sing N N 279 
MET C   O    doub N N 280 
MET C   OXT  sing N N 281 
MET CB  CG   sing N N 282 
MET CB  HB2  sing N N 283 
MET CB  HB3  sing N N 284 
MET CG  SD   sing N N 285 
MET CG  HG2  sing N N 286 
MET CG  HG3  sing N N 287 
MET SD  CE   sing N N 288 
MET CE  HE1  sing N N 289 
MET CE  HE2  sing N N 290 
MET CE  HE3  sing N N 291 
MET OXT HXT  sing N N 292 
PEG C1  O1   sing N N 293 
PEG C1  C2   sing N N 294 
PEG C1  H11  sing N N 295 
PEG C1  H12  sing N N 296 
PEG O1  HO1  sing N N 297 
PEG C2  O2   sing N N 298 
PEG C2  H21  sing N N 299 
PEG C2  H22  sing N N 300 
PEG O2  C3   sing N N 301 
PEG C3  C4   sing N N 302 
PEG C3  H31  sing N N 303 
PEG C3  H32  sing N N 304 
PEG C4  O4   sing N N 305 
PEG C4  H41  sing N N 306 
PEG C4  H42  sing N N 307 
PEG O4  HO4  sing N N 308 
PHE N   CA   sing N N 309 
PHE N   H    sing N N 310 
PHE N   H2   sing N N 311 
PHE CA  C    sing N N 312 
PHE CA  CB   sing N N 313 
PHE CA  HA   sing N N 314 
PHE C   O    doub N N 315 
PHE C   OXT  sing N N 316 
PHE CB  CG   sing N N 317 
PHE CB  HB2  sing N N 318 
PHE CB  HB3  sing N N 319 
PHE CG  CD1  doub Y N 320 
PHE CG  CD2  sing Y N 321 
PHE CD1 CE1  sing Y N 322 
PHE CD1 HD1  sing N N 323 
PHE CD2 CE2  doub Y N 324 
PHE CD2 HD2  sing N N 325 
PHE CE1 CZ   doub Y N 326 
PHE CE1 HE1  sing N N 327 
PHE CE2 CZ   sing Y N 328 
PHE CE2 HE2  sing N N 329 
PHE CZ  HZ   sing N N 330 
PHE OXT HXT  sing N N 331 
PRO N   CA   sing N N 332 
PRO N   CD   sing N N 333 
PRO N   H    sing N N 334 
PRO CA  C    sing N N 335 
PRO CA  CB   sing N N 336 
PRO CA  HA   sing N N 337 
PRO C   O    doub N N 338 
PRO C   OXT  sing N N 339 
PRO CB  CG   sing N N 340 
PRO CB  HB2  sing N N 341 
PRO CB  HB3  sing N N 342 
PRO CG  CD   sing N N 343 
PRO CG  HG2  sing N N 344 
PRO CG  HG3  sing N N 345 
PRO CD  HD2  sing N N 346 
PRO CD  HD3  sing N N 347 
PRO OXT HXT  sing N N 348 
SER N   CA   sing N N 349 
SER N   H    sing N N 350 
SER N   H2   sing N N 351 
SER CA  C    sing N N 352 
SER CA  CB   sing N N 353 
SER CA  HA   sing N N 354 
SER C   O    doub N N 355 
SER C   OXT  sing N N 356 
SER CB  OG   sing N N 357 
SER CB  HB2  sing N N 358 
SER CB  HB3  sing N N 359 
SER OG  HG   sing N N 360 
SER OXT HXT  sing N N 361 
THR N   CA   sing N N 362 
THR N   H    sing N N 363 
THR N   H2   sing N N 364 
THR CA  C    sing N N 365 
THR CA  CB   sing N N 366 
THR CA  HA   sing N N 367 
THR C   O    doub N N 368 
THR C   OXT  sing N N 369 
THR CB  OG1  sing N N 370 
THR CB  CG2  sing N N 371 
THR CB  HB   sing N N 372 
THR OG1 HG1  sing N N 373 
THR CG2 HG21 sing N N 374 
THR CG2 HG22 sing N N 375 
THR CG2 HG23 sing N N 376 
THR OXT HXT  sing N N 377 
TRP N   CA   sing N N 378 
TRP N   H    sing N N 379 
TRP N   H2   sing N N 380 
TRP CA  C    sing N N 381 
TRP CA  CB   sing N N 382 
TRP CA  HA   sing N N 383 
TRP C   O    doub N N 384 
TRP C   OXT  sing N N 385 
TRP CB  CG   sing N N 386 
TRP CB  HB2  sing N N 387 
TRP CB  HB3  sing N N 388 
TRP CG  CD1  doub Y N 389 
TRP CG  CD2  sing Y N 390 
TRP CD1 NE1  sing Y N 391 
TRP CD1 HD1  sing N N 392 
TRP CD2 CE2  doub Y N 393 
TRP CD2 CE3  sing Y N 394 
TRP NE1 CE2  sing Y N 395 
TRP NE1 HE1  sing N N 396 
TRP CE2 CZ2  sing Y N 397 
TRP CE3 CZ3  doub Y N 398 
TRP CE3 HE3  sing N N 399 
TRP CZ2 CH2  doub Y N 400 
TRP CZ2 HZ2  sing N N 401 
TRP CZ3 CH2  sing Y N 402 
TRP CZ3 HZ3  sing N N 403 
TRP CH2 HH2  sing N N 404 
TRP OXT HXT  sing N N 405 
TYR N   CA   sing N N 406 
TYR N   H    sing N N 407 
TYR N   H2   sing N N 408 
TYR CA  C    sing N N 409 
TYR CA  CB   sing N N 410 
TYR CA  HA   sing N N 411 
TYR C   O    doub N N 412 
TYR C   OXT  sing N N 413 
TYR CB  CG   sing N N 414 
TYR CB  HB2  sing N N 415 
TYR CB  HB3  sing N N 416 
TYR CG  CD1  doub Y N 417 
TYR CG  CD2  sing Y N 418 
TYR CD1 CE1  sing Y N 419 
TYR CD1 HD1  sing N N 420 
TYR CD2 CE2  doub Y N 421 
TYR CD2 HD2  sing N N 422 
TYR CE1 CZ   doub Y N 423 
TYR CE1 HE1  sing N N 424 
TYR CE2 CZ   sing Y N 425 
TYR CE2 HE2  sing N N 426 
TYR CZ  OH   sing N N 427 
TYR OH  HH   sing N N 428 
TYR OXT HXT  sing N N 429 
VAL N   CA   sing N N 430 
VAL N   H    sing N N 431 
VAL N   H2   sing N N 432 
VAL CA  C    sing N N 433 
VAL CA  CB   sing N N 434 
VAL CA  HA   sing N N 435 
VAL C   O    doub N N 436 
VAL C   OXT  sing N N 437 
VAL CB  CG1  sing N N 438 
VAL CB  CG2  sing N N 439 
VAL CB  HB   sing N N 440 
VAL CG1 HG11 sing N N 441 
VAL CG1 HG12 sing N N 442 
VAL CG1 HG13 sing N N 443 
VAL CG2 HG21 sing N N 444 
VAL CG2 HG22 sing N N 445 
VAL CG2 HG23 sing N N 446 
VAL OXT HXT  sing N N 447 
# 
_pdbx_deposit_group.group_id            G_1002061 
_pdbx_deposit_group.group_description   
;XDomainX of XOrganismX DCP2 (NUDT20) screened against the XXX Fragment Library by X-ray Crystallography at the XChem facility of Diamond Light Source beamline I04-1
;
_pdbx_deposit_group.group_title         'PanDDA analysis group deposition' 
_pdbx_deposit_group.group_type          'changed state' 
# 
_pdbx_related_exp_data_set.ordinal              1 
_pdbx_related_exp_data_set.data_reference       10.5281/zenodo.1437589 
_pdbx_related_exp_data_set.metadata_reference   10.5281/zenodo.1437589 
_pdbx_related_exp_data_set.data_set_type        'other data' 
_pdbx_related_exp_data_set.details              'Complete PanDDA analysis' 
# 
_atom_sites.entry_id                    5QOO 
_atom_sites.fract_transf_matrix[1][1]   -0.00621659 
_atom_sites.fract_transf_matrix[1][2]   0.01931078 
_atom_sites.fract_transf_matrix[1][3]   0.00309183 
_atom_sites.fract_transf_matrix[2][1]   -0.01310187 
_atom_sites.fract_transf_matrix[2][2]   -0.00549918 
_atom_sites.fract_transf_matrix[2][3]   0.00800318 
_atom_sites.fract_transf_matrix[3][1]   0.00778560 
_atom_sites.fract_transf_matrix[3][2]   0.00041952 
_atom_sites.fract_transf_matrix[3][3]   0.01303394 
_atom_sites.fract_transf_vector[1]      -0.882773 
_atom_sites.fract_transf_vector[2]      0.224961 
_atom_sites.fract_transf_vector[3]      1.166351 
# 
loop_
_atom_type.symbol 
C 
N 
O 
S 
# 
loop_
_atom_site.group_PDB 
_atom_site.id 
_atom_site.type_symbol 
_atom_site.label_atom_id 
_atom_site.label_alt_id 
_atom_site.label_comp_id 
_atom_site.label_asym_id 
_atom_site.label_entity_id 
_atom_site.label_seq_id 
_atom_site.pdbx_PDB_ins_code 
_atom_site.Cartn_x 
_atom_site.Cartn_y 
_atom_site.Cartn_z 
_atom_site.occupancy 
_atom_site.B_iso_or_equiv 
_atom_site.pdbx_formal_charge 
_atom_site.auth_seq_id 
_atom_site.auth_comp_id 
_atom_site.auth_asym_id 
_atom_site.auth_atom_id 
_atom_site.pdbx_PDB_model_num 
ATOM   1    N N   . GLY A 1 3   ? -6.116  18.039  4.559   1.00 60.11 ? 96  GLY A N   1 
ATOM   2    C CA  . GLY A 1 3   ? -5.834  16.712  5.249   1.00 56.41 ? 96  GLY A CA  1 
ATOM   3    C C   . GLY A 1 3   ? -4.330  16.500  5.439   1.00 44.67 ? 96  GLY A C   1 
ATOM   4    O O   . GLY A 1 3   ? -3.512  17.003  4.638   1.00 50.13 ? 96  GLY A O   1 
ATOM   5    N N   . VAL A 1 4   ? -3.921  15.874  6.553   1.00 47.34 ? 97  VAL A N   1 
ATOM   6    C CA  . VAL A 1 4   ? -2.464  15.732  6.797   1.00 45.83 ? 97  VAL A CA  1 
ATOM   7    C C   . VAL A 1 4   ? -1.909  14.660  5.780   1.00 35.69 ? 97  VAL A C   1 
ATOM   8    O O   . VAL A 1 4   ? -2.588  13.604  5.707   1.00 38.25 ? 97  VAL A O   1 
ATOM   9    C CB  . VAL A 1 4   ? -2.192  15.201  8.207   1.00 50.12 ? 97  VAL A CB  1 
ATOM   10   C CG1 . VAL A 1 4   ? -0.698  14.935  8.376   1.00 48.58 ? 97  VAL A CG1 1 
ATOM   11   C CG2 . VAL A 1 4   ? -2.695  16.173  9.280   1.00 56.94 ? 97  VAL A CG2 1 
ATOM   12   N N   . PRO A 1 5   ? -0.783  14.941  5.059   1.00 42.02 ? 98  PRO A N   1 
ATOM   13   C CA  . PRO A 1 5   ? -0.204  13.948  4.063   1.00 36.19 ? 98  PRO A CA  1 
ATOM   14   C C   . PRO A 1 5   ? 0.148   12.624  4.715   1.00 33.73 ? 98  PRO A C   1 
ATOM   15   O O   . PRO A 1 5   ? 0.534   12.552  5.892   1.00 32.07 ? 98  PRO A O   1 
ATOM   16   C CB  . PRO A 1 5   ? 1.013   14.637  3.473   1.00 42.67 ? 98  PRO A CB  1 
ATOM   17   C CG  . PRO A 1 5   ? 0.767   16.144  3.753   1.00 44.68 ? 98  PRO A CG  1 
ATOM   18   C CD  . PRO A 1 5   ? -0.088  16.240  4.958   1.00 42.79 ? 98  PRO A CD  1 
ATOM   19   N N   . THR A 1 6   ? -0.028  11.522  3.935   1.00 30.65 ? 99  THR A N   1 
ATOM   20   C CA  . THR A 1 6   ? 0.398   10.218  4.401   1.00 29.06 ? 99  THR A CA  1 
ATOM   21   C C   . THR A 1 6   ? 1.511   9.645   3.519   1.00 25.50 ? 99  THR A C   1 
ATOM   22   O O   . THR A 1 6   ? 1.639   9.968   2.354   1.00 28.01 ? 99  THR A O   1 
ATOM   23   C CB  . THR A 1 6   ? -0.746  9.167   4.472   1.00 33.85 ? 99  THR A CB  1 
ATOM   24   O OG1 . THR A 1 6   ? -1.367  9.075   3.186   1.00 31.61 ? 99  THR A OG1 1 
ATOM   25   C CG2 . THR A 1 6   ? -1.765  9.566   5.497   1.00 35.55 ? 99  THR A CG2 1 
ATOM   26   N N   . TYR A 1 7   ? 2.393   8.817   4.162   1.00 26.94 ? 100 TYR A N   1 
ATOM   27   C CA  . TYR A 1 7   ? 3.523   8.269   3.504   1.00 25.49 ? 100 TYR A CA  1 
ATOM   28   C C   . TYR A 1 7   ? 3.714   6.804   3.885   1.00 21.96 ? 100 TYR A C   1 
ATOM   29   O O   . TYR A 1 7   ? 3.419   6.419   5.020   1.00 24.89 ? 100 TYR A O   1 
ATOM   30   C CB  . TYR A 1 7   ? 4.861   9.085   3.791   1.00 27.96 ? 100 TYR A CB  1 
ATOM   31   C CG  . TYR A 1 7   ? 4.829   10.548  3.376   1.00 27.41 ? 100 TYR A CG  1 
ATOM   32   C CD1 . TYR A 1 7   ? 5.104   10.895  2.123   1.00 30.21 ? 100 TYR A CD1 1 
ATOM   33   C CD2 . TYR A 1 7   ? 4.522   11.553  4.323   1.00 32.12 ? 100 TYR A CD2 1 
ATOM   34   C CE1 . TYR A 1 7   ? 5.001   12.229  1.673   1.00 33.95 ? 100 TYR A CE1 1 
ATOM   35   C CE2 . TYR A 1 7   ? 4.455   12.900  3.917   1.00 31.97 ? 100 TYR A CE2 1 
ATOM   36   C CZ  . TYR A 1 7   ? 4.727   13.219  2.632   1.00 36.60 ? 100 TYR A CZ  1 
ATOM   37   O OH  . TYR A 1 7   ? 4.658   14.544  2.205   1.00 38.16 ? 100 TYR A OH  1 
ATOM   38   N N   . GLY A 1 8   ? 4.189   5.999   2.894   1.00 21.80 ? 101 GLY A N   1 
ATOM   39   C CA  . GLY A 1 8   ? 4.389   4.556   3.108   1.00 21.73 ? 101 GLY A CA  1 
ATOM   40   C C   . GLY A 1 8   ? 5.126   3.896   1.964   1.00 21.42 ? 101 GLY A C   1 
ATOM   41   O O   . GLY A 1 8   ? 5.943   4.545   1.246   1.00 22.60 ? 101 GLY A O   1 
ATOM   42   N N   . ALA A 1 9   ? 4.874   2.625   1.756   1.00 21.27 ? 102 ALA A N   1 
ATOM   43   C CA  . ALA A 1 9   ? 5.563   1.817   0.718   1.00 20.70 ? 102 ALA A CA  1 
ATOM   44   C C   . ALA A 1 9   ? 4.715   0.723   0.060   1.00 22.84 ? 102 ALA A C   1 
ATOM   45   O O   . ALA A 1 9   ? 3.863   0.112   0.686   1.00 21.62 ? 102 ALA A O   1 
ATOM   46   C CB  . ALA A 1 9   ? 6.850   1.159   1.170   1.00 22.79 ? 102 ALA A CB  1 
ATOM   47   N N   . ILE A 1 10  ? 5.011   0.528   -1.230  1.00 19.83 ? 103 ILE A N   1 
ATOM   48   C CA  . ILE A 1 10  ? 4.632   -0.632  -2.006  1.00 20.56 ? 103 ILE A CA  1 
ATOM   49   C C   . ILE A 1 10  ? 5.899   -1.521  -2.097  1.00 19.18 ? 103 ILE A C   1 
ATOM   50   O O   . ILE A 1 10  ? 6.848   -1.238  -2.901  1.00 20.68 ? 103 ILE A O   1 
ATOM   51   C CB  . ILE A 1 10  ? 4.153   -0.241  -3.426  1.00 21.99 ? 103 ILE A CB  1 
ATOM   52   C CG1 . ILE A 1 10  ? 2.911   0.616   -3.308  1.00 25.27 ? 103 ILE A CG1 1 
ATOM   53   C CG2 . ILE A 1 10  ? 3.941   -1.497  -4.286  1.00 24.64 ? 103 ILE A CG2 1 
ATOM   54   C CD1 . ILE A 1 10  ? 2.459   1.312   -4.608  1.00 27.40 ? 103 ILE A CD1 1 
ATOM   55   N N   . ILE A 1 11  ? 5.913   -2.621  -1.373  1.00 19.04 ? 104 ILE A N   1 
ATOM   56   C CA  . ILE A 1 11  ? 6.975   -3.570  -1.279  1.00 20.05 ? 104 ILE A CA  1 
ATOM   57   C C   . ILE A 1 11  ? 6.655   -4.715  -2.259  1.00 20.17 ? 104 ILE A C   1 
ATOM   58   O O   . ILE A 1 11  ? 5.559   -5.351  -2.169  1.00 21.09 ? 104 ILE A O   1 
ATOM   59   C CB  . ILE A 1 11  ? 7.193   -4.103  0.163   1.00 20.97 ? 104 ILE A CB  1 
ATOM   60   C CG1 . ILE A 1 11  ? 7.702   -2.999  1.068   1.00 23.83 ? 104 ILE A CG1 1 
ATOM   61   C CG2 . ILE A 1 11  ? 8.122   -5.313  0.210   1.00 23.35 ? 104 ILE A CG2 1 
ATOM   62   C CD1 . ILE A 1 11  ? 7.569   -3.284  2.577   1.00 25.27 ? 104 ILE A CD1 1 
ATOM   63   N N   . LEU A 1 12  ? 7.556   -4.997  -3.213  1.00 19.99 ? 105 LEU A N   1 
ATOM   64   C CA  . LEU A 1 12  ? 7.419   -6.186  -4.116  1.00 20.08 ? 105 LEU A CA  1 
ATOM   65   C C   . LEU A 1 12  ? 8.501   -7.229  -3.848  1.00 20.45 ? 105 LEU A C   1 
ATOM   66   O O   . LEU A 1 12  ? 9.629   -6.870  -3.394  1.00 22.08 ? 105 LEU A O   1 
ATOM   67   C CB  . LEU A 1 12  ? 7.501   -5.679  -5.572  1.00 22.72 ? 105 LEU A CB  1 
ATOM   68   C CG  . LEU A 1 12  ? 6.397   -4.687  -6.016  1.00 28.21 ? 105 LEU A CG  1 
ATOM   69   C CD1 . LEU A 1 12  ? 6.945   -3.293  -6.040  1.00 30.83 ? 105 LEU A CD1 1 
ATOM   70   C CD2 . LEU A 1 12  ? 5.810   -5.048  -7.372  1.00 34.69 ? 105 LEU A CD2 1 
ATOM   71   N N   . ASP A 1 13  ? 8.210   -8.503  -4.244  1.00 20.89 ? 106 ASP A N   1 
ATOM   72   C CA  . ASP A 1 13  ? 9.192   -9.569  -4.104  1.00 24.17 ? 106 ASP A CA  1 
ATOM   73   C C   . ASP A 1 13  ? 10.206  -9.561  -5.258  1.00 23.00 ? 106 ASP A C   1 
ATOM   74   O O   . ASP A 1 13  ? 10.190  -8.680  -6.090  1.00 24.75 ? 106 ASP A O   1 
ATOM   75   C CB  . ASP A 1 13  ? 8.495   -10.921 -3.975  1.00 27.43 ? 106 ASP A CB  1 
ATOM   76   C CG  . ASP A 1 13  ? 7.736   -11.333 -5.249  1.00 31.78 ? 106 ASP A CG  1 
ATOM   77   O OD1 . ASP A 1 13  ? 7.375   -10.545 -6.131  1.00 30.40 ? 106 ASP A OD1 1 
ATOM   78   O OD2 . ASP A 1 13  ? 7.438   -12.537 -5.296  1.00 40.65 ? 106 ASP A OD2 1 
ATOM   79   N N   . GLU A 1 14  ? 10.982  -10.626 -5.348  1.00 26.33 ? 107 GLU A N   1 
ATOM   80   C CA  . GLU A 1 14  ? 12.040  -10.661 -6.359  1.00 28.32 ? 107 GLU A CA  1 
ATOM   81   C C   . GLU A 1 14  ? 11.540  -11.014 -7.796  1.00 26.66 ? 107 GLU A C   1 
ATOM   82   O O   . GLU A 1 14  ? 12.123  -10.575 -8.769  1.00 28.48 ? 107 GLU A O   1 
ATOM   83   C CB  . GLU A 1 14  ? 13.171  -11.660 -5.979  1.00 34.47 ? 107 GLU A CB  1 
ATOM   84   C CG  . GLU A 1 14  ? 12.718  -13.100 -5.785  1.00 41.58 ? 107 GLU A CG  1 
ATOM   85   C CD  . GLU A 1 14  ? 12.517  -13.429 -4.313  1.00 55.44 ? 107 GLU A CD  1 
ATOM   86   O OE1 . GLU A 1 14  ? 11.364  -13.350 -3.827  1.00 46.21 ? 107 GLU A OE1 1 
ATOM   87   O OE2 . GLU A 1 14  ? 13.548  -13.692 -3.607  1.00 72.99 ? 107 GLU A OE2 1 
ATOM   88   N N   . THR A 1 15  ? 10.303  -11.581 -7.901  1.00 26.59 ? 108 THR A N   1 
ATOM   89   C CA  . THR A 1 15  ? 9.696   -11.895 -9.152  1.00 28.66 ? 108 THR A CA  1 
ATOM   90   C C   . THR A 1 15  ? 8.906   -10.744 -9.755  1.00 28.43 ? 108 THR A C   1 
ATOM   91   O O   . THR A 1 15  ? 8.554   -10.786 -10.925 1.00 29.65 ? 108 THR A O   1 
ATOM   92   C CB  . THR A 1 15  ? 8.705   -13.092 -8.994  1.00 34.56 ? 108 THR A CB  1 
ATOM   93   O OG1 . THR A 1 15  ? 7.510   -12.578 -8.371  1.00 34.56 ? 108 THR A OG1 1 
ATOM   94   C CG2 . THR A 1 15  ? 9.292   -14.205 -8.214  1.00 41.46 ? 108 THR A CG2 1 
ATOM   95   N N   . LEU A 1 16  ? 8.619   -9.682  -8.955  1.00 26.46 ? 109 LEU A N   1 
ATOM   96   C CA  . LEU A 1 16  ? 7.808   -8.495  -9.337  1.00 28.62 ? 109 LEU A CA  1 
ATOM   97   C C   . LEU A 1 16  ? 6.268   -8.881  -9.533  1.00 29.27 ? 109 LEU A C   1 
ATOM   98   O O   . LEU A 1 16  ? 5.536   -8.045  -10.068 1.00 35.41 ? 109 LEU A O   1 
ATOM   99   C CB  . LEU A 1 16  ? 8.307   -7.696  -10.565 1.00 30.06 ? 109 LEU A CB  1 
ATOM   100  C CG  . LEU A 1 16  ? 9.798   -7.380  -10.627 1.00 33.62 ? 109 LEU A CG  1 
ATOM   101  C CD1 . LEU A 1 16  ? 10.235  -6.724  -11.942 1.00 37.18 ? 109 LEU A CD1 1 
ATOM   102  C CD2 . LEU A 1 16  ? 10.032  -6.421  -9.458  1.00 38.01 ? 109 LEU A CD2 1 
ATOM   103  N N   . GLU A 1 17  ? 5.831   -10.051 -9.121  0.50 30.70 ? 110 GLU A N   1 
ATOM   104  C CA  . GLU A 1 17  ? 4.421   -10.416 -9.298  0.50 32.04 ? 110 GLU A CA  1 
ATOM   105  C C   . GLU A 1 17  ? 3.642   -10.466 -7.965  0.50 29.99 ? 110 GLU A C   1 
ATOM   106  O O   . GLU A 1 17  ? 2.436   -10.774 -7.964  0.50 26.18 ? 110 GLU A O   1 
ATOM   107  C CB  . GLU A 1 17  ? 4.334   -11.740 -10.034 0.50 36.55 ? 110 GLU A CB  1 
ATOM   108  C CG  . GLU A 1 17  ? 5.218   -11.761 -11.273 0.50 42.13 ? 110 GLU A CG  1 
ATOM   109  C CD  . GLU A 1 17  ? 4.589   -12.426 -12.476 0.50 49.23 ? 110 GLU A CD  1 
ATOM   110  O OE1 . GLU A 1 17  ? 4.029   -13.545 -12.342 0.50 57.30 ? 110 GLU A OE1 1 
ATOM   111  O OE2 . GLU A 1 17  ? 4.679   -11.821 -13.568 0.50 52.14 ? 110 GLU A OE2 1 
ATOM   112  N N   . ASN A 1 18  ? 4.301   -10.191 -6.840  1.00 26.64 ? 111 ASN A N   1 
ATOM   113  C CA  . ASN A 1 18  ? 3.616   -10.126 -5.512  1.00 23.42 ? 111 ASN A CA  1 
ATOM   114  C C   . ASN A 1 18  ? 3.941   -8.871  -4.753  1.00 25.46 ? 111 ASN A C   1 
ATOM   115  O O   . ASN A 1 18  ? 5.037   -8.304  -4.848  1.00 23.65 ? 111 ASN A O   1 
ATOM   116  C CB  . ASN A 1 18  ? 3.916   -11.290 -4.620  1.00 27.05 ? 111 ASN A CB  1 
ATOM   117  C CG  . ASN A 1 18  ? 3.686   -12.641 -5.333  1.00 38.37 ? 111 ASN A CG  1 
ATOM   118  O OD1 . ASN A 1 18  ? 2.531   -12.965 -5.685  1.00 35.78 ? 111 ASN A OD1 1 
ATOM   119  N ND2 . ASN A 1 18  ? 4.764   -13.348 -5.643  1.00 35.84 ? 111 ASN A ND2 1 
ATOM   120  N N   . VAL A 1 19  ? 2.901   -8.376  -4.069  1.00 22.62 ? 112 VAL A N   1 
ATOM   121  C CA  . VAL A 1 19  ? 2.989   -7.096  -3.257  1.00 19.48 ? 112 VAL A CA  1 
ATOM   122  C C   . VAL A 1 19  ? 2.628   -7.399  -1.818  1.00 20.80 ? 112 VAL A C   1 
ATOM   123  O O   . VAL A 1 19  ? 1.779   -8.286  -1.553  1.00 21.59 ? 112 VAL A O   1 
ATOM   124  C CB  . VAL A 1 19  ? 2.110   -5.932  -3.751  1.00 21.80 ? 112 VAL A CB  1 
ATOM   125  C CG1 . VAL A 1 19  ? 2.616   -5.263  -5.002  1.00 26.77 ? 112 VAL A CG1 1 
ATOM   126  C CG2 . VAL A 1 19  ? 0.569   -6.330  -3.829  1.00 23.71 ? 112 VAL A CG2 1 
ATOM   127  N N   . LEU A 1 20  ? 3.196   -6.640  -0.886  1.00 19.67 ? 113 LEU A N   1 
ATOM   128  C CA  . LEU A 1 20  ? 2.941   -6.889  0.585   1.00 22.34 ? 113 LEU A CA  1 
ATOM   129  C C   . LEU A 1 20  ? 1.804   -5.983  1.052   1.00 21.43 ? 113 LEU A C   1 
ATOM   130  O O   . LEU A 1 20  ? 1.883   -4.766  0.984   1.00 21.44 ? 113 LEU A O   1 
ATOM   131  C CB  . LEU A 1 20  ? 4.207   -6.546  1.398   1.00 21.81 ? 113 LEU A CB  1 
ATOM   132  C CG  . LEU A 1 20  ? 4.144   -7.094  2.846   1.00 23.68 ? 113 LEU A CG  1 
ATOM   133  C CD1 . LEU A 1 20  ? 4.270   -8.641  2.857   1.00 23.59 ? 113 LEU A CD1 1 
ATOM   134  C CD2 . LEU A 1 20  ? 5.182   -6.426  3.701   1.00 24.53 ? 113 LEU A CD2 1 
ATOM   135  N N   . LEU A 1 21  ? 0.719   -6.550  1.585   1.00 21.92 ? 114 LEU A N   1 
ATOM   136  C CA  . LEU A 1 21  ? -0.359  -5.759  2.158   1.00 20.48 ? 114 LEU A CA  1 
ATOM   137  C C   . LEU A 1 21  ? -0.536  -6.055  3.675   1.00 19.65 ? 114 LEU A C   1 
ATOM   138  O O   . LEU A 1 21  ? -0.073  -7.124  4.148   1.00 22.01 ? 114 LEU A O   1 
ATOM   139  C CB  . LEU A 1 21  ? -1.718  -6.079  1.485   1.00 19.74 ? 114 LEU A CB  1 
ATOM   140  C CG  . LEU A 1 21  ? -1.801  -5.767  -0.008  1.00 21.88 ? 114 LEU A CG  1 
ATOM   141  C CD1 . LEU A 1 21  ? -3.191  -6.046  -0.633  1.00 23.88 ? 114 LEU A CD1 1 
ATOM   142  C CD2 . LEU A 1 21  ? -1.423  -4.352  -0.388  1.00 21.51 ? 114 LEU A CD2 1 
ATOM   143  N N   . VAL A 1 22  ? -1.122  -5.090  4.383   1.00 19.41 ? 115 VAL A N   1 
ATOM   144  C CA  . VAL A 1 22  ? -1.376  -5.263  5.841   1.00 19.96 ? 115 VAL A CA  1 
ATOM   145  C C   . VAL A 1 22  ? -2.873  -5.105  6.066   1.00 21.00 ? 115 VAL A C   1 
ATOM   146  O O   . VAL A 1 22  ? -3.573  -4.284  5.352   1.00 21.10 ? 115 VAL A O   1 
ATOM   147  C CB  . VAL A 1 22  ? -0.542  -4.307  6.721   1.00 22.08 ? 115 VAL A CB  1 
ATOM   148  C CG1 . VAL A 1 22  ? 0.949   -4.523  6.476   1.00 25.60 ? 115 VAL A CG1 1 
ATOM   149  C CG2 . VAL A 1 22  ? -0.918  -2.866  6.444   1.00 23.27 ? 115 VAL A CG2 1 
ATOM   150  N N   . GLN A 1 23  ? -3.393  -5.770  7.134   1.00 20.64 ? 116 GLN A N   1 
ATOM   151  C CA  . GLN A 1 23  ? -4.827  -5.676  7.482   1.00 22.14 ? 116 GLN A CA  1 
ATOM   152  C C   . GLN A 1 23  ? -4.942  -5.000  8.885   1.00 21.62 ? 116 GLN A C   1 
ATOM   153  O O   . GLN A 1 23  ? -4.257  -5.469  9.779   1.00 24.04 ? 116 GLN A O   1 
ATOM   154  C CB  . GLN A 1 23  ? -5.410  -7.105  7.489   1.00 23.32 ? 116 GLN A CB  1 
ATOM   155  C CG  . GLN A 1 23  ? -6.905  -7.228  7.771   1.00 23.10 ? 116 GLN A CG  1 
ATOM   156  C CD  . GLN A 1 23  ? -7.386  -8.672  7.794   1.00 22.70 ? 116 GLN A CD  1 
ATOM   157  O OE1 . GLN A 1 23  ? -6.637  -9.610  8.178   1.00 23.99 ? 116 GLN A OE1 1 
ATOM   158  N NE2 . GLN A 1 23  ? -8.632  -8.858  7.394   1.00 24.69 ? 116 GLN A NE2 1 
ATOM   159  N N   . GLY A 1 24  ? -5.757  -3.979  8.990   1.00 24.66 ? 117 GLY A N   1 
ATOM   160  C CA  . GLY A 1 24  ? -5.971  -3.287  10.308  1.00 25.44 ? 117 GLY A CA  1 
ATOM   161  C C   . GLY A 1 24  ? -7.245  -3.778  10.965  1.00 29.38 ? 117 GLY A C   1 
ATOM   162  O O   . GLY A 1 24  ? -7.696  -4.888  10.703  1.00 27.67 ? 117 GLY A O   1 
ATOM   163  N N   . TYR A 1 25  ? -7.844  -2.886  11.758  1.00 27.25 ? 118 TYR A N   1 
ATOM   164  C CA  . TYR A 1 25  ? -9.087  -3.201  12.520  1.00 27.10 ? 118 TYR A CA  1 
ATOM   165  C C   . TYR A 1 25  ? -10.077 -2.052  12.297  1.00 28.86 ? 118 TYR A C   1 
ATOM   166  O O   . TYR A 1 25  ? -9.712  -0.904  11.907  1.00 28.48 ? 118 TYR A O   1 
ATOM   167  C CB  . TYR A 1 25  ? -8.773  -3.241  14.016  1.00 28.10 ? 118 TYR A CB  1 
ATOM   168  C CG  . TYR A 1 25  ? -7.900  -4.423  14.448  1.00 24.49 ? 118 TYR A CG  1 
ATOM   169  C CD1 . TYR A 1 25  ? -8.394  -5.743  14.482  1.00 24.27 ? 118 TYR A CD1 1 
ATOM   170  C CD2 . TYR A 1 25  ? -6.612  -4.241  14.802  1.00 23.65 ? 118 TYR A CD2 1 
ATOM   171  C CE1 . TYR A 1 25  ? -7.575  -6.803  14.878  1.00 24.58 ? 118 TYR A CE1 1 
ATOM   172  C CE2 . TYR A 1 25  ? -5.830  -5.317  15.156  1.00 25.59 ? 118 TYR A CE2 1 
ATOM   173  C CZ  . TYR A 1 25  ? -6.334  -6.582  15.206  1.00 28.39 ? 118 TYR A CZ  1 
ATOM   174  O OH  . TYR A 1 25  ? -5.545  -7.684  15.584  1.00 29.93 ? 118 TYR A OH  1 
ATOM   175  N N   . LEU A 1 26  ? -11.354 -2.387  12.562  1.00 29.51 ? 119 LEU A N   1 
ATOM   176  C CA  . LEU A 1 26  ? -12.448 -1.392  12.563  1.00 35.93 ? 119 LEU A CA  1 
ATOM   177  C C   . LEU A 1 26  ? -12.619 -0.640  11.231  1.00 32.61 ? 119 LEU A C   1 
ATOM   178  O O   . LEU A 1 26  ? -12.975 -1.281  10.271  1.00 38.13 ? 119 LEU A O   1 
ATOM   179  C CB  . LEU A 1 26  ? -12.276 -0.469  13.756  1.00 38.44 ? 119 LEU A CB  1 
ATOM   180  C CG  . LEU A 1 26  ? -12.274 -1.149  15.164  1.00 42.78 ? 119 LEU A CG  1 
ATOM   181  C CD1 . LEU A 1 26  ? -12.009 -0.103  16.232  1.00 44.69 ? 119 LEU A CD1 1 
ATOM   182  C CD2 . LEU A 1 26  ? -13.551 -1.953  15.420  1.00 47.77 ? 119 LEU A CD2 1 
ATOM   183  N N   . ALA A 1 27  ? -12.416 0.685   11.198  1.00 33.12 ? 120 ALA A N   1 
ATOM   184  C CA  . ALA A 1 27  ? -12.498 1.421   9.923   1.00 39.20 ? 120 ALA A CA  1 
ATOM   185  C C   . ALA A 1 27  ? -11.392 1.020   8.934   1.00 39.11 ? 120 ALA A C   1 
ATOM   186  O O   . ALA A 1 27  ? -11.529 1.299   7.757   1.00 37.17 ? 120 ALA A O   1 
ATOM   187  C CB  . ALA A 1 27  ? -12.418 2.939   10.176  1.00 41.60 ? 120 ALA A CB  1 
ATOM   188  N N   . LYS A 1 28  ? -10.295 0.440   9.433   1.00 35.17 ? 121 LYS A N   1 
ATOM   189  C CA  . LYS A 1 28  ? -9.205  -0.081  8.598   1.00 31.58 ? 121 LYS A CA  1 
ATOM   190  C C   . LYS A 1 28  ? -9.163  -1.604  8.579   1.00 30.62 ? 121 LYS A C   1 
ATOM   191  O O   . LYS A 1 28  ? -8.089  -2.243  8.489   1.00 29.47 ? 121 LYS A O   1 
ATOM   192  C CB  . LYS A 1 28  ? -7.906  0.489   9.112   1.00 33.63 ? 121 LYS A CB  1 
ATOM   193  C CG  . LYS A 1 28  ? -7.880  2.044   9.013   1.00 38.63 ? 121 LYS A CG  1 
ATOM   194  C CD  . LYS A 1 28  ? -6.544  2.513   9.560   1.00 46.96 ? 121 LYS A CD  1 
ATOM   195  C CE  . LYS A 1 28  ? -6.155  3.912   9.104   1.00 58.44 ? 121 LYS A CE  1 
ATOM   196  N NZ  . LYS A 1 28  ? -5.059  4.402   9.992   1.00 56.79 ? 121 LYS A NZ  1 
ATOM   197  N N   . SER A 1 29  ? -10.367 -2.188  8.656   1.00 29.74 ? 122 SER A N   1 
ATOM   198  C CA  . SER A 1 29  ? -10.541 -3.640  8.724   1.00 32.01 ? 122 SER A CA  1 
ATOM   199  C C   . SER A 1 29  ? -10.121 -4.526  7.503   1.00 34.82 ? 122 SER A C   1 
ATOM   200  O O   . SER A 1 29  ? -9.968  -5.772  7.619   1.00 33.31 ? 122 SER A O   1 
ATOM   201  C CB  . SER A 1 29  ? -12.013 -3.958  9.102   1.00 31.97 ? 122 SER A CB  1 
ATOM   202  O OG  . SER A 1 29  ? -12.291 -5.205  8.608   1.00 56.47 ? 122 SER A OG  1 
ATOM   203  N N   . GLY A 1 30  ? -9.934  -3.893  6.367   1.00 26.03 ? 123 GLY A N   1 
ATOM   204  C CA  . GLY A 1 30  ? -9.557  -4.569  5.093   1.00 25.88 ? 123 GLY A CA  1 
ATOM   205  C C   . GLY A 1 30  ? -8.003  -4.508  4.894   1.00 25.78 ? 123 GLY A C   1 
ATOM   206  O O   . GLY A 1 30  ? -7.272  -4.199  5.848   1.00 24.88 ? 123 GLY A O   1 
ATOM   207  N N   . TRP A 1 31  ? -7.591  -4.791  3.640   1.00 23.39 ? 124 TRP A N   1 
ATOM   208  C CA  . TRP A 1 31  ? -6.189  -4.864  3.255   1.00 21.61 ? 124 TRP A CA  1 
ATOM   209  C C   . TRP A 1 31  ? -5.729  -3.621  2.559   1.00 23.55 ? 124 TRP A C   1 
ATOM   210  O O   . TRP A 1 31  ? -6.448  -3.131  1.676   1.00 25.64 ? 124 TRP A O   1 
ATOM   211  C CB  . TRP A 1 31  ? -5.991  -6.092  2.318   1.00 21.56 ? 124 TRP A CB  1 
ATOM   212  C CG  . TRP A 1 31  ? -6.166  -7.433  3.012   1.00 21.27 ? 124 TRP A CG  1 
ATOM   213  C CD1 . TRP A 1 31  ? -7.333  -8.220  3.075   1.00 22.49 ? 124 TRP A CD1 1 
ATOM   214  C CD2 . TRP A 1 31  ? -5.214  -8.121  3.822   1.00 20.66 ? 124 TRP A CD2 1 
ATOM   215  N NE1 . TRP A 1 31  ? -7.103  -9.326  3.833   1.00 24.52 ? 124 TRP A NE1 1 
ATOM   216  C CE2 . TRP A 1 31  ? -5.803  -9.327  4.271   1.00 22.48 ? 124 TRP A CE2 1 
ATOM   217  C CE3 . TRP A 1 31  ? -3.865  -7.882  4.156   1.00 19.88 ? 124 TRP A CE3 1 
ATOM   218  C CZ2 . TRP A 1 31  ? -5.060  -10.285 5.039   1.00 23.30 ? 124 TRP A CZ2 1 
ATOM   219  C CZ3 . TRP A 1 31  ? -3.166  -8.826  4.872   1.00 22.85 ? 124 TRP A CZ3 1 
ATOM   220  C CH2 . TRP A 1 31  ? -3.765  -9.973  5.364   1.00 23.94 ? 124 TRP A CH2 1 
ATOM   221  N N   . GLY A 1 32  ? -4.512  -3.092  2.903   1.00 20.09 ? 125 GLY A N   1 
ATOM   222  C CA  . GLY A 1 32  ? -4.006  -1.874  2.271   1.00 21.92 ? 125 GLY A CA  1 
ATOM   223  C C   . GLY A 1 32  ? -2.481  -1.884  2.331   1.00 20.93 ? 125 GLY A C   1 
ATOM   224  O O   . GLY A 1 32  ? -1.860  -2.722  2.982   1.00 20.76 ? 125 GLY A O   1 
ATOM   225  N N   . PHE A 1 33  ? -1.863  -0.912  1.641   1.00 22.74 ? 126 PHE A N   1 
ATOM   226  C CA  . PHE A 1 33  ? -0.435  -0.701  1.748   1.00 20.69 ? 126 PHE A CA  1 
ATOM   227  C C   . PHE A 1 33  ? -0.094  -0.042  3.072   1.00 22.78 ? 126 PHE A C   1 
ATOM   228  O O   . PHE A 1 33  ? -0.858  0.731   3.600   1.00 24.68 ? 126 PHE A O   1 
ATOM   229  C CB  . PHE A 1 33  ? 0.022   0.173   0.568   1.00 20.83 ? 126 PHE A CB  1 
ATOM   230  C CG  . PHE A 1 33  ? -0.128  -0.498  -0.769  1.00 23.49 ? 126 PHE A CG  1 
ATOM   231  C CD1 . PHE A 1 33  ? 0.642   -1.562  -1.190  1.00 23.06 ? 126 PHE A CD1 1 
ATOM   232  C CD2 . PHE A 1 33  ? -1.206  -0.101  -1.602  1.00 24.72 ? 126 PHE A CD2 1 
ATOM   233  C CE1 . PHE A 1 33  ? 0.448   -2.226  -2.391  1.00 25.02 ? 126 PHE A CE1 1 
ATOM   234  C CE2 . PHE A 1 33  ? -1.440  -0.762  -2.793  1.00 22.65 ? 126 PHE A CE2 1 
ATOM   235  C CZ  . PHE A 1 33  ? -0.613  -1.815  -3.228  1.00 22.81 ? 126 PHE A CZ  1 
ATOM   236  N N   . PRO A 1 34  ? 1.049   -0.444  3.670   1.00 20.66 ? 127 PRO A N   1 
ATOM   237  C CA  . PRO A 1 34  ? 1.497   0.144   4.951   1.00 22.31 ? 127 PRO A CA  1 
ATOM   238  C C   . PRO A 1 34  ? 1.816   1.623   4.756   1.00 25.93 ? 127 PRO A C   1 
ATOM   239  O O   . PRO A 1 34  ? 2.606   1.997   3.849   1.00 22.55 ? 127 PRO A O   1 
ATOM   240  C CB  . PRO A 1 34  ? 2.708   -0.714  5.327   1.00 23.40 ? 127 PRO A CB  1 
ATOM   241  C CG  . PRO A 1 34  ? 3.216   -1.206  3.995   1.00 22.00 ? 127 PRO A CG  1 
ATOM   242  C CD  . PRO A 1 34  ? 1.980   -1.436  3.155   1.00 21.64 ? 127 PRO A CD  1 
ATOM   243  N N   . LYS A 1 35  ? 1.194   2.503   5.580   1.00 23.81 ? 128 LYS A N   1 
ATOM   244  C CA  . LYS A 1 35  ? 1.377   3.948   5.486   1.00 23.81 ? 128 LYS A CA  1 
ATOM   245  C C   . LYS A 1 35  ? 0.781   4.629   6.720   1.00 27.53 ? 128 LYS A C   1 
ATOM   246  O O   . LYS A 1 35  ? -0.034  4.028   7.435   1.00 30.35 ? 128 LYS A O   1 
ATOM   247  C CB  . LYS A 1 35  ? 0.724   4.548   4.242   1.00 24.39 ? 128 LYS A CB  1 
ATOM   248  C CG  . LYS A 1 35  ? -0.789  4.268   4.092   1.00 26.04 ? 128 LYS A CG  1 
ATOM   249  C CD  . LYS A 1 35  ? -1.278  5.071   2.903   1.00 32.86 ? 128 LYS A CD  1 
ATOM   250  C CE  . LYS A 1 35  ? -2.694  4.809   2.405   1.00 42.19 ? 128 LYS A CE  1 
ATOM   251  N NZ  . LYS A 1 35  ? -3.630  4.983   3.505   1.00 44.79 ? 128 LYS A NZ  1 
ATOM   252  N N   . GLY A 1 36  ? 1.100   5.896   6.856   1.00 28.64 ? 129 GLY A N   1 
ATOM   253  C CA  . GLY A 1 36  ? 0.498   6.699   7.914   1.00 28.41 ? 129 GLY A CA  1 
ATOM   254  C C   . GLY A 1 36  ? 0.864   8.166   7.850   1.00 30.22 ? 129 GLY A C   1 
ATOM   255  O O   . GLY A 1 36  ? 1.571   8.682   6.948   1.00 28.19 ? 129 GLY A O   1 
ATOM   256  N N   . LYS A 1 37  ? 0.293   8.917   8.829   1.00 32.03 ? 130 LYS A N   1 
ATOM   257  C CA  . LYS A 1 37  ? 0.364   10.392  8.812   1.00 33.94 ? 130 LYS A CA  1 
ATOM   258  C C   . LYS A 1 37  ? 1.746   10.973  9.184   1.00 25.46 ? 130 LYS A C   1 
ATOM   259  O O   . LYS A 1 37  ? 2.438   10.416  10.055  1.00 34.67 ? 130 LYS A O   1 
ATOM   260  C CB  . LYS A 1 37  ? -0.694  10.920  9.830   1.00 40.34 ? 130 LYS A CB  1 
ATOM   261  C CG  . LYS A 1 37  ? -2.112  11.027  9.289   1.00 45.18 ? 130 LYS A CG  1 
ATOM   262  C CD  . LYS A 1 37  ? -3.096  11.515  10.352  1.00 45.66 ? 130 LYS A CD  1 
ATOM   263  N N   . VAL A 1 38  ? 2.137   12.036  8.522   1.00 31.13 ? 131 VAL A N   1 
ATOM   264  C CA  . VAL A 1 38  ? 3.450   12.653  8.736   1.00 38.82 ? 131 VAL A CA  1 
ATOM   265  C C   . VAL A 1 38  ? 3.421   13.383  10.110  1.00 37.91 ? 131 VAL A C   1 
ATOM   266  O O   . VAL A 1 38  ? 2.362   13.977  10.452  1.00 41.79 ? 131 VAL A O   1 
ATOM   267  C CB  . VAL A 1 38  ? 3.874   13.570  7.558   1.00 35.70 ? 131 VAL A CB  1 
ATOM   268  C CG1 . VAL A 1 38  ? 2.927   14.773  7.312   1.00 41.63 ? 131 VAL A CG1 1 
ATOM   269  C CG2 . VAL A 1 38  ? 5.312   14.001  7.762   1.00 36.42 ? 131 VAL A CG2 1 
ATOM   270  N N   . ASN A 1 39  ? 4.525   13.306  10.864  1.00 37.35 ? 132 ASN A N   1 
ATOM   271  C CA  . ASN A 1 39  ? 4.678   14.201  12.096  1.00 41.22 ? 132 ASN A CA  1 
ATOM   272  C C   . ASN A 1 39  ? 5.143   15.619  11.681  1.00 42.73 ? 132 ASN A C   1 
ATOM   273  O O   . ASN A 1 39  ? 5.711   15.806  10.613  1.00 42.36 ? 132 ASN A O   1 
ATOM   274  C CB  . ASN A 1 39  ? 5.661   13.579  13.091  1.00 41.96 ? 132 ASN A CB  1 
ATOM   275  C CG  . ASN A 1 39  ? 5.140   12.322  13.736  1.00 41.74 ? 132 ASN A CG  1 
ATOM   276  O OD1 . ASN A 1 39  ? 3.931   12.171  13.980  1.00 50.74 ? 132 ASN A OD1 1 
ATOM   277  N ND2 . ASN A 1 39  ? 6.033   11.389  14.020  1.00 41.96 ? 132 ASN A ND2 1 
ATOM   278  N N   . LYS A 1 40  ? 4.876   16.653  12.515  1.00 52.19 ? 133 LYS A N   1 
ATOM   279  C CA  . LYS A 1 40  ? 5.429   18.052  12.267  1.00 52.00 ? 133 LYS A CA  1 
ATOM   280  C C   . LYS A 1 40  ? 6.953   18.039  12.086  1.00 44.57 ? 133 LYS A C   1 
ATOM   281  O O   . LYS A 1 40  ? 7.638   17.369  12.831  1.00 51.33 ? 133 LYS A O   1 
ATOM   282  C CB  . LYS A 1 40  ? 5.076   19.027  13.423  1.00 58.02 ? 133 LYS A CB  1 
ATOM   283  N N   . GLU A 1 41  ? 7.452   18.732  11.056  1.00 48.16 ? 134 GLU A N   1 
ATOM   284  C CA  . GLU A 1 41  ? 8.873   18.807  10.726  1.00 56.58 ? 134 GLU A CA  1 
ATOM   285  C C   . GLU A 1 41  ? 9.542   17.487  10.200  1.00 62.42 ? 134 GLU A C   1 
ATOM   286  O O   . GLU A 1 41  ? 10.752  17.508  9.939   1.00 60.42 ? 134 GLU A O   1 
ATOM   287  C CB  . GLU A 1 41  ? 9.690   19.430  11.891  1.00 65.03 ? 134 GLU A CB  1 
ATOM   288  N N   . GLU A 1 42  ? 8.769   16.402  9.943   1.00 48.05 ? 135 GLU A N   1 
ATOM   289  C CA  . GLU A 1 42  ? 9.348   15.077  9.549   1.00 44.14 ? 135 GLU A CA  1 
ATOM   290  C C   . GLU A 1 42  ? 9.451   15.019  8.044   1.00 41.58 ? 135 GLU A C   1 
ATOM   291  O O   . GLU A 1 42  ? 8.541   15.465  7.356   1.00 43.48 ? 135 GLU A O   1 
ATOM   292  C CB  . GLU A 1 42  ? 8.488   13.937  10.097  1.00 41.76 ? 135 GLU A CB  1 
ATOM   293  C CG  . GLU A 1 42  ? 9.001   12.529  9.784   1.00 41.10 ? 135 GLU A CG  1 
ATOM   294  C CD  . GLU A 1 42  ? 8.103   11.447  10.317  1.00 36.91 ? 135 GLU A CD  1 
ATOM   295  O OE1 . GLU A 1 42  ? 6.845   11.686  10.283  1.00 40.04 ? 135 GLU A OE1 1 
ATOM   296  O OE2 . GLU A 1 42  ? 8.642   10.382  10.776  1.00 41.13 ? 135 GLU A OE2 1 
ATOM   297  N N   . ALA A 1 43  ? 10.572  14.516  7.509   1.00 38.31 ? 136 ALA A N   1 
ATOM   298  C CA  . ALA A 1 43  ? 10.774  14.517  6.064   1.00 36.41 ? 136 ALA A CA  1 
ATOM   299  C C   . ALA A 1 43  ? 9.879   13.341  5.481   1.00 33.26 ? 136 ALA A C   1 
ATOM   300  O O   . ALA A 1 43  ? 9.772   12.335  6.166   1.00 36.20 ? 136 ALA A O   1 
ATOM   301  C CB  . ALA A 1 43  ? 12.229  14.326  5.703   1.00 40.52 ? 136 ALA A CB  1 
ATOM   302  N N   . PRO A 1 44  ? 9.485   13.430  4.207   1.00 37.94 ? 137 PRO A N   1 
ATOM   303  C CA  . PRO A 1 44  ? 8.676   12.314  3.575   1.00 36.77 ? 137 PRO A CA  1 
ATOM   304  C C   . PRO A 1 44  ? 9.333   10.929  3.672   1.00 33.99 ? 137 PRO A C   1 
ATOM   305  O O   . PRO A 1 44  ? 8.664   9.937   4.138   1.00 30.07 ? 137 PRO A O   1 
ATOM   306  C CB  . PRO A 1 44  ? 8.519   12.782  2.148   1.00 38.74 ? 137 PRO A CB  1 
ATOM   307  C CG  . PRO A 1 44  ? 8.528   14.329  2.233   1.00 40.12 ? 137 PRO A CG  1 
ATOM   308  C CD  . PRO A 1 44  ? 9.544   14.628  3.338   1.00 39.92 ? 137 PRO A CD  1 
ATOM   309  N N   . HIS A 1 45  ? 10.607  10.818  3.338   1.00 37.72 ? 138 HIS A N   1 
ATOM   310  C CA  . HIS A 1 45  ? 11.305  9.506   3.416   1.00 36.53 ? 138 HIS A CA  1 
ATOM   311  C C   . HIS A 1 45  ? 11.394  8.954   4.823   1.00 35.28 ? 138 HIS A C   1 
ATOM   312  O O   . HIS A 1 45  ? 11.284  7.722   5.021   1.00 27.50 ? 138 HIS A O   1 
ATOM   313  C CB  . HIS A 1 45  ? 12.653  9.555   2.667   1.00 41.04 ? 138 HIS A CB  1 
ATOM   314  C CG  . HIS A 1 45  ? 13.715  10.305  3.395   1.00 54.11 ? 138 HIS A CG  1 
ATOM   315  N ND1 . HIS A 1 45  ? 13.920  11.665  3.222   1.00 63.80 ? 138 HIS A ND1 1 
ATOM   316  C CD2 . HIS A 1 45  ? 14.640  9.892   4.291   1.00 53.55 ? 138 HIS A CD2 1 
ATOM   317  C CE1 . HIS A 1 45  ? 14.937  12.050  3.980   1.00 61.74 ? 138 HIS A CE1 1 
ATOM   318  N NE2 . HIS A 1 45  ? 15.393  10.993  4.637   1.00 61.75 ? 138 HIS A NE2 1 
ATOM   319  N N   . ASP A 1 46  ? 11.559  9.826   5.841   1.00 30.09 ? 139 ASP A N   1 
ATOM   320  C CA  . ASP A 1 46  ? 11.657  9.357   7.220   1.00 31.98 ? 139 ASP A CA  1 
ATOM   321  C C   . ASP A 1 46  ? 10.259  8.912   7.727   1.00 28.79 ? 139 ASP A C   1 
ATOM   322  O O   . ASP A 1 46  ? 10.164  7.919   8.459   1.00 30.24 ? 139 ASP A O   1 
ATOM   323  C CB  . ASP A 1 46  ? 12.196  10.441  8.178   1.00 36.08 ? 139 ASP A CB  1 
ATOM   324  C CG  . ASP A 1 46  ? 13.651  10.750  7.946   1.00 43.74 ? 139 ASP A CG  1 
ATOM   325  O OD1 . ASP A 1 46  ? 14.420  9.844   7.584   1.00 40.31 ? 139 ASP A OD1 1 
ATOM   326  O OD2 . ASP A 1 46  ? 14.026  11.927  8.176   1.00 43.46 ? 139 ASP A OD2 1 
ATOM   327  N N   . CYS A 1 47  ? 9.200   9.631   7.348   1.00 27.48 ? 140 CYS A N   1 
ATOM   328  C CA  . CYS A 1 47  ? 7.846   9.192   7.677   1.00 26.66 ? 140 CYS A CA  1 
ATOM   329  C C   . CYS A 1 47  ? 7.517   7.775   7.054   1.00 24.00 ? 140 CYS A C   1 
ATOM   330  O O   . CYS A 1 47  ? 7.042   6.873   7.769   1.00 24.86 ? 140 CYS A O   1 
ATOM   331  C CB  . CYS A 1 47  ? 6.797   10.195  7.181   1.00 27.28 ? 140 CYS A CB  1 
ATOM   332  S SG  . CYS A 1 47  ? 5.043   9.631   7.483   1.00 32.56 ? 140 CYS A SG  1 
ATOM   333  N N   . ALA A 1 48  ? 7.832   7.649   5.764   1.00 25.80 ? 141 ALA A N   1 
ATOM   334  C CA  . ALA A 1 48  ? 7.579   6.335   5.082   1.00 25.74 ? 141 ALA A CA  1 
ATOM   335  C C   . ALA A 1 48  ? 8.288   5.212   5.816   1.00 25.34 ? 141 ALA A C   1 
ATOM   336  O O   . ALA A 1 48  ? 7.702   4.139   6.109   1.00 23.96 ? 141 ALA A O   1 
ATOM   337  C CB  . ALA A 1 48  ? 8.005   6.419   3.637   1.00 25.62 ? 141 ALA A CB  1 
ATOM   338  N N   . ALA A 1 49  ? 9.598   5.378   6.100   1.00 24.88 ? 142 ALA A N   1 
ATOM   339  C CA  . ALA A 1 49  ? 10.305  4.323   6.823   1.00 24.63 ? 142 ALA A CA  1 
ATOM   340  C C   . ALA A 1 49  ? 9.742   4.049   8.258   1.00 24.13 ? 142 ALA A C   1 
ATOM   341  O O   . ALA A 1 49  ? 9.702   2.892   8.645   1.00 25.66 ? 142 ALA A O   1 
ATOM   342  C CB  . ALA A 1 49  ? 11.823  4.625   6.887   1.00 28.47 ? 142 ALA A CB  1 
ATOM   343  N N   . ARG A 1 50  ? 9.365   5.110   8.956   1.00 24.75 ? 143 ARG A N   1 
ATOM   344  C CA  . ARG A 1 50  ? 8.840   4.947   10.319  1.00 25.39 ? 143 ARG A CA  1 
ATOM   345  C C   . ARG A 1 50  ? 7.529   4.146   10.256  1.00 26.23 ? 143 ARG A C   1 
ATOM   346  O O   . ARG A 1 50  ? 7.330   3.224   11.018  1.00 25.54 ? 143 ARG A O   1 
ATOM   347  C CB  . ARG A 1 50  ? 8.573   6.313   10.979  1.00 30.66 ? 143 ARG A CB  1 
ATOM   348  C CG  . ARG A 1 50  ? 8.105   6.247   12.422  1.00 33.09 ? 143 ARG A CG  1 
ATOM   349  C CD  . ARG A 1 50  ? 7.800   7.626   12.991  1.00 32.85 ? 143 ARG A CD  1 
ATOM   350  N NE  . ARG A 1 50  ? 7.036   8.564   12.159  1.00 33.24 ? 143 ARG A NE  1 
ATOM   351  C CZ  . ARG A 1 50  ? 5.701   8.619   12.022  1.00 32.07 ? 143 ARG A CZ  1 
ATOM   352  N NH1 . ARG A 1 50  ? 4.916   7.837   12.725  1.00 37.02 ? 143 ARG A NH1 1 
ATOM   353  N NH2 . ARG A 1 50  ? 5.143   9.517   11.229  1.00 32.59 ? 143 ARG A NH2 1 
ATOM   354  N N   . GLU A 1 51  ? 6.615   4.577   9.387   1.00 28.93 ? 144 GLU A N   1 
ATOM   355  C CA  . GLU A 1 51  ? 5.295   3.850   9.321   1.00 26.55 ? 144 GLU A CA  1 
ATOM   356  C C   . GLU A 1 51  ? 5.458   2.407   8.879   1.00 25.14 ? 144 GLU A C   1 
ATOM   357  O O   . GLU A 1 51  ? 4.789   1.533   9.408   1.00 24.79 ? 144 GLU A O   1 
ATOM   358  C CB  . GLU A 1 51  ? 4.383   4.541   8.402   1.00 28.21 ? 144 GLU A CB  1 
ATOM   359  C CG  . GLU A 1 51  ? 3.995   5.910   8.832   1.00 29.91 ? 144 GLU A CG  1 
ATOM   360  C CD  . GLU A 1 51  ? 2.956   5.910   9.984   1.00 39.72 ? 144 GLU A CD  1 
ATOM   361  O OE1 . GLU A 1 51  ? 2.390   4.865   10.336  1.00 38.12 ? 144 GLU A OE1 1 
ATOM   362  O OE2 . GLU A 1 51  ? 2.692   6.980   10.548  1.00 45.40 ? 144 GLU A OE2 1 
ATOM   363  N N   . VAL A 1 52  ? 6.275   2.158   7.825   1.00 22.52 ? 145 VAL A N   1 
ATOM   364  C CA  . VAL A 1 52  ? 6.466   0.737   7.405   1.00 21.77 ? 145 VAL A CA  1 
ATOM   365  C C   . VAL A 1 52  ? 7.071   -0.117  8.513   1.00 24.12 ? 145 VAL A C   1 
ATOM   366  O O   . VAL A 1 52  ? 6.705   -1.267  8.646   1.00 24.40 ? 145 VAL A O   1 
ATOM   367  C CB  . VAL A 1 52  ? 7.224   0.718   6.054   1.00 21.69 ? 145 VAL A CB  1 
ATOM   368  C CG1 . VAL A 1 52  ? 7.557   -0.722  5.631   1.00 23.53 ? 145 VAL A CG1 1 
ATOM   369  C CG2 . VAL A 1 52  ? 6.457   1.437   4.975   1.00 24.52 ? 145 VAL A CG2 1 
ATOM   370  N N   . PHE A 1 53  ? 8.079   0.429   9.275   1.00 24.03 ? 146 PHE A N   1 
ATOM   371  C CA  . PHE A 1 53  ? 8.717   -0.366  10.300  1.00 23.79 ? 146 PHE A CA  1 
ATOM   372  C C   . PHE A 1 53  ? 7.674   -0.637  11.472  1.00 24.40 ? 146 PHE A C   1 
ATOM   373  O O   . PHE A 1 53  ? 7.614   -1.727  11.974  1.00 28.77 ? 146 PHE A O   1 
ATOM   374  C CB  . PHE A 1 53  ? 10.006  0.323   10.807  1.00 25.71 ? 146 PHE A CB  1 
ATOM   375  C CG  . PHE A 1 53  ? 10.771  -0.513  11.772  1.00 30.15 ? 146 PHE A CG  1 
ATOM   376  C CD1 . PHE A 1 53  ? 11.575  -1.532  11.340  1.00 31.91 ? 146 PHE A CD1 1 
ATOM   377  C CD2 . PHE A 1 53  ? 10.596  -0.312  13.127  1.00 35.39 ? 146 PHE A CD2 1 
ATOM   378  C CE1 . PHE A 1 53  ? 12.257  -2.361  12.230  1.00 37.31 ? 146 PHE A CE1 1 
ATOM   379  C CE2 . PHE A 1 53  ? 11.254  -1.132  14.032  1.00 41.54 ? 146 PHE A CE2 1 
ATOM   380  C CZ  . PHE A 1 53  ? 12.077  -2.168  13.583  1.00 37.43 ? 146 PHE A CZ  1 
ATOM   381  N N   . GLU A 1 54  ? 6.890   0.349   11.800  1.00 26.32 ? 147 GLU A N   1 
ATOM   382  C CA  . GLU A 1 54  ? 5.845   0.175   12.898  1.00 32.23 ? 147 GLU A CA  1 
ATOM   383  C C   . GLU A 1 54  ? 4.815   -0.889  12.463  1.00 31.81 ? 147 GLU A C   1 
ATOM   384  O O   . GLU A 1 54  ? 4.363   -1.715  13.237  1.00 31.69 ? 147 GLU A O   1 
ATOM   385  C CB  . GLU A 1 54  ? 5.096   1.471   13.125  1.00 35.34 ? 147 GLU A CB  1 
ATOM   386  C CG  . GLU A 1 54  ? 5.843   2.641   13.844  1.00 48.74 ? 147 GLU A CG  1 
ATOM   387  C CD  . GLU A 1 54  ? 4.988   3.969   13.959  1.00 56.69 ? 147 GLU A CD  1 
ATOM   388  O OE1 . GLU A 1 54  ? 3.854   4.025   13.382  1.00 62.04 ? 147 GLU A OE1 1 
ATOM   389  O OE2 . GLU A 1 54  ? 5.422   4.992   14.621  1.00 48.73 ? 147 GLU A OE2 1 
ATOM   390  N N   . GLU A 1 55  ? 4.437   -0.857  11.179  1.00 27.24 ? 148 GLU A N   1 
ATOM   391  C CA  . GLU A 1 55  ? 3.383   -1.809  10.717  1.00 28.95 ? 148 GLU A CA  1 
ATOM   392  C C   . GLU A 1 55  ? 3.803   -3.172  10.256  1.00 28.63 ? 148 GLU A C   1 
ATOM   393  O O   . GLU A 1 55  ? 2.973   -4.103  10.122  1.00 30.57 ? 148 GLU A O   1 
ATOM   394  C CB  . GLU A 1 55  ? 2.500   -1.144  9.639   1.00 26.69 ? 148 GLU A CB  1 
ATOM   395  C CG  . GLU A 1 55  ? 1.850   0.103   10.172  1.00 31.06 ? 148 GLU A CG  1 
ATOM   396  C CD  . GLU A 1 55  ? 1.025   0.868   9.181   1.00 35.81 ? 148 GLU A CD  1 
ATOM   397  O OE1 . GLU A 1 55  ? 0.701   0.367   8.111   1.00 30.58 ? 148 GLU A OE1 1 
ATOM   398  O OE2 . GLU A 1 55  ? 0.872   2.088   9.462   1.00 43.45 ? 148 GLU A OE2 1 
ATOM   399  N N   . THR A 1 56  ? 5.087   -3.287  9.858   1.00 27.22 ? 149 THR A N   1 
ATOM   400  C CA  . THR A 1 56  ? 5.617   -4.579  9.300   1.00 25.82 ? 149 THR A CA  1 
ATOM   401  C C   . THR A 1 56  ? 6.885   -5.163  10.004  1.00 26.04 ? 149 THR A C   1 
ATOM   402  O O   . THR A 1 56  ? 7.292   -6.280  9.674   1.00 30.03 ? 149 THR A O   1 
ATOM   403  C CB  . THR A 1 56  ? 5.991   -4.462  7.764   1.00 26.26 ? 149 THR A CB  1 
ATOM   404  O OG1 . THR A 1 56  ? 7.185   -3.655  7.624   1.00 25.06 ? 149 THR A OG1 1 
ATOM   405  C CG2 . THR A 1 56  ? 4.860   -3.718  6.944   1.00 24.49 ? 149 THR A CG2 1 
ATOM   406  N N   . GLY A 1 57  ? 7.596   -4.344  10.749  1.00 28.06 ? 150 GLY A N   1 
ATOM   407  C CA  . GLY A 1 57  ? 8.899   -4.691  11.279  1.00 30.39 ? 150 GLY A CA  1 
ATOM   408  C C   . GLY A 1 57  ? 10.072  -4.809  10.277  1.00 32.52 ? 150 GLY A C   1 
ATOM   409  O O   . GLY A 1 57  ? 11.141  -5.344  10.619  1.00 32.91 ? 150 GLY A O   1 
ATOM   410  N N   . PHE A 1 58  ? 9.900   -4.263  9.086   1.00 26.83 ? 151 PHE A N   1 
ATOM   411  C CA  . PHE A 1 58  ? 10.897  -4.300  8.023   1.00 27.08 ? 151 PHE A CA  1 
ATOM   412  C C   . PHE A 1 58  ? 11.358  -2.875  7.784   1.00 27.73 ? 151 PHE A C   1 
ATOM   413  O O   . PHE A 1 58  ? 10.550  -1.877  7.640   1.00 27.61 ? 151 PHE A O   1 
ATOM   414  C CB  . PHE A 1 58  ? 10.374  -5.058  6.765   1.00 29.24 ? 151 PHE A CB  1 
ATOM   415  C CG  . PHE A 1 58  ? 11.392  -5.095  5.626   1.00 26.63 ? 151 PHE A CG  1 
ATOM   416  C CD1 . PHE A 1 58  ? 12.381  -6.008  5.653   1.00 30.72 ? 151 PHE A CD1 1 
ATOM   417  C CD2 . PHE A 1 58  ? 11.366  -4.145  4.598   1.00 30.79 ? 151 PHE A CD2 1 
ATOM   418  C CE1 . PHE A 1 58  ? 13.367  -6.064  4.668   1.00 33.11 ? 151 PHE A CE1 1 
ATOM   419  C CE2 . PHE A 1 58  ? 12.332  -4.213  3.534   1.00 32.37 ? 151 PHE A CE2 1 
ATOM   420  C CZ  . PHE A 1 58  ? 13.345  -5.180  3.631   1.00 33.95 ? 151 PHE A CZ  1 
ATOM   421  N N   . ASP A 1 59  ? 12.708  -2.695  7.723   1.00 28.22 ? 152 ASP A N   1 
ATOM   422  C CA  . ASP A 1 59  ? 13.292  -1.369  7.596   1.00 28.93 ? 152 ASP A CA  1 
ATOM   423  C C   . ASP A 1 59  ? 13.679  -1.056  6.137   1.00 28.20 ? 152 ASP A C   1 
ATOM   424  O O   . ASP A 1 59  ? 14.544  -1.748  5.547   1.00 28.76 ? 152 ASP A O   1 
ATOM   425  C CB  . ASP A 1 59  ? 14.531  -1.240  8.527   1.00 29.07 ? 152 ASP A CB  1 
ATOM   426  C CG  . ASP A 1 59  ? 15.153  0.155   8.512   1.00 33.81 ? 152 ASP A CG  1 
ATOM   427  O OD1 . ASP A 1 59  ? 14.697  1.152   7.850   1.00 31.73 ? 152 ASP A OD1 1 
ATOM   428  O OD2 . ASP A 1 59  ? 16.189  0.290   9.243   1.00 43.55 ? 152 ASP A OD2 1 
ATOM   429  N N   . ILE A 1 60  ? 13.006  -0.064  5.553   1.00 25.54 ? 153 ILE A N   1 
ATOM   430  C CA  . ILE A 1 60  ? 13.215  0.292   4.100   1.00 24.98 ? 153 ILE A CA  1 
ATOM   431  C C   . ILE A 1 60  ? 14.228  1.387   3.888   1.00 26.43 ? 153 ILE A C   1 
ATOM   432  O O   . ILE A 1 60  ? 14.454  1.797   2.778   1.00 27.50 ? 153 ILE A O   1 
ATOM   433  C CB  . ILE A 1 60  ? 11.908  0.679   3.387   1.00 25.51 ? 153 ILE A CB  1 
ATOM   434  C CG1 . ILE A 1 60  ? 11.285  1.977   3.954   1.00 27.46 ? 153 ILE A CG1 1 
ATOM   435  C CG2 . ILE A 1 60  ? 10.921  -0.431  3.314   1.00 27.27 ? 153 ILE A CG2 1 
ATOM   436  C CD1 . ILE A 1 60  ? 10.116  2.424   3.077   1.00 31.33 ? 153 ILE A CD1 1 
ATOM   437  N N   . LYS A 1 61  ? 14.827  1.903   4.937   1.00 28.30 ? 154 LYS A N   1 
ATOM   438  C CA  . LYS A 1 61  ? 15.561  3.160   4.818   1.00 29.08 ? 154 LYS A CA  1 
ATOM   439  C C   . LYS A 1 61  ? 16.713  3.051   3.766   1.00 26.37 ? 154 LYS A C   1 
ATOM   440  O O   . LYS A 1 61  ? 16.914  3.968   2.994   1.00 29.97 ? 154 LYS A O   1 
ATOM   441  C CB  . LYS A 1 61  ? 16.100  3.595   6.182   1.00 35.71 ? 154 LYS A CB  1 
ATOM   442  C CG  . LYS A 1 61  ? 17.553  3.990   6.279   1.00 50.98 ? 154 LYS A CG  1 
ATOM   443  C CD  . LYS A 1 61  ? 17.887  4.562   7.667   1.00 57.15 ? 154 LYS A CD  1 
ATOM   444  C CE  . LYS A 1 61  ? 17.937  3.494   8.754   1.00 60.17 ? 154 LYS A CE  1 
ATOM   445  N NZ  . LYS A 1 61  ? 19.171  2.647   8.695   1.00 63.72 ? 154 LYS A NZ  1 
ATOM   446  N N   . ASP A 1 62  ? 17.359  1.879   3.785   1.00 27.02 ? 155 ASP A N   1 
ATOM   447  C CA  . ASP A 1 62  ? 18.553  1.734   2.899   1.00 28.51 ? 155 ASP A CA  1 
ATOM   448  C C   . ASP A 1 62  ? 18.141  1.329   1.475   1.00 31.24 ? 155 ASP A C   1 
ATOM   449  O O   . ASP A 1 62  ? 18.990  1.213   0.577   1.00 28.16 ? 155 ASP A O   1 
ATOM   450  C CB  . ASP A 1 62  ? 19.531  0.685   3.451   1.00 32.62 ? 155 ASP A CB  1 
ATOM   451  C CG  . ASP A 1 62  ? 20.322  1.128   4.667   1.00 36.63 ? 155 ASP A CG  1 
ATOM   452  O OD1 . ASP A 1 62  ? 20.503  2.350   4.916   1.00 43.06 ? 155 ASP A OD1 1 
ATOM   453  O OD2 . ASP A 1 62  ? 20.790  0.174   5.314   1.00 40.94 ? 155 ASP A OD2 1 
ATOM   454  N N   . TYR A 1 63  ? 16.839  1.226   1.174   1.00 25.98 ? 156 TYR A N   1 
ATOM   455  C CA  . TYR A 1 63  ? 16.354  0.873   -0.169  1.00 25.52 ? 156 TYR A CA  1 
ATOM   456  C C   . TYR A 1 63  ? 15.478  1.915   -0.845  1.00 25.62 ? 156 TYR A C   1 
ATOM   457  O O   . TYR A 1 63  ? 15.237  1.903   -2.069  1.00 30.69 ? 156 TYR A O   1 
ATOM   458  C CB  . TYR A 1 63  ? 15.487  -0.350  -0.038  1.00 24.76 ? 156 TYR A CB  1 
ATOM   459  C CG  . TYR A 1 63  ? 16.085  -1.534  0.520   1.00 26.06 ? 156 TYR A CG  1 
ATOM   460  C CD1 . TYR A 1 63  ? 17.320  -1.994  0.025   1.00 34.91 ? 156 TYR A CD1 1 
ATOM   461  C CD2 . TYR A 1 63  ? 15.633  -2.038  1.676   1.00 30.22 ? 156 TYR A CD2 1 
ATOM   462  C CE1 . TYR A 1 63  ? 17.943  -3.049  0.598   1.00 39.26 ? 156 TYR A CE1 1 
ATOM   463  C CE2 . TYR A 1 63  ? 16.230  -3.130  2.301   1.00 33.94 ? 156 TYR A CE2 1 
ATOM   464  C CZ  . TYR A 1 63  ? 17.364  -3.673  1.694   1.00 44.63 ? 156 TYR A CZ  1 
ATOM   465  O OH  . TYR A 1 63  ? 17.994  -4.730  2.238   1.00 53.01 ? 156 TYR A OH  1 
ATOM   466  N N   . ILE A 1 64  ? 15.001  2.929   -0.108  1.00 24.69 ? 157 ILE A N   1 
ATOM   467  C CA  . ILE A 1 64  ? 14.187  3.981   -0.755  1.00 25.56 ? 157 ILE A CA  1 
ATOM   468  C C   . ILE A 1 64  ? 14.914  4.708   -1.845  1.00 31.52 ? 157 ILE A C   1 
ATOM   469  O O   . ILE A 1 64  ? 16.116  5.080   -1.640  1.00 33.08 ? 157 ILE A O   1 
ATOM   470  C CB  . ILE A 1 64  ? 13.741  5.068   0.254   1.00 29.86 ? 157 ILE A CB  1 
ATOM   471  C CG1 . ILE A 1 64  ? 12.671  4.501   1.154   1.00 36.83 ? 157 ILE A CG1 1 
ATOM   472  C CG2 . ILE A 1 64  ? 13.110  6.296   -0.407  1.00 33.65 ? 157 ILE A CG2 1 
ATOM   473  C CD1 . ILE A 1 64  ? 12.344  5.310   2.428   1.00 36.24 ? 157 ILE A CD1 1 
ATOM   474  N N   A CYS A 1 65  ? 14.275  4.874   -3.002  0.25 27.15 ? 158 CYS A N   1 
ATOM   475  N N   B CYS A 1 65  ? 14.263  4.924   -2.981  0.25 32.06 ? 158 CYS A N   1 
ATOM   476  C CA  A CYS A 1 65  ? 14.789  5.730   -4.064  0.25 27.31 ? 158 CYS A CA  1 
ATOM   477  C CA  B CYS A 1 65  ? 14.834  5.705   -4.069  0.25 35.93 ? 158 CYS A CA  1 
ATOM   478  C C   A CYS A 1 65  ? 13.910  6.966   -4.149  0.25 30.29 ? 158 CYS A C   1 
ATOM   479  C C   B CYS A 1 65  ? 13.954  6.939   -4.267  0.25 35.53 ? 158 CYS A C   1 
ATOM   480  O O   A CYS A 1 65  ? 12.668  6.874   -4.246  0.25 27.79 ? 158 CYS A O   1 
ATOM   481  O O   B CYS A 1 65  ? 12.750  6.803   -4.562  0.25 34.13 ? 158 CYS A O   1 
ATOM   482  C CB  A CYS A 1 65  ? 14.801  5.033   -5.404  0.25 25.16 ? 158 CYS A CB  1 
ATOM   483  C CB  B CYS A 1 65  ? 14.916  4.866   -5.333  0.25 39.92 ? 158 CYS A CB  1 
ATOM   484  S SG  A CYS A 1 65  ? 15.895  3.598   -5.501  0.25 23.52 ? 158 CYS A SG  1 
ATOM   485  S SG  B CYS A 1 65  ? 15.513  5.745   -6.792  0.25 51.88 ? 158 CYS A SG  1 
ATOM   486  N N   . LYS A 1 66  ? 14.544  8.127   -4.078  1.00 34.71 ? 159 LYS A N   1 
ATOM   487  C CA  . LYS A 1 66  ? 13.804  9.402   -4.077  1.00 36.69 ? 159 LYS A CA  1 
ATOM   488  C C   . LYS A 1 66  ? 12.777  9.671   -5.154  1.00 31.95 ? 159 LYS A C   1 
ATOM   489  O O   . LYS A 1 66  ? 11.679  10.213  -4.810  1.00 39.35 ? 159 LYS A O   1 
ATOM   490  C CB  . LYS A 1 66  ? 14.748  10.635  -4.014  1.00 40.36 ? 159 LYS A CB  1 
ATOM   491  C CG  . LYS A 1 66  ? 15.638  10.820  -5.229  1.00 47.27 ? 159 LYS A CG  1 
ATOM   492  N N   . ASP A 1 67  ? 13.040  9.242   -6.381  1.00 33.83 ? 160 ASP A N   1 
ATOM   493  C CA  . ASP A 1 67  ? 12.092  9.546   -7.471  1.00 39.72 ? 160 ASP A CA  1 
ATOM   494  C C   . ASP A 1 67  ? 11.152  8.410   -7.803  1.00 37.12 ? 160 ASP A C   1 
ATOM   495  O O   . ASP A 1 67  ? 10.395  8.543   -8.745  1.00 38.43 ? 160 ASP A O   1 
ATOM   496  C CB  . ASP A 1 67  ? 12.867  9.887   -8.736  1.00 49.97 ? 160 ASP A CB  1 
ATOM   497  C CG  . ASP A 1 67  ? 13.622  11.197  -8.589  1.00 61.01 ? 160 ASP A CG  1 
ATOM   498  O OD1 . ASP A 1 67  ? 13.109  12.118  -7.889  1.00 54.99 ? 160 ASP A OD1 1 
ATOM   499  O OD2 . ASP A 1 67  ? 14.732  11.265  -9.133  1.00 63.11 ? 160 ASP A OD2 1 
ATOM   500  N N   . ASP A 1 68  ? 11.162  7.318   -7.004  1.00 33.51 ? 161 ASP A N   1 
ATOM   501  C CA  . ASP A 1 68  ? 10.420  6.101   -7.392  1.00 30.28 ? 161 ASP A CA  1 
ATOM   502  C C   . ASP A 1 68  ? 9.241   5.950   -6.370  1.00 25.84 ? 161 ASP A C   1 
ATOM   503  O O   . ASP A 1 68  ? 9.356   5.348   -5.277  1.00 25.16 ? 161 ASP A O   1 
ATOM   504  C CB  . ASP A 1 68  ? 11.231  4.799   -7.324  1.00 28.26 ? 161 ASP A CB  1 
ATOM   505  C CG  . ASP A 1 68  ? 12.357  4.707   -8.350  1.00 33.65 ? 161 ASP A CG  1 
ATOM   506  O OD1 . ASP A 1 68  ? 12.461  5.578   -9.221  1.00 34.83 ? 161 ASP A OD1 1 
ATOM   507  O OD2 . ASP A 1 68  ? 13.091  3.691   -8.295  1.00 31.25 ? 161 ASP A OD2 1 
ATOM   508  N N   . TYR A 1 69  ? 8.105   6.539   -6.741  1.00 27.51 ? 162 TYR A N   1 
ATOM   509  C CA  . TYR A 1 69  ? 6.883   6.522   -5.892  1.00 26.39 ? 162 TYR A CA  1 
ATOM   510  C C   . TYR A 1 69  ? 5.649   6.710   -6.767  1.00 31.03 ? 162 TYR A C   1 
ATOM   511  O O   . TYR A 1 69  ? 5.748   7.200   -7.904  1.00 33.37 ? 162 TYR A O   1 
ATOM   512  C CB  . TYR A 1 69  ? 7.002   7.570   -4.769  1.00 26.82 ? 162 TYR A CB  1 
ATOM   513  C CG  . TYR A 1 69  ? 7.082   9.056   -5.255  1.00 30.60 ? 162 TYR A CG  1 
ATOM   514  C CD1 . TYR A 1 69  ? 5.955   9.755   -5.697  1.00 32.98 ? 162 TYR A CD1 1 
ATOM   515  C CD2 . TYR A 1 69  ? 8.328   9.701   -5.260  1.00 37.13 ? 162 TYR A CD2 1 
ATOM   516  C CE1 . TYR A 1 69  ? 6.054   11.067  -6.134  1.00 37.84 ? 162 TYR A CE1 1 
ATOM   517  C CE2 . TYR A 1 69  ? 8.429   11.038  -5.700  1.00 36.99 ? 162 TYR A CE2 1 
ATOM   518  C CZ  . TYR A 1 69  ? 7.285   11.690  -6.110  1.00 42.43 ? 162 TYR A CZ  1 
ATOM   519  O OH  . TYR A 1 69  ? 7.435   12.994  -6.536  1.00 50.17 ? 162 TYR A OH  1 
ATOM   520  N N   . ILE A 1 70  ? 4.492   6.360   -6.233  1.00 26.97 ? 163 ILE A N   1 
ATOM   521  C CA  . ILE A 1 70  ? 3.150   6.743   -6.777  1.00 30.70 ? 163 ILE A CA  1 
ATOM   522  C C   . ILE A 1 70  ? 2.454   7.560   -5.718  1.00 28.51 ? 163 ILE A C   1 
ATOM   523  O O   . ILE A 1 70  ? 2.437   7.239   -4.527  1.00 28.52 ? 163 ILE A O   1 
ATOM   524  C CB  . ILE A 1 70  ? 2.344   5.491   -7.017  1.00 38.12 ? 163 ILE A CB  1 
ATOM   525  C CG1 . ILE A 1 70  ? 2.940   4.834   -8.248  1.00 43.09 ? 163 ILE A CG1 1 
ATOM   526  C CG2 . ILE A 1 70  ? 0.867   5.791   -7.298  1.00 46.75 ? 163 ILE A CG2 1 
ATOM   527  C CD1 . ILE A 1 70  ? 2.508   3.376   -8.219  1.00 46.56 ? 163 ILE A CD1 1 
ATOM   528  N N   . GLU A 1 71  ? 1.877   8.669   -6.193  1.00 28.70 ? 164 GLU A N   1 
ATOM   529  C CA  . GLU A 1 71  ? 1.206   9.616   -5.320  1.00 31.28 ? 164 GLU A CA  1 
ATOM   530  C C   . GLU A 1 71  ? -0.249  9.880   -5.841  1.00 32.80 ? 164 GLU A C   1 
ATOM   531  O O   . GLU A 1 71  ? -0.416  10.025  -7.041  1.00 35.02 ? 164 GLU A O   1 
ATOM   532  C CB  . GLU A 1 71  ? 2.078   10.851  -5.333  1.00 36.40 ? 164 GLU A CB  1 
ATOM   533  C CG  . GLU A 1 71  ? 1.592   12.017  -4.539  1.00 48.25 ? 164 GLU A CG  1 
ATOM   534  C CD  . GLU A 1 71  ? 2.672   13.110  -4.526  1.00 52.89 ? 164 GLU A CD  1 
ATOM   535  O OE1 . GLU A 1 71  ? 2.820   13.820  -5.552  1.00 65.10 ? 164 GLU A OE1 1 
ATOM   536  O OE2 . GLU A 1 71  ? 3.378   13.207  -3.515  1.00 55.18 ? 164 GLU A OE2 1 
ATOM   537  N N   . LEU A 1 72  ? -1.236  9.847   -4.964  1.00 31.03 ? 165 LEU A N   1 
ATOM   538  C CA  . LEU A 1 72  ? -2.625  10.118  -5.259  1.00 31.43 ? 165 LEU A CA  1 
ATOM   539  C C   . LEU A 1 72  ? -3.236  11.143  -4.273  1.00 31.71 ? 165 LEU A C   1 
ATOM   540  O O   . LEU A 1 72  ? -3.088  11.100  -3.034  1.00 31.94 ? 165 LEU A O   1 
ATOM   541  C CB  . LEU A 1 72  ? -3.486  8.857   -5.159  1.00 33.39 ? 165 LEU A CB  1 
ATOM   542  C CG  . LEU A 1 72  ? -3.126  7.758   -6.142  1.00 34.75 ? 165 LEU A CG  1 
ATOM   543  C CD1 . LEU A 1 72  ? -3.978  6.517   -5.950  1.00 35.66 ? 165 LEU A CD1 1 
ATOM   544  C CD2 . LEU A 1 72  ? -3.365  8.247   -7.577  1.00 41.90 ? 165 LEU A CD2 1 
ATOM   545  N N   . ARG A 1 73  ? -4.119  11.974  -4.819  1.00 35.37 ? 166 ARG A N   1 
ATOM   546  C CA  . ARG A 1 73  ? -4.873  12.908  -3.961  1.00 36.59 ? 166 ARG A CA  1 
ATOM   547  C C   . ARG A 1 73  ? -6.305  12.402  -3.948  1.00 35.28 ? 166 ARG A C   1 
ATOM   548  O O   . ARG A 1 73  ? -6.950  12.369  -5.011  1.00 38.35 ? 166 ARG A O   1 
ATOM   549  C CB  . ARG A 1 73  ? -4.758  14.380  -4.503  1.00 40.08 ? 166 ARG A CB  1 
ATOM   550  C CG  . ARG A 1 73  ? -5.378  15.382  -3.542  1.00 44.10 ? 166 ARG A CG  1 
ATOM   551  C CD  . ARG A 1 73  ? -5.567  16.809  -4.099  1.00 47.89 ? 166 ARG A CD  1 
ATOM   552  N NE  . ARG A 1 73  ? -6.416  16.796  -5.321  1.00 43.55 ? 166 ARG A NE  1 
ATOM   553  C CZ  . ARG A 1 73  ? -6.107  17.425  -6.466  1.00 50.49 ? 166 ARG A CZ  1 
ATOM   554  N NH1 . ARG A 1 73  ? -5.042  18.214  -6.556  1.00 51.73 ? 166 ARG A NH1 1 
ATOM   555  N NH2 . ARG A 1 73  ? -6.904  17.334  -7.531  1.00 44.30 ? 166 ARG A NH2 1 
ATOM   556  N N   . ILE A 1 74  ? -6.799  11.952  -2.805  1.00 27.35 ? 167 ILE A N   1 
ATOM   557  C CA  . ILE A 1 74  ? -8.107  11.463  -2.679  1.00 32.92 ? 167 ILE A CA  1 
ATOM   558  C C   . ILE A 1 74  ? -8.825  12.286  -1.658  1.00 40.61 ? 167 ILE A C   1 
ATOM   559  O O   . ILE A 1 74  ? -8.352  12.350  -0.516  1.00 38.74 ? 167 ILE A O   1 
ATOM   560  C CB  . ILE A 1 74  ? -8.032  9.983   -2.207  1.00 39.80 ? 167 ILE A CB  1 
ATOM   561  C CG1 . ILE A 1 74  ? -7.491  9.159   -3.390  1.00 45.30 ? 167 ILE A CG1 1 
ATOM   562  C CG2 . ILE A 1 74  ? -9.402  9.448   -1.718  1.00 43.23 ? 167 ILE A CG2 1 
ATOM   563  C CD1 . ILE A 1 74  ? -7.139  7.765   -3.010  1.00 41.18 ? 167 ILE A CD1 1 
ATOM   564  N N   . ASN A 1 75  ? -9.906  13.002  -2.067  1.00 34.62 ? 168 ASN A N   1 
ATOM   565  C CA  . ASN A 1 75  ? -10.684 13.806  -1.129  1.00 38.99 ? 168 ASN A CA  1 
ATOM   566  C C   . ASN A 1 75  ? -9.818  14.828  -0.420  1.00 34.07 ? 168 ASN A C   1 
ATOM   567  O O   . ASN A 1 75  ? -9.913  15.001  0.790   1.00 42.13 ? 168 ASN A O   1 
ATOM   568  C CB  . ASN A 1 75  ? -11.426 12.920  -0.152  1.00 40.45 ? 168 ASN A CB  1 
ATOM   569  C CG  . ASN A 1 75  ? -12.557 12.178  -0.805  1.00 39.13 ? 168 ASN A CG  1 
ATOM   570  O OD1 . ASN A 1 75  ? -13.182 12.656  -1.779  1.00 43.98 ? 168 ASN A OD1 1 
ATOM   571  N ND2 . ASN A 1 75  ? -12.795 10.958  -0.334  1.00 44.05 ? 168 ASN A ND2 1 
ATOM   572  N N   . ASP A 1 76  ? -8.990  15.456  -1.221  1.00 35.74 ? 169 ASP A N   1 
ATOM   573  C CA  . ASP A 1 76  ? -8.113  16.550  -0.872  1.00 50.42 ? 169 ASP A CA  1 
ATOM   574  C C   . ASP A 1 76  ? -7.101  16.186  0.244   1.00 49.39 ? 169 ASP A C   1 
ATOM   575  O O   . ASP A 1 76  ? -6.746  16.986  1.101   1.00 50.08 ? 169 ASP A O   1 
ATOM   576  C CB  . ASP A 1 76  ? -8.944  17.830  -0.633  1.00 56.62 ? 169 ASP A CB  1 
ATOM   577  C CG  . ASP A 1 76  ? -8.457  19.014  -1.527  1.00 69.21 ? 169 ASP A CG  1 
ATOM   578  O OD1 . ASP A 1 76  ? -8.805  19.247  -2.829  1.00 46.98 ? 169 ASP A OD1 1 
ATOM   579  O OD2 . ASP A 1 76  ? -7.650  19.698  -0.842  1.00 60.90 ? 169 ASP A OD2 1 
ATOM   580  N N   . GLN A 1 77  ? -6.669  14.935  0.215   1.00 40.90 ? 170 GLN A N   1 
ATOM   581  C CA  . GLN A 1 77  ? -5.555  14.460  1.050   1.00 46.78 ? 170 GLN A CA  1 
ATOM   582  C C   . GLN A 1 77  ? -4.574  13.687  0.194   1.00 43.02 ? 170 GLN A C   1 
ATOM   583  O O   . GLN A 1 77  ? -4.969  12.856  -0.631  1.00 36.58 ? 170 GLN A O   1 
ATOM   584  C CB  . GLN A 1 77  ? -6.003  13.568  2.147   1.00 47.12 ? 170 GLN A CB  1 
ATOM   585  C CG  . GLN A 1 77  ? -4.954  13.598  3.242   1.00 55.67 ? 170 GLN A CG  1 
ATOM   586  C CD  . GLN A 1 77  ? -4.699  12.293  3.894   1.00 66.20 ? 170 GLN A CD  1 
ATOM   587  O OE1 . GLN A 1 77  ? -5.400  11.943  4.845   1.00 80.11 ? 170 GLN A OE1 1 
ATOM   588  N NE2 . GLN A 1 77  ? -3.601  11.605  3.469   1.00 59.21 ? 170 GLN A NE2 1 
ATOM   589  N N   . LEU A 1 78  ? -3.305  13.942  0.410   1.00 33.79 ? 171 LEU A N   1 
ATOM   590  C CA  . LEU A 1 78  ? -2.275  13.398  -0.456  1.00 36.55 ? 171 LEU A CA  1 
ATOM   591  C C   . LEU A 1 78  ? -1.573  12.176  0.154   1.00 32.43 ? 171 LEU A C   1 
ATOM   592  O O   . LEU A 1 78  ? -1.153  12.271  1.272   1.00 35.34 ? 171 LEU A O   1 
ATOM   593  C CB  . LEU A 1 78  ? -1.231  14.462  -0.639  1.00 42.59 ? 171 LEU A CB  1 
ATOM   594  C CG  . LEU A 1 78  ? -0.383  14.332  -1.863  1.00 51.95 ? 171 LEU A CG  1 
ATOM   595  C CD1 . LEU A 1 78  ? -1.062  15.119  -2.993  1.00 60.90 ? 171 LEU A CD1 1 
ATOM   596  C CD2 . LEU A 1 78  ? 0.997   14.880  -1.521  1.00 57.58 ? 171 LEU A CD2 1 
ATOM   597  N N   . ALA A 1 79  ? -1.536  11.018  -0.578  1.00 28.40 ? 172 ALA A N   1 
ATOM   598  C CA  . ALA A 1 79  ? -0.829  9.747   -0.108  1.00 29.09 ? 172 ALA A CA  1 
ATOM   599  C C   . ALA A 1 79  ? 0.251   9.407   -1.106  1.00 30.98 ? 172 ALA A C   1 
ATOM   600  O O   . ALA A 1 79  ? 0.004   9.291   -2.357  1.00 31.00 ? 172 ALA A O   1 
ATOM   601  C CB  . ALA A 1 79  ? -1.820  8.610   0.018   1.00 29.47 ? 172 ALA A CB  1 
ATOM   602  N N   . ARG A 1 80  ? 1.490   9.258   -0.629  1.00 26.77 ? 173 ARG A N   1 
ATOM   603  C CA  . ARG A 1 80  ? 2.609   8.973   -1.449  1.00 28.42 ? 173 ARG A CA  1 
ATOM   604  C C   . ARG A 1 80  ? 3.239   7.642   -0.983  1.00 24.15 ? 173 ARG A C   1 
ATOM   605  O O   . ARG A 1 80  ? 3.561   7.478   0.248   1.00 26.81 ? 173 ARG A O   1 
ATOM   606  C CB  . ARG A 1 80  ? 3.699   10.065  -1.423  1.00 28.47 ? 173 ARG A CB  1 
ATOM   607  C CG  . ARG A 1 80  ? 4.972   9.623   -2.201  1.00 29.06 ? 173 ARG A CG  1 
ATOM   608  C CD  . ARG A 1 80  ? 6.149   10.570  -2.010  1.00 31.60 ? 173 ARG A CD  1 
ATOM   609  N NE  . ARG A 1 80  ? 5.765   11.907  -2.475  1.00 38.05 ? 173 ARG A NE  1 
ATOM   610  C CZ  . ARG A 1 80  ? 6.557   12.976  -2.340  1.00 44.64 ? 173 ARG A CZ  1 
ATOM   611  N NH1 . ARG A 1 80  ? 7.753   12.869  -1.753  1.00 41.07 ? 173 ARG A NH1 1 
ATOM   612  N NH2 . ARG A 1 80  ? 6.111   14.153  -2.731  1.00 47.76 ? 173 ARG A NH2 1 
ATOM   613  N N   . LEU A 1 81  ? 3.360   6.646   -1.899  1.00 23.64 ? 174 LEU A N   1 
ATOM   614  C CA  . LEU A 1 81  ? 3.931   5.305   -1.538  1.00 22.23 ? 174 LEU A CA  1 
ATOM   615  C C   . LEU A 1 81  ? 5.198   5.094   -2.388  1.00 23.03 ? 174 LEU A C   1 
ATOM   616  O O   . LEU A 1 81  ? 5.154   5.041   -3.617  1.00 23.36 ? 174 LEU A O   1 
ATOM   617  C CB  . LEU A 1 81  ? 2.946   4.103   -1.887  1.00 23.17 ? 174 LEU A CB  1 
ATOM   618  C CG  . LEU A 1 81  ? 1.602   4.209   -1.123  1.00 26.42 ? 174 LEU A CG  1 
ATOM   619  C CD1 . LEU A 1 81  ? 0.729   3.068   -1.617  1.00 25.24 ? 174 LEU A CD1 1 
ATOM   620  C CD2 . LEU A 1 81  ? 1.769   4.156   0.423   1.00 28.40 ? 174 LEU A CD2 1 
ATOM   621  N N   . TYR A 1 82  ? 6.313   4.912   -1.688  1.00 22.77 ? 175 TYR A N   1 
ATOM   622  C CA  . TYR A 1 82  ? 7.580   4.637   -2.295  1.00 22.38 ? 175 TYR A CA  1 
ATOM   623  C C   . TYR A 1 82  ? 7.618   3.214   -2.793  1.00 23.47 ? 175 TYR A C   1 
ATOM   624  O O   . TYR A 1 82  ? 7.137   2.302   -2.079  1.00 22.62 ? 175 TYR A O   1 
ATOM   625  C CB  . TYR A 1 82  ? 8.764   4.961   -1.349  1.00 22.94 ? 175 TYR A CB  1 
ATOM   626  C CG  . TYR A 1 82  ? 8.934   6.403   -1.080  1.00 22.54 ? 175 TYR A CG  1 
ATOM   627  C CD1 . TYR A 1 82  ? 9.759   7.157   -1.960  1.00 26.29 ? 175 TYR A CD1 1 
ATOM   628  C CD2 . TYR A 1 82  ? 8.277   7.061   -0.034  1.00 27.20 ? 175 TYR A CD2 1 
ATOM   629  C CE1 . TYR A 1 82  ? 9.893   8.523   -1.768  1.00 29.83 ? 175 TYR A CE1 1 
ATOM   630  C CE2 . TYR A 1 82  ? 8.426   8.414   0.109   1.00 31.91 ? 175 TYR A CE2 1 
ATOM   631  C CZ  . TYR A 1 82  ? 9.267   9.105   -0.733  1.00 30.82 ? 175 TYR A CZ  1 
ATOM   632  O OH  . TYR A 1 82  ? 9.347   10.520  -0.572  1.00 35.83 ? 175 TYR A OH  1 
ATOM   633  N N   . ILE A 1 83  ? 8.107   2.998   -4.017  1.00 22.08 ? 176 ILE A N   1 
ATOM   634  C CA  . ILE A 1 83  ? 8.231   1.648   -4.584  1.00 22.50 ? 176 ILE A CA  1 
ATOM   635  C C   . ILE A 1 83  ? 9.524   0.953   -4.195  1.00 24.50 ? 176 ILE A C   1 
ATOM   636  O O   . ILE A 1 83  ? 10.586  1.502   -4.485  1.00 25.69 ? 176 ILE A O   1 
ATOM   637  C CB  . ILE A 1 83  ? 7.949   1.663   -6.113  1.00 24.89 ? 176 ILE A CB  1 
ATOM   638  C CG1 . ILE A 1 83  ? 6.494   2.177   -6.289  1.00 29.98 ? 176 ILE A CG1 1 
ATOM   639  C CG2 . ILE A 1 83  ? 8.023   0.277   -6.752  1.00 23.32 ? 176 ILE A CG2 1 
ATOM   640  C CD1 . ILE A 1 83  ? 6.273   2.936   -7.582  1.00 39.29 ? 176 ILE A CD1 1 
ATOM   641  N N   . ILE A 1 84  ? 9.431   -0.211  -3.566  1.00 22.67 ? 177 ILE A N   1 
ATOM   642  C CA  . ILE A 1 84  ? 10.576  -0.995  -3.023  1.00 21.20 ? 177 ILE A CA  1 
ATOM   643  C C   . ILE A 1 84  ? 10.594  -2.428  -3.587  1.00 20.88 ? 177 ILE A C   1 
ATOM   644  O O   . ILE A 1 84  ? 10.035  -3.330  -2.980  1.00 21.67 ? 177 ILE A O   1 
ATOM   645  C CB  . ILE A 1 84  ? 10.525  -1.065  -1.464  1.00 23.06 ? 177 ILE A CB  1 
ATOM   646  C CG1 . ILE A 1 84  ? 10.261  0.273   -0.854  1.00 25.47 ? 177 ILE A CG1 1 
ATOM   647  C CG2 . ILE A 1 84  ? 11.787  -1.758  -0.918  1.00 25.72 ? 177 ILE A CG2 1 
ATOM   648  C CD1 . ILE A 1 84  ? 11.434  1.279   -0.893  1.00 28.89 ? 177 ILE A CD1 1 
ATOM   649  N N   . PRO A 1 85  ? 11.217  -2.674  -4.731  1.00 20.89 ? 178 PRO A N   1 
ATOM   650  C CA  . PRO A 1 85  ? 11.189  -4.040  -5.327  1.00 20.77 ? 178 PRO A CA  1 
ATOM   651  C C   . PRO A 1 85  ? 12.221  -4.919  -4.765  1.00 22.98 ? 178 PRO A C   1 
ATOM   652  O O   . PRO A 1 85  ? 13.195  -4.450  -4.081  1.00 24.18 ? 178 PRO A O   1 
ATOM   653  C CB  . PRO A 1 85  ? 11.542  -3.779  -6.834  1.00 25.99 ? 178 PRO A CB  1 
ATOM   654  C CG  . PRO A 1 85  ? 11.567  -2.370  -6.976  1.00 27.99 ? 178 PRO A CG  1 
ATOM   655  C CD  . PRO A 1 85  ? 11.684  -1.671  -5.692  1.00 23.25 ? 178 PRO A CD  1 
ATOM   656  N N   . GLY A 1 86  ? 12.100  -6.181  -5.048  1.00 23.66 ? 179 GLY A N   1 
ATOM   657  C CA  . GLY A 1 86  ? 13.200  -7.142  -4.785  1.00 25.94 ? 179 GLY A CA  1 
ATOM   658  C C   . GLY A 1 86  ? 13.369  -7.669  -3.382  1.00 27.28 ? 179 GLY A C   1 
ATOM   659  O O   . GLY A 1 86  ? 14.491  -8.069  -2.968  1.00 29.15 ? 179 GLY A O   1 
ATOM   660  N N   . ILE A 1 87  ? 12.333  -7.586  -2.547  1.00 24.66 ? 180 ILE A N   1 
ATOM   661  C CA  . ILE A 1 87  ? 12.432  -8.027  -1.130  1.00 24.94 ? 180 ILE A CA  1 
ATOM   662  C C   . ILE A 1 87  ? 12.051  -9.545  -1.091  1.00 29.89 ? 180 ILE A C   1 
ATOM   663  O O   . ILE A 1 87  ? 10.971  -9.913  -1.532  1.00 26.34 ? 180 ILE A O   1 
ATOM   664  C CB  . ILE A 1 87  ? 11.514  -7.151  -0.219  1.00 24.14 ? 180 ILE A CB  1 
ATOM   665  C CG1 . ILE A 1 87  ? 11.890  -5.683  -0.329  1.00 24.62 ? 180 ILE A CG1 1 
ATOM   666  C CG2 . ILE A 1 87  ? 11.556  -7.619  1.196   1.00 26.64 ? 180 ILE A CG2 1 
ATOM   667  C CD1 . ILE A 1 87  ? 13.413  -5.372  -0.261  1.00 26.07 ? 180 ILE A CD1 1 
ATOM   668  N N   . PRO A 1 88  ? 12.919  -10.415 -0.514  1.00 31.52 ? 181 PRO A N   1 
ATOM   669  C CA  . PRO A 1 88  ? 12.618  -11.846 -0.572  1.00 31.89 ? 181 PRO A CA  1 
ATOM   670  C C   . PRO A 1 88  ? 11.337  -12.272 0.111   1.00 30.02 ? 181 PRO A C   1 
ATOM   671  O O   . PRO A 1 88  ? 10.956  -11.746 1.199   1.00 26.75 ? 181 PRO A O   1 
ATOM   672  C CB  . PRO A 1 88  ? 13.878  -12.543 0.066   1.00 38.33 ? 181 PRO A CB  1 
ATOM   673  C CG  . PRO A 1 88  ? 14.958  -11.502 0.033   1.00 41.27 ? 181 PRO A CG  1 
ATOM   674  C CD  . PRO A 1 88  ? 14.310  -10.133 -0.055  1.00 37.03 ? 181 PRO A CD  1 
ATOM   675  N N   . LYS A 1 89  ? 10.629  -13.179 -0.545  1.00 33.83 ? 182 LYS A N   1 
ATOM   676  C CA  . LYS A 1 89  ? 9.367   -13.652 -0.046  1.00 37.16 ? 182 LYS A CA  1 
ATOM   677  C C   . LYS A 1 89  ? 9.450   -14.380 1.263   1.00 36.56 ? 182 LYS A C   1 
ATOM   678  O O   . LYS A 1 89  ? 8.464   -14.445 1.972   1.00 44.85 ? 182 LYS A O   1 
ATOM   679  C CB  . LYS A 1 89  ? 8.602   -14.487 -1.103  1.00 47.05 ? 182 LYS A CB  1 
ATOM   680  C CG  . LYS A 1 89  ? 7.465   -13.694 -1.744  1.00 48.29 ? 182 LYS A CG  1 
ATOM   681  C CD  . LYS A 1 89  ? 6.381   -14.537 -2.398  1.00 49.65 ? 182 LYS A CD  1 
ATOM   682  C CE  . LYS A 1 89  ? 6.912   -15.578 -3.343  1.00 52.32 ? 182 LYS A CE  1 
ATOM   683  N NZ  . LYS A 1 89  ? 7.831   -15.097 -4.448  1.00 46.75 ? 182 LYS A NZ  1 
ATOM   684  N N   . ASP A 1 90  ? 10.615  -14.900 1.649   1.00 34.34 ? 183 ASP A N   1 
ATOM   685  C CA  . ASP A 1 90  ? 10.766  -15.459 3.016   1.00 41.15 ? 183 ASP A CA  1 
ATOM   686  C C   . ASP A 1 90  ? 11.201  -14.522 4.135   1.00 38.93 ? 183 ASP A C   1 
ATOM   687  O O   . ASP A 1 90  ? 11.462  -14.979 5.260   1.00 40.61 ? 183 ASP A O   1 
ATOM   688  C CB  . ASP A 1 90  ? 11.715  -16.657 2.973   1.00 45.21 ? 183 ASP A CB  1 
ATOM   689  C CG  . ASP A 1 90  ? 13.101  -16.279 2.520   1.00 52.33 ? 183 ASP A CG  1 
ATOM   690  O OD1 . ASP A 1 90  ? 13.454  -15.062 2.472   1.00 50.75 ? 183 ASP A OD1 1 
ATOM   691  O OD2 . ASP A 1 90  ? 13.859  -17.206 2.241   1.00 55.17 ? 183 ASP A OD2 1 
ATOM   692  N N   . THR A 1 91  ? 11.229  -13.211 3.901   1.00 34.61 ? 184 THR A N   1 
ATOM   693  C CA  . THR A 1 91  ? 11.390  -12.245 4.958   1.00 32.59 ? 184 THR A CA  1 
ATOM   694  C C   . THR A 1 91  ? 10.391  -12.394 6.091   1.00 34.35 ? 184 THR A C   1 
ATOM   695  O O   . THR A 1 91  ? 9.186   -12.590 5.883   1.00 40.21 ? 184 THR A O   1 
ATOM   696  C CB  . THR A 1 91  ? 11.315  -10.832 4.361   1.00 30.88 ? 184 THR A CB  1 
ATOM   697  O OG1 . THR A 1 91  ? 12.271  -10.728 3.251   1.00 31.17 ? 184 THR A OG1 1 
ATOM   698  C CG2 . THR A 1 91  ? 11.583  -9.751  5.385   1.00 32.29 ? 184 THR A CG2 1 
ATOM   699  N N   . LYS A 1 92  ? 10.857  -12.306 7.305   1.00 37.28 ? 185 LYS A N   1 
ATOM   700  C CA  . LYS A 1 92  ? 9.963   -12.397 8.468   1.00 43.07 ? 185 LYS A CA  1 
ATOM   701  C C   . LYS A 1 92  ? 9.452   -11.033 8.855   1.00 36.43 ? 185 LYS A C   1 
ATOM   702  O O   . LYS A 1 92  ? 10.205  -10.142 9.090   1.00 44.89 ? 185 LYS A O   1 
ATOM   703  C CB  . LYS A 1 92  ? 10.682  -13.136 9.657   1.00 47.20 ? 185 LYS A CB  1 
ATOM   704  C CG  . LYS A 1 92  ? 10.798  -14.641 9.417   1.00 45.38 ? 185 LYS A CG  1 
ATOM   705  C CD  . LYS A 1 92  ? 9.768   -15.290 8.463   1.00 54.13 ? 185 LYS A CD  1 
ATOM   706  N N   . PHE A 1 93  ? 8.132   -10.851 8.811   1.00 36.84 ? 186 PHE A N   1 
ATOM   707  C CA  . PHE A 1 93  ? 7.532   -9.570  9.028   1.00 33.50 ? 186 PHE A CA  1 
ATOM   708  C C   . PHE A 1 93  ? 6.737   -9.721  10.332  1.00 35.84 ? 186 PHE A C   1 
ATOM   709  O O   . PHE A 1 93  ? 6.008   -10.696 10.512  1.00 41.00 ? 186 PHE A O   1 
ATOM   710  C CB  . PHE A 1 93  ? 6.522   -9.189  7.912   1.00 30.62 ? 186 PHE A CB  1 
ATOM   711  C CG  . PHE A 1 93  ? 7.149   -8.978  6.555   1.00 29.24 ? 186 PHE A CG  1 
ATOM   712  C CD1 . PHE A 1 93  ? 7.876   -7.812  6.309   1.00 28.85 ? 186 PHE A CD1 1 
ATOM   713  C CD2 . PHE A 1 93  ? 7.010   -9.882  5.522   1.00 27.67 ? 186 PHE A CD2 1 
ATOM   714  C CE1 . PHE A 1 93  ? 8.462   -7.533  5.096   1.00 28.12 ? 186 PHE A CE1 1 
ATOM   715  C CE2 . PHE A 1 93  ? 7.622   -9.622  4.273   1.00 28.90 ? 186 PHE A CE2 1 
ATOM   716  C CZ  . PHE A 1 93  ? 8.357   -8.461  4.054   1.00 26.95 ? 186 PHE A CZ  1 
ATOM   717  N N   . ASN A 1 94  ? 6.774   -8.706  11.154  1.00 36.41 ? 187 ASN A N   1 
ATOM   718  C CA  . ASN A 1 94  ? 6.084   -8.671  12.456  1.00 42.95 ? 187 ASN A CA  1 
ATOM   719  C C   . ASN A 1 94  ? 5.749   -7.274  12.881  1.00 35.91 ? 187 ASN A C   1 
ATOM   720  O O   . ASN A 1 94  ? 6.633   -6.433  13.027  1.00 37.05 ? 187 ASN A O   1 
ATOM   721  C CB  . ASN A 1 94  ? 7.010   -9.307  13.452  1.00 46.55 ? 187 ASN A CB  1 
ATOM   722  C CG  . ASN A 1 94  ? 6.716   -10.779 13.584  1.00 66.81 ? 187 ASN A CG  1 
ATOM   723  O OD1 . ASN A 1 94  ? 7.507   -11.642 13.149  1.00 67.17 ? 187 ASN A OD1 1 
ATOM   724  N ND2 . ASN A 1 94  ? 5.508   -11.080 14.104  1.00 64.76 ? 187 ASN A ND2 1 
ATOM   725  N N   . PRO A 1 95  ? 4.452   -6.955  12.988  1.00 36.94 ? 188 PRO A N   1 
ATOM   726  C CA  . PRO A 1 95  ? 4.187   -5.588  13.457  1.00 34.18 ? 188 PRO A CA  1 
ATOM   727  C C   . PRO A 1 95  ? 4.738   -5.263  14.845  1.00 42.55 ? 188 PRO A C   1 
ATOM   728  O O   . PRO A 1 95  ? 4.881   -6.130  15.711  1.00 43.28 ? 188 PRO A O   1 
ATOM   729  C CB  . PRO A 1 95  ? 2.659   -5.506  13.442  1.00 40.17 ? 188 PRO A CB  1 
ATOM   730  C CG  . PRO A 1 95  ? 2.284   -6.941  13.649  1.00 42.32 ? 188 PRO A CG  1 
ATOM   731  C CD  . PRO A 1 95  ? 3.201   -7.720  12.839  1.00 46.19 ? 188 PRO A CD  1 
ATOM   732  N N   . LYS A 1 96  ? 4.921   -3.978  15.081  1.00 41.35 ? 189 LYS A N   1 
ATOM   733  C CA  . LYS A 1 96  ? 5.292   -3.479  16.389  1.00 47.58 ? 189 LYS A CA  1 
ATOM   734  C C   . LYS A 1 96  ? 4.080   -3.528  17.339  1.00 55.52 ? 189 LYS A C   1 
ATOM   735  O O   . LYS A 1 96  ? 4.247   -3.864  18.504  1.00 46.94 ? 189 LYS A O   1 
ATOM   736  C CB  . LYS A 1 96  ? 5.709   -2.022  16.331  1.00 56.56 ? 189 LYS A CB  1 
ATOM   737  C CG  . LYS A 1 96  ? 6.919   -1.721  15.441  1.00 69.99 ? 189 LYS A CG  1 
ATOM   738  C CD  . LYS A 1 96  ? 8.198   -2.458  15.785  1.00 73.21 ? 189 LYS A CD  1 
ATOM   739  C CE  . LYS A 1 96  ? 8.392   -3.710  14.947  1.00 67.64 ? 189 LYS A CE  1 
ATOM   740  N NZ  . LYS A 1 96  ? 9.750   -4.270  15.235  1.00 64.91 ? 189 LYS A NZ  1 
ATOM   741  N N   . THR A 1 97  ? 2.901   -3.143  16.849  0.50 55.84 ? 190 THR A N   1 
ATOM   742  C CA  . THR A 1 97  ? 1.686   -3.060  17.664  0.50 56.87 ? 190 THR A CA  1 
ATOM   743  C C   . THR A 1 97  ? 0.581   -3.877  17.015  0.50 52.63 ? 190 THR A C   1 
ATOM   744  O O   . THR A 1 97  ? 0.006   -3.488  15.990  0.50 47.99 ? 190 THR A O   1 
ATOM   745  C CB  . THR A 1 97  ? 1.194   -1.604  17.778  0.50 57.43 ? 190 THR A CB  1 
ATOM   746  O OG1 . THR A 1 97  ? 2.301   -0.741  18.061  0.50 63.23 ? 190 THR A OG1 1 
ATOM   747  C CG2 . THR A 1 97  ? 0.133   -1.470  18.858  0.50 53.33 ? 190 THR A CG2 1 
ATOM   748  N N   . ARG A 1 98  ? 0.286   -5.007  17.613  0.50 49.46 ? 191 ARG A N   1 
ATOM   749  C CA  . ARG A 1 98  ? -0.815  -5.825  17.137  0.50 48.41 ? 191 ARG A CA  1 
ATOM   750  C C   . ARG A 1 98  ? -2.180  -5.340  17.647  0.50 41.10 ? 191 ARG A C   1 
ATOM   751  O O   . ARG A 1 98  ? -3.206  -5.900  17.275  0.50 35.89 ? 191 ARG A O   1 
ATOM   752  C CB  . ARG A 1 98  ? -0.542  -7.325  17.329  0.50 51.42 ? 191 ARG A CB  1 
ATOM   753  C CG  . ARG A 1 98  ? 0.340   -7.851  16.182  0.50 48.77 ? 191 ARG A CG  1 
ATOM   754  C CD  . ARG A 1 98  ? 0.070   -9.283  15.735  0.50 46.68 ? 191 ARG A CD  1 
ATOM   755  N NE  . ARG A 1 98  ? -1.280  -9.517  15.209  0.50 40.00 ? 191 ARG A NE  1 
ATOM   756  C CZ  . ARG A 1 98  ? -1.926  -10.680 15.356  0.50 42.90 ? 191 ARG A CZ  1 
ATOM   757  N NH1 . ARG A 1 98  ? -1.367  -11.676 16.039  0.50 41.06 ? 191 ARG A NH1 1 
ATOM   758  N NH2 . ARG A 1 98  ? -3.142  -10.848 14.871  0.50 39.12 ? 191 ARG A NH2 1 
ATOM   759  N N   . ARG A 1 99  ? -2.198  -4.255  18.424  1.00 39.90 ? 192 ARG A N   1 
ATOM   760  C CA  . ARG A 1 99  ? -3.419  -3.514  18.672  1.00 35.01 ? 192 ARG A CA  1 
ATOM   761  C C   . ARG A 1 99  ? -3.799  -2.722  17.443  1.00 29.53 ? 192 ARG A C   1 
ATOM   762  O O   . ARG A 1 99  ? -4.933  -2.243  17.322  1.00 28.20 ? 192 ARG A O   1 
ATOM   763  C CB  . ARG A 1 99  ? -3.263  -2.561  19.931  1.00 40.91 ? 192 ARG A CB  1 
ATOM   764  C CG  . ARG A 1 99  ? -2.979  -3.257  21.246  1.00 46.48 ? 192 ARG A CG  1 
ATOM   765  C CD  . ARG A 1 99  ? -2.581  -2.180  22.296  1.00 57.61 ? 192 ARG A CD  1 
ATOM   766  N NE  . ARG A 1 99  ? -3.447  -2.300  23.439  1.00 68.17 ? 192 ARG A NE  1 
ATOM   767  C CZ  . ARG A 1 99  ? -3.371  -3.253  24.355  1.00 65.34 ? 192 ARG A CZ  1 
ATOM   768  N NH1 . ARG A 1 99  ? -2.402  -4.154  24.341  1.00 79.96 ? 192 ARG A NH1 1 
ATOM   769  N NH2 . ARG A 1 99  ? -4.265  -3.277  25.315  1.00 57.56 ? 192 ARG A NH2 1 
ATOM   770  N N   . GLU A 1 100 ? -2.870  -2.584  16.385  1.00 30.28 ? 193 GLU A N   1 
ATOM   771  C CA  . GLU A 1 100 ? -3.243  -1.889  15.172  1.00 30.28 ? 193 GLU A CA  1 
ATOM   772  C C   . GLU A 1 100 ? -3.295  -2.771  13.872  1.00 24.19 ? 193 GLU A C   1 
ATOM   773  O O   . GLU A 1 100 ? -4.051  -2.485  12.988  1.00 27.72 ? 193 GLU A O   1 
ATOM   774  C CB  . GLU A 1 100 ? -2.212  -0.736  14.945  1.00 41.76 ? 193 GLU A CB  1 
ATOM   775  C CG  . GLU A 1 100 ? -2.058  0.120   16.229  1.00 50.71 ? 193 GLU A CG  1 
ATOM   776  C CD  . GLU A 1 100 ? -1.250  1.391   16.036  1.00 69.12 ? 193 GLU A CD  1 
ATOM   777  O OE1 . GLU A 1 100 ? -1.720  2.221   15.212  1.00 68.47 ? 193 GLU A OE1 1 
ATOM   778  O OE2 . GLU A 1 100 ? -0.174  1.549   16.713  1.00 73.07 ? 193 GLU A OE2 1 
ATOM   779  N N   . ILE A 1 101 ? -2.497  -3.809  13.884  1.00 22.62 ? 194 ILE A N   1 
ATOM   780  C CA  . ILE A 1 101 ? -2.301  -4.711  12.681  1.00 25.19 ? 194 ILE A CA  1 
ATOM   781  C C   . ILE A 1 101 ? -2.715  -6.141  12.967  1.00 26.48 ? 194 ILE A C   1 
ATOM   782  O O   . ILE A 1 101 ? -2.098  -6.819  13.819  1.00 25.14 ? 194 ILE A O   1 
ATOM   783  C CB  . ILE A 1 101 ? -0.858  -4.650  12.107  1.00 25.29 ? 194 ILE A CB  1 
ATOM   784  C CG1 . ILE A 1 101 ? -0.458  -3.203  11.620  1.00 27.05 ? 194 ILE A CG1 1 
ATOM   785  C CG2 . ILE A 1 101 ? -0.708  -5.635  10.931  1.00 24.52 ? 194 ILE A CG2 1 
ATOM   786  C CD1 . ILE A 1 101 ? -1.285  -2.518  10.566  1.00 27.48 ? 194 ILE A CD1 1 
ATOM   787  N N   . ARG A 1 102 ? -3.780  -6.598  12.251  1.00 23.25 ? 195 ARG A N   1 
ATOM   788  C CA  . ARG A 1 102 ? -4.234  -8.011  12.363  1.00 24.91 ? 195 ARG A CA  1 
ATOM   789  C C   . ARG A 1 102 ? -3.392  -9.034  11.698  1.00 27.59 ? 195 ARG A C   1 
ATOM   790  O O   . ARG A 1 102 ? -3.047  -10.069 12.285  1.00 27.11 ? 195 ARG A O   1 
ATOM   791  C CB  . ARG A 1 102 ? -5.682  -8.155  11.870  1.00 25.39 ? 195 ARG A CB  1 
ATOM   792  C CG  . ARG A 1 102 ? -6.339  -9.480  12.268  1.00 24.59 ? 195 ARG A CG  1 
ATOM   793  C CD  . ARG A 1 102 ? -7.587  -9.859  11.534  1.00 23.01 ? 195 ARG A CD  1 
ATOM   794  N NE  . ARG A 1 102 ? -8.678  -8.982  11.799  1.00 23.80 ? 195 ARG A NE  1 
ATOM   795  C CZ  . ARG A 1 102 ? -9.499  -9.040  12.883  1.00 25.10 ? 195 ARG A CZ  1 
ATOM   796  N NH1 . ARG A 1 102 ? -9.348  -10.058 13.778  1.00 22.44 ? 195 ARG A NH1 1 
ATOM   797  N NH2 . ARG A 1 102 ? -10.455 -8.126  13.020  1.00 26.67 ? 195 ARG A NH2 1 
ATOM   798  N N   . ASN A 1 103 ? -2.911  -8.728  10.462  1.00 24.39 ? 196 ASN A N   1 
ATOM   799  C CA  . ASN A 1 103 ? -2.224  -9.720  9.659   1.00 24.29 ? 196 ASN A CA  1 
ATOM   800  C C   . ASN A 1 103 ? -1.427  -8.996  8.539   1.00 26.06 ? 196 ASN A C   1 
ATOM   801  O O   . ASN A 1 103 ? -1.699  -7.835  8.260   1.00 23.11 ? 196 ASN A O   1 
ATOM   802  C CB  . ASN A 1 103 ? -3.276  -10.680 9.015   1.00 25.03 ? 196 ASN A CB  1 
ATOM   803  C CG  . ASN A 1 103 ? -2.720  -12.033 8.668   1.00 29.39 ? 196 ASN A CG  1 
ATOM   804  O OD1 . ASN A 1 103 ? -1.490  -12.261 8.758   1.00 30.73 ? 196 ASN A OD1 1 
ATOM   805  N ND2 . ASN A 1 103 ? -3.604  -12.923 8.108   1.00 32.48 ? 196 ASN A ND2 1 
ATOM   806  N N   . ILE A 1 104 ? -0.487  -9.713  7.981   1.00 24.44 ? 197 ILE A N   1 
ATOM   807  C CA  . ILE A 1 104 ? 0.498   -9.248  6.946   1.00 23.42 ? 197 ILE A CA  1 
ATOM   808  C C   . ILE A 1 104 ? 0.614   -10.373 5.952   1.00 23.92 ? 197 ILE A C   1 
ATOM   809  O O   . ILE A 1 104 ? 1.016   -11.454 6.332   1.00 27.66 ? 197 ILE A O   1 
ATOM   810  C CB  . ILE A 1 104 ? 1.911   -8.882  7.530   1.00 23.09 ? 197 ILE A CB  1 
ATOM   811  C CG1 . ILE A 1 104 ? 1.827   -7.726  8.562   1.00 25.41 ? 197 ILE A CG1 1 
ATOM   812  C CG2 . ILE A 1 104 ? 2.786   -8.334  6.390   1.00 22.80 ? 197 ILE A CG2 1 
ATOM   813  C CD1 . ILE A 1 104 ? 3.053   -7.441  9.438   1.00 31.83 ? 197 ILE A CD1 1 
ATOM   814  N N   . GLU A 1 105 ? 0.429   -10.108 4.663   1.00 22.36 ? 198 GLU A N   1 
ATOM   815  C CA  . GLU A 1 105 ? 0.411   -11.207 3.661   1.00 23.77 ? 198 GLU A CA  1 
ATOM   816  C C   . GLU A 1 105 ? 0.907   -10.672 2.315   1.00 22.65 ? 198 GLU A C   1 
ATOM   817  O O   . GLU A 1 105 ? 0.629   -9.535  1.902   1.00 21.33 ? 198 GLU A O   1 
ATOM   818  C CB  . GLU A 1 105 ? -0.969  -11.882 3.467   1.00 27.05 ? 198 GLU A CB  1 
ATOM   819  C CG  . GLU A 1 105 ? -1.446  -12.822 4.583   1.00 29.76 ? 198 GLU A CG  1 
ATOM   820  C CD  . GLU A 1 105 ? -2.840  -13.442 4.302   1.00 36.25 ? 198 GLU A CD  1 
ATOM   821  O OE1 . GLU A 1 105 ? -3.373  -13.388 3.188   1.00 35.82 ? 198 GLU A OE1 1 
ATOM   822  O OE2 . GLU A 1 105 ? -3.434  -14.002 5.251   1.00 50.88 ? 198 GLU A OE2 1 
ATOM   823  N N   . TRP A 1 106 ? 1.497   -11.561 1.491   1.00 21.26 ? 199 TRP A N   1 
ATOM   824  C CA  . TRP A 1 106 ? 1.796   -11.302 0.092   1.00 20.53 ? 199 TRP A CA  1 
ATOM   825  C C   . TRP A 1 106 ? 0.526   -11.615 -0.766  1.00 22.65 ? 199 TRP A C   1 
ATOM   826  O O   . TRP A 1 106 ? -0.164  -12.678 -0.544  1.00 24.93 ? 199 TRP A O   1 
ATOM   827  C CB  . TRP A 1 106 ? 2.943   -12.269 -0.382  1.00 24.65 ? 199 TRP A CB  1 
ATOM   828  C CG  . TRP A 1 106 ? 4.289   -11.964 0.163   1.00 22.12 ? 199 TRP A CG  1 
ATOM   829  C CD1 . TRP A 1 106 ? 4.931   -12.637 1.184   1.00 29.43 ? 199 TRP A CD1 1 
ATOM   830  C CD2 . TRP A 1 106 ? 5.199   -10.902 -0.248  1.00 22.20 ? 199 TRP A CD2 1 
ATOM   831  N NE1 . TRP A 1 106 ? 6.179   -12.093 1.412   1.00 29.46 ? 199 TRP A NE1 1 
ATOM   832  C CE2 . TRP A 1 106 ? 6.343   -10.989 0.607   1.00 24.50 ? 199 TRP A CE2 1 
ATOM   833  C CE3 . TRP A 1 106 ? 5.130   -9.844  -1.170  1.00 23.16 ? 199 TRP A CE3 1 
ATOM   834  C CZ2 . TRP A 1 106 ? 7.471   -10.132 0.475   1.00 24.71 ? 199 TRP A CZ2 1 
ATOM   835  C CZ3 . TRP A 1 106 ? 6.218   -8.996  -1.299  1.00 23.38 ? 199 TRP A CZ3 1 
ATOM   836  C CH2 . TRP A 1 106 ? 7.363   -9.109  -0.458  1.00 26.16 ? 199 TRP A CH2 1 
ATOM   837  N N   . PHE A 1 107 ? 0.285   -10.782 -1.772  1.00 22.58 ? 200 PHE A N   1 
ATOM   838  C CA  . PHE A 1 107 ? -0.834  -10.931 -2.740  1.00 21.87 ? 200 PHE A CA  1 
ATOM   839  C C   . PHE A 1 107 ? -0.315  -10.839 -4.165  1.00 26.13 ? 200 PHE A C   1 
ATOM   840  O O   . PHE A 1 107 ? 0.569   -9.979  -4.495  1.00 23.94 ? 200 PHE A O   1 
ATOM   841  C CB  . PHE A 1 107 ? -2.013  -9.893  -2.509  1.00 24.23 ? 200 PHE A CB  1 
ATOM   842  C CG  . PHE A 1 107 ? -2.803  -10.098 -1.213  1.00 22.81 ? 200 PHE A CG  1 
ATOM   843  C CD1 . PHE A 1 107 ? -2.330  -9.622  0.030   1.00 25.95 ? 200 PHE A CD1 1 
ATOM   844  C CD2 . PHE A 1 107 ? -3.922  -10.944 -1.206  1.00 25.25 ? 200 PHE A CD2 1 
ATOM   845  C CE1 . PHE A 1 107 ? -3.050  -9.897  1.206   1.00 27.15 ? 200 PHE A CE1 1 
ATOM   846  C CE2 . PHE A 1 107 ? -4.600  -11.203 -0.039  1.00 24.13 ? 200 PHE A CE2 1 
ATOM   847  C CZ  . PHE A 1 107 ? -4.165  -10.679 1.150   1.00 24.59 ? 200 PHE A CZ  1 
ATOM   848  N N   . SER A 1 108 ? -0.807  -11.746 -5.077  1.00 25.25 ? 201 SER A N   1 
ATOM   849  C CA  . SER A 1 108 ? -0.492  -11.657 -6.529  1.00 26.22 ? 201 SER A CA  1 
ATOM   850  C C   . SER A 1 108 ? -1.025  -10.351 -7.082  1.00 22.53 ? 201 SER A C   1 
ATOM   851  O O   . SER A 1 108 ? -2.269  -10.129 -7.033  1.00 25.94 ? 201 SER A O   1 
ATOM   852  C CB  . SER A 1 108 ? -1.152  -12.835 -7.334  1.00 27.09 ? 201 SER A CB  1 
ATOM   853  O OG  . SER A 1 108 ? -1.175  -12.494 -8.680  1.00 30.53 ? 201 SER A OG  1 
ATOM   854  N N   . ILE A 1 109 ? -0.198  -9.535  -7.731  1.00 21.47 ? 202 ILE A N   1 
ATOM   855  C CA  . ILE A 1 109 ? -0.659  -8.295  -8.328  1.00 22.87 ? 202 ILE A CA  1 
ATOM   856  C C   . ILE A 1 109 ? -1.667  -8.538  -9.458  1.00 30.44 ? 202 ILE A C   1 
ATOM   857  O O   . ILE A 1 109 ? -2.658  -7.798  -9.651  1.00 29.42 ? 202 ILE A O   1 
ATOM   858  C CB  . ILE A 1 109 ? 0.523   -7.406  -8.849  1.00 30.77 ? 202 ILE A CB  1 
ATOM   859  C CG1 . ILE A 1 109 ? 1.443   -6.948  -7.783  1.00 35.98 ? 202 ILE A CG1 1 
ATOM   860  C CG2 . ILE A 1 109 ? -0.005  -6.115  -9.452  1.00 35.88 ? 202 ILE A CG2 1 
ATOM   861  C CD1 . ILE A 1 109 ? 2.795   -6.494  -8.356  1.00 41.75 ? 202 ILE A CD1 1 
ATOM   862  N N   . GLU A 1 110 ? -1.488  -9.633  -10.227 1.00 26.11 ? 203 GLU A N   1 
ATOM   863  C CA  . GLU A 1 110 ? -2.411  -9.761  -11.350 1.00 29.15 ? 203 GLU A CA  1 
ATOM   864  C C   . GLU A 1 110 ? -3.822  -10.173 -10.930 1.00 27.69 ? 203 GLU A C   1 
ATOM   865  O O   . GLU A 1 110 ? -4.775  -9.907  -11.710 1.00 29.85 ? 203 GLU A O   1 
ATOM   866  C CB  . GLU A 1 110 ? -1.811  -10.659 -12.428 1.00 33.36 ? 203 GLU A CB  1 
ATOM   867  C CG  . GLU A 1 110 ? -1.751  -12.061 -12.094 1.00 38.28 ? 203 GLU A CG  1 
ATOM   868  C CD  . GLU A 1 110 ? -1.079  -12.837 -13.246 1.00 50.98 ? 203 GLU A CD  1 
ATOM   869  O OE1 . GLU A 1 110 ? -0.495  -12.245 -14.195 1.00 55.11 ? 203 GLU A OE1 1 
ATOM   870  O OE2 . GLU A 1 110 ? -1.194  -14.039 -13.228 1.00 46.55 ? 203 GLU A OE2 1 
ATOM   871  N N   . LYS A 1 111 ? -3.959  -10.735 -9.707  1.00 25.58 ? 204 LYS A N   1 
ATOM   872  C CA  . LYS A 1 111 ? -5.272  -11.202 -9.181  1.00 26.31 ? 204 LYS A CA  1 
ATOM   873  C C   . LYS A 1 111 ? -6.022  -10.095 -8.371  1.00 24.77 ? 204 LYS A C   1 
ATOM   874  O O   . LYS A 1 111 ? -7.214  -10.229 -8.150  1.00 28.56 ? 204 LYS A O   1 
ATOM   875  C CB  . LYS A 1 111 ? -5.121  -12.364 -8.316  1.00 33.30 ? 204 LYS A CB  1 
ATOM   876  C CG  . LYS A 1 111 ? -4.633  -13.623 -9.052  1.00 35.58 ? 204 LYS A CG  1 
ATOM   877  C CD  . LYS A 1 111 ? -4.733  -14.694 -8.007  1.00 46.44 ? 204 LYS A CD  1 
ATOM   878  C CE  . LYS A 1 111 ? -4.371  -16.053 -8.542  1.00 56.33 ? 204 LYS A CE  1 
ATOM   879  N NZ  . LYS A 1 111 ? -4.468  -16.907 -7.320  1.00 70.98 ? 204 LYS A NZ  1 
ATOM   880  N N   . LEU A 1 112 ? -5.290  -9.041  -7.983  1.00 24.73 ? 205 LEU A N   1 
ATOM   881  C CA  . LEU A 1 112 ? -5.904  -7.961  -7.234  1.00 22.91 ? 205 LEU A CA  1 
ATOM   882  C C   . LEU A 1 112 ? -6.852  -7.186  -8.109  1.00 25.43 ? 205 LEU A C   1 
ATOM   883  O O   . LEU A 1 112 ? -6.588  -6.942  -9.319  1.00 29.81 ? 205 LEU A O   1 
ATOM   884  C CB  . LEU A 1 112 ? -4.798  -7.004  -6.670  1.00 22.89 ? 205 LEU A CB  1 
ATOM   885  C CG  . LEU A 1 112 ? -4.083  -7.535  -5.436  1.00 23.07 ? 205 LEU A CG  1 
ATOM   886  C CD1 . LEU A 1 112 ? -2.868  -6.675  -5.038  1.00 23.20 ? 205 LEU A CD1 1 
ATOM   887  C CD2 . LEU A 1 112 ? -4.936  -7.752  -4.173  1.00 25.13 ? 205 LEU A CD2 1 
ATOM   888  N N   . PRO A 1 113 ? -7.955  -6.719  -7.539  1.00 25.12 ? 206 PRO A N   1 
ATOM   889  C CA  . PRO A 1 113 ? -8.792  -5.840  -8.296  1.00 27.89 ? 206 PRO A CA  1 
ATOM   890  C C   . PRO A 1 113 ? -8.244  -4.415  -8.528  1.00 29.51 ? 206 PRO A C   1 
ATOM   891  O O   . PRO A 1 113 ? -7.533  -3.905  -7.637  1.00 27.34 ? 206 PRO A O   1 
ATOM   892  C CB  . PRO A 1 113 ? -10.075 -5.769  -7.394  1.00 25.88 ? 206 PRO A CB  1 
ATOM   893  C CG  . PRO A 1 113 ? -9.523  -5.904  -6.030  1.00 30.63 ? 206 PRO A CG  1 
ATOM   894  C CD  . PRO A 1 113 ? -8.430  -6.947  -6.171  1.00 29.68 ? 206 PRO A CD  1 
ATOM   895  N N   . CYS A 1 114 ? -8.612  -3.799  -9.651  1.00 30.42 ? 207 CYS A N   1 
ATOM   896  C CA  . CYS A 1 114 ? -8.254  -2.382  -9.913  1.00 31.30 ? 207 CYS A CA  1 
ATOM   897  C C   . CYS A 1 114 ? -9.501  -1.431  -9.905  1.00 34.96 ? 207 CYS A C   1 
ATOM   898  O O   . CYS A 1 114 ? -9.320  -0.221  -10.027 1.00 36.80 ? 207 CYS A O   1 
ATOM   899  C CB  . CYS A 1 114 ? -7.394  -2.182  -11.108 1.00 33.31 ? 207 CYS A CB  1 
ATOM   900  S SG  . CYS A 1 114 ? -8.243  -2.650  -12.670 1.00 44.90 ? 207 CYS A SG  1 
ATOM   901  N N   . HIS A 1 115 ? -10.657 -1.994  -9.545  1.00 33.31 ? 208 HIS A N   1 
ATOM   902  C CA  . HIS A 1 115 ? -11.938 -1.249  -9.271  1.00 35.66 ? 208 HIS A CA  1 
ATOM   903  C C   . HIS A 1 115 ? -12.878 -2.093  -8.491  1.00 37.16 ? 208 HIS A C   1 
ATOM   904  O O   . HIS A 1 115 ? -12.704 -3.302  -8.446  1.00 34.45 ? 208 HIS A O   1 
ATOM   905  C CB  . HIS A 1 115 ? -12.516 -0.805  -10.593 1.00 41.27 ? 208 HIS A CB  1 
ATOM   906  C CG  . HIS A 1 115 ? -12.880 -1.940  -11.490 1.00 38.24 ? 208 HIS A CG  1 
ATOM   907  N ND1 . HIS A 1 115 ? -14.045 -2.652  -11.323 1.00 41.70 ? 208 HIS A ND1 1 
ATOM   908  C CD2 . HIS A 1 115 ? -12.184 -2.580  -12.457 1.00 43.11 ? 208 HIS A CD2 1 
ATOM   909  C CE1 . HIS A 1 115 ? -14.095 -3.634  -12.203 1.00 37.75 ? 208 HIS A CE1 1 
ATOM   910  N NE2 . HIS A 1 115 ? -12.977 -3.617  -12.902 1.00 42.40 ? 208 HIS A NE2 1 
ATOM   911  N N   A ARG A 1 116 ? -13.885 -1.496  -7.825  0.30 37.84 ? 209 ARG A N   1 
ATOM   912  N N   B ARG A 1 116 ? -13.893 -1.471  -7.866  0.27 39.23 ? 209 ARG A N   1 
ATOM   913  C CA  A ARG A 1 116 ? -14.933 -2.305  -7.194  0.30 36.11 ? 209 ARG A CA  1 
ATOM   914  C CA  B ARG A 1 116 ? -14.936 -2.224  -7.171  0.27 38.08 ? 209 ARG A CA  1 
ATOM   915  C C   A ARG A 1 116 ? -16.069 -2.513  -8.182  0.30 35.88 ? 209 ARG A C   1 
ATOM   916  C C   B ARG A 1 116 ? -16.086 -2.483  -8.159  0.27 36.85 ? 209 ARG A C   1 
ATOM   917  O O   A ARG A 1 116 ? -16.138 -1.856  -9.193  0.30 36.00 ? 209 ARG A O   1 
ATOM   918  O O   B ARG A 1 116 ? -16.173 -1.826  -9.165  0.27 36.65 ? 209 ARG A O   1 
ATOM   919  C CB  A ARG A 1 116 ? -15.429 -1.675  -5.899  0.30 36.15 ? 209 ARG A CB  1 
ATOM   920  C CB  B ARG A 1 116 ? -15.382 -1.478  -5.897  0.27 39.66 ? 209 ARG A CB  1 
ATOM   921  C CG  A ARG A 1 116 ? -14.332 -1.560  -4.862  0.30 34.24 ? 209 ARG A CG  1 
ATOM   922  C CG  B ARG A 1 116 ? -15.288 -2.329  -4.653  0.27 40.00 ? 209 ARG A CG  1 
ATOM   923  C CD  A ARG A 1 116 ? -14.532 -0.419  -3.957  0.30 34.37 ? 209 ARG A CD  1 
ATOM   924  C CD  B ARG A 1 116 ? -15.020 -1.542  -3.391  0.27 33.03 ? 209 ARG A CD  1 
ATOM   925  N NE  A ARG A 1 116 ? -15.765 -0.494  -3.236  0.30 38.30 ? 209 ARG A NE  1 
ATOM   926  N NE  B ARG A 1 116 ? -16.057 -0.582  -3.038  0.27 35.28 ? 209 ARG A NE  1 
ATOM   927  C CZ  A ARG A 1 116 ? -16.188 0.432   -2.387  0.30 40.00 ? 209 ARG A CZ  1 
ATOM   928  C CZ  B ARG A 1 116 ? -15.845 0.708   -2.794  0.27 32.22 ? 209 ARG A CZ  1 
ATOM   929  N NH1 A ARG A 1 116 ? -15.445 1.510   -2.103  0.30 45.15 ? 209 ARG A NH1 1 
ATOM   930  N NH1 B ARG A 1 116 ? -14.616 1.211   -2.801  0.27 29.95 ? 209 ARG A NH1 1 
ATOM   931  N NH2 A ARG A 1 116 ? -17.339 0.261   -1.790  0.30 36.94 ? 209 ARG A NH2 1 
ATOM   932  N NH2 B ARG A 1 116 ? -16.874 1.497   -2.457  0.27 28.57 ? 209 ARG A NH2 1 
ATOM   933  N N   . ASN A 1 117 ? -16.900 -3.503  -7.901  1.00 42.84 ? 210 ASN A N   1 
ATOM   934  C CA  . ASN A 1 117 ? -18.008 -3.884  -8.775  1.00 39.53 ? 210 ASN A CA  1 
ATOM   935  C C   . ASN A 1 117 ? -19.204 -3.056  -8.463  1.00 45.45 ? 210 ASN A C   1 
ATOM   936  O O   . ASN A 1 117 ? -19.402 -2.615  -7.299  1.00 37.99 ? 210 ASN A O   1 
ATOM   937  C CB  . ASN A 1 117 ? -18.283 -5.334  -8.541  1.00 45.02 ? 210 ASN A CB  1 
ATOM   938  C CG  . ASN A 1 117 ? -17.152 -6.216  -9.061  1.00 51.42 ? 210 ASN A CG  1 
ATOM   939  O OD1 . ASN A 1 117 ? -16.412 -5.815  -9.973  1.00 49.36 ? 210 ASN A OD1 1 
ATOM   940  N ND2 . ASN A 1 117 ? -17.016 -7.408  -8.468  1.00 57.21 ? 210 ASN A ND2 1 
ATOM   941  N N   . ASP A 1 118 ? -19.991 -2.804  -9.506  1.00 42.68 ? 211 ASP A N   1 
ATOM   942  C CA  . ASP A 1 118 ? -21.238 -2.014  -9.273  1.00 46.89 ? 211 ASP A CA  1 
ATOM   943  C C   . ASP A 1 118 ? -22.325 -2.968  -8.787  1.00 49.12 ? 211 ASP A C   1 
ATOM   944  O O   . ASP A 1 118 ? -21.997 -4.075  -8.283  1.00 40.30 ? 211 ASP A O   1 
ATOM   945  C CB  . ASP A 1 118 ? -21.566 -1.058  -10.458 1.00 49.56 ? 211 ASP A CB  1 
ATOM   946  C CG  . ASP A 1 118 ? -21.969 -1.741  -11.746 1.00 55.58 ? 211 ASP A CG  1 
ATOM   947  O OD1 . ASP A 1 118 ? -22.226 -2.982  -11.826 1.00 54.73 ? 211 ASP A OD1 1 
ATOM   948  O OD2 . ASP A 1 118 ? -22.081 -0.937  -12.714 1.00 59.36 ? 211 ASP A OD2 1 
ATOM   949  N N   . MET A 1 119 ? -23.594 -2.505  -8.789  1.00 42.54 ? 212 MET A N   1 
ATOM   950  C CA  . MET A 1 119 ? -24.766 -3.349  -8.378  1.00 51.89 ? 212 MET A CA  1 
ATOM   951  C C   . MET A 1 119 ? -25.907 -3.216  -9.435  1.00 58.52 ? 212 MET A C   1 
ATOM   952  O O   . MET A 1 119 ? -27.117 -3.187  -9.107  1.00 59.43 ? 212 MET A O   1 
ATOM   953  C CB  . MET A 1 119 ? -25.199 -2.911  -6.992  1.00 44.20 ? 212 MET A CB  1 
ATOM   954  C CG  . MET A 1 119 ? -24.107 -3.283  -5.969  1.00 54.58 ? 212 MET A CG  1 
ATOM   955  S SD  . MET A 1 119 ? -24.322 -2.754  -4.269  1.00 53.87 ? 212 MET A SD  1 
ATOM   956  C CE  . MET A 1 119 ? -24.615 -0.997  -4.547  1.00 62.50 ? 212 MET A CE  1 
ATOM   957  N N   . THR A 1 120 ? -25.484 -3.155  -10.702 1.00 57.77 ? 213 THR A N   1 
ATOM   958  C CA  . THR A 1 120 ? -26.364 -3.122  -11.879 1.00 66.22 ? 213 THR A CA  1 
ATOM   959  C C   . THR A 1 120 ? -27.261 -4.365  -11.997 1.00 73.54 ? 213 THR A C   1 
ATOM   960  O O   . THR A 1 120 ? -28.388 -4.214  -12.469 1.00 78.27 ? 213 THR A O   1 
ATOM   961  C CB  . THR A 1 120 ? -25.567 -2.920  -13.188 1.00 65.16 ? 213 THR A CB  1 
ATOM   962  O OG1 . THR A 1 120 ? -24.524 -3.915  -13.271 1.00 72.64 ? 213 THR A OG1 1 
ATOM   963  C CG2 . THR A 1 120 ? -24.941 -1.519  -13.258 1.00 52.86 ? 213 THR A CG2 1 
ATOM   964  N N   . PRO A 1 121 ? -26.798 -5.576  -11.538 1.00 79.21 ? 214 PRO A N   1 
ATOM   965  C CA  . PRO A 1 121 ? -27.806 -6.652  -11.409 1.00 75.20 ? 214 PRO A CA  1 
ATOM   966  C C   . PRO A 1 121 ? -28.988 -6.340  -10.446 1.00 75.72 ? 214 PRO A C   1 
ATOM   967  O O   . PRO A 1 121 ? -30.086 -6.856  -10.673 1.00 74.65 ? 214 PRO A O   1 
ATOM   968  C CB  . PRO A 1 121 ? -26.976 -7.885  -10.960 1.00 75.96 ? 214 PRO A CB  1 
ATOM   969  C CG  . PRO A 1 121 ? -25.668 -7.354  -10.483 1.00 77.81 ? 214 PRO A CG  1 
ATOM   970  C CD  . PRO A 1 121 ? -25.431 -6.103  -11.286 1.00 82.65 ? 214 PRO A CD  1 
ATOM   971  N N   . LYS A 1 122 ? -28.791 -5.503  -9.416  1.00 67.59 ? 215 LYS A N   1 
ATOM   972  C CA  . LYS A 1 122 ? -29.898 -5.095  -8.529  1.00 65.05 ? 215 LYS A CA  1 
ATOM   973  C C   . LYS A 1 122 ? -30.644 -3.766  -8.941  1.00 53.38 ? 215 LYS A C   1 
ATOM   974  O O   . LYS A 1 122 ? -31.548 -3.322  -8.221  1.00 69.10 ? 215 LYS A O   1 
ATOM   975  C CB  . LYS A 1 122 ? -29.403 -5.009  -7.087  1.00 63.85 ? 215 LYS A CB  1 
ATOM   976  C CG  . LYS A 1 122 ? -28.747 -6.288  -6.594  1.00 67.80 ? 215 LYS A CG  1 
ATOM   977  N N   . SER A 1 123 ? -30.292 -3.160  -10.080 1.00 49.63 ? 216 SER A N   1 
ATOM   978  C CA  . SER A 1 123 ? -30.752 -1.787  -10.425 1.00 42.26 ? 216 SER A CA  1 
ATOM   979  C C   . SER A 1 123 ? -30.631 -0.814  -9.221  1.00 37.57 ? 216 SER A C   1 
ATOM   980  O O   . SER A 1 123 ? -31.490 0.040   -8.983  1.00 41.40 ? 216 SER A O   1 
ATOM   981  C CB  . SER A 1 123 ? -32.214 -1.850  -10.932 1.00 41.64 ? 216 SER A CB  1 
ATOM   982  O OG  . SER A 1 123 ? -32.321 -2.444  -12.215 1.00 49.75 ? 216 SER A OG  1 
ATOM   983  N N   . LYS A 1 124 ? -29.502 -0.880  -8.470  1.00 32.41 ? 217 LYS A N   1 
ATOM   984  C CA  . LYS A 1 124 ? -29.266 -0.047  -7.335  1.00 29.96 ? 217 LYS A CA  1 
ATOM   985  C C   . LYS A 1 124 ? -27.935 0.728   -7.615  1.00 30.79 ? 217 LYS A C   1 
ATOM   986  O O   . LYS A 1 124 ? -26.971 0.082   -8.167  1.00 36.28 ? 217 LYS A O   1 
ATOM   987  C CB  . LYS A 1 124 ? -29.043 -1.007  -6.126  1.00 35.62 ? 217 LYS A CB  1 
ATOM   988  C CG  . LYS A 1 124 ? -28.860 -0.369  -4.767  1.00 36.03 ? 217 LYS A CG  1 
ATOM   989  C CD  . LYS A 1 124 ? -28.905 -1.502  -3.712  1.00 45.45 ? 217 LYS A CD  1 
ATOM   990  N N   . LEU A 1 125 ? -27.887 1.980   -7.155  1.00 28.20 ? 218 LEU A N   1 
ATOM   991  C CA  . LEU A 1 125 ? -26.657 2.816   -7.303  1.00 27.19 ? 218 LEU A CA  1 
ATOM   992  C C   . LEU A 1 125 ? -25.598 2.447   -6.237  1.00 29.74 ? 218 LEU A C   1 
ATOM   993  O O   . LEU A 1 125 ? -25.885 2.083   -5.113  1.00 30.83 ? 218 LEU A O   1 
ATOM   994  C CB  . LEU A 1 125 ? -26.997 4.260   -7.153  1.00 28.71 ? 218 LEU A CB  1 
ATOM   995  C CG  . LEU A 1 125 ? -28.039 4.596   -8.280  1.00 29.72 ? 218 LEU A CG  1 
ATOM   996  C CD1 . LEU A 1 125 ? -28.143 6.075   -8.302  1.00 35.41 ? 218 LEU A CD1 1 
ATOM   997  C CD2 . LEU A 1 125 ? -27.836 4.054   -9.713  1.00 30.95 ? 218 LEU A CD2 1 
ATOM   998  N N   . GLY A 1 126 ? -24.374 2.738   -6.621  1.00 29.04 ? 219 GLY A N   1 
ATOM   999  C CA  . GLY A 1 126 ? -23.224 2.644   -5.746  1.00 30.06 ? 219 GLY A CA  1 
ATOM   1000 C C   . GLY A 1 126 ? -22.317 1.461   -6.128  1.00 24.70 ? 219 GLY A C   1 
ATOM   1001 O O   . GLY A 1 126 ? -22.320 0.849   -7.199  1.00 27.74 ? 219 GLY A O   1 
ATOM   1002 N N   . LEU A 1 127 ? -21.520 1.077   -5.123  1.00 30.08 ? 220 LEU A N   1 
ATOM   1003 C CA  . LEU A 1 127 ? -20.482 0.005   -5.309  1.00 28.30 ? 220 LEU A CA  1 
ATOM   1004 C C   . LEU A 1 127 ? -20.651 -1.112  -4.249  1.00 25.76 ? 220 LEU A C   1 
ATOM   1005 O O   . LEU A 1 127 ? -20.955 -0.761  -3.126  1.00 29.28 ? 220 LEU A O   1 
ATOM   1006 C CB  . LEU A 1 127 ? -19.058 0.638   -5.155  1.00 28.43 ? 220 LEU A CB  1 
ATOM   1007 C CG  . LEU A 1 127 ? -18.545 1.600   -6.256  1.00 32.90 ? 220 LEU A CG  1 
ATOM   1008 C CD1 . LEU A 1 127 ? -17.241 2.260   -5.890  1.00 39.49 ? 220 LEU A CD1 1 
ATOM   1009 C CD2 . LEU A 1 127 ? -18.480 0.898   -7.583  1.00 35.98 ? 220 LEU A CD2 1 
ATOM   1010 N N   . ALA A 1 128 ? -20.323 -2.327  -4.604  1.00 28.55 ? 221 ALA A N   1 
ATOM   1011 C CA  . ALA A 1 128 ? -20.384 -3.469  -3.662  1.00 31.37 ? 221 ALA A CA  1 
ATOM   1012 C C   . ALA A 1 128 ? -19.119 -3.394  -2.821  1.00 31.67 ? 221 ALA A C   1 
ATOM   1013 O O   . ALA A 1 128 ? -18.073 -2.899  -3.300  1.00 29.24 ? 221 ALA A O   1 
ATOM   1014 C CB  . ALA A 1 128 ? -20.433 -4.808  -4.381  1.00 35.58 ? 221 ALA A CB  1 
ATOM   1015 N N   . PRO A 1 129 ? -19.181 -3.857  -1.594  1.00 33.12 ? 222 PRO A N   1 
ATOM   1016 C CA  . PRO A 1 129 ? -18.020 -3.968  -0.736  1.00 31.86 ? 222 PRO A CA  1 
ATOM   1017 C C   . PRO A 1 129 ? -16.907 -4.814  -1.307  1.00 29.71 ? 222 PRO A C   1 
ATOM   1018 O O   . PRO A 1 129 ? -17.173 -5.740  -2.023  1.00 29.78 ? 222 PRO A O   1 
ATOM   1019 C CB  . PRO A 1 129 ? -18.555 -4.645  0.539   1.00 36.69 ? 222 PRO A CB  1 
ATOM   1020 C CG  . PRO A 1 129 ? -20.031 -4.563  0.478   1.00 41.61 ? 222 PRO A CG  1 
ATOM   1021 C CD  . PRO A 1 129 ? -20.403 -4.430  -0.957  1.00 37.64 ? 222 PRO A CD  1 
ATOM   1022 N N   . ASN A 1 130 ? -15.628 -4.474  -0.979  1.00 27.23 ? 223 ASN A N   1 
ATOM   1023 C CA  . ASN A 1 130 ? -14.510 -5.292  -1.367  1.00 26.34 ? 223 ASN A CA  1 
ATOM   1024 C C   . ASN A 1 130 ? -13.414 -5.084  -0.309  1.00 25.95 ? 223 ASN A C   1 
ATOM   1025 O O   . ASN A 1 130 ? -13.136 -3.976  0.072   1.00 25.31 ? 223 ASN A O   1 
ATOM   1026 C CB  . ASN A 1 130 ? -13.944 -4.767  -2.702  1.00 28.65 ? 223 ASN A CB  1 
ATOM   1027 C CG  . ASN A 1 130 ? -12.907 -5.689  -3.301  1.00 33.31 ? 223 ASN A CG  1 
ATOM   1028 O OD1 . ASN A 1 130 ? -11.763 -5.746  -2.814  1.00 27.91 ? 223 ASN A OD1 1 
ATOM   1029 N ND2 . ASN A 1 130 ? -13.280 -6.429  -4.323  1.00 33.03 ? 223 ASN A ND2 1 
ATOM   1030 N N   . LYS A 1 131 ? -12.827 -6.173  0.144   1.00 26.42 ? 224 LYS A N   1 
ATOM   1031 C CA  . LYS A 1 131 ? -11.844 -6.098  1.234   1.00 22.73 ? 224 LYS A CA  1 
ATOM   1032 C C   . LYS A 1 131 ? -10.551 -5.434  0.824   1.00 24.72 ? 224 LYS A C   1 
ATOM   1033 O O   . LYS A 1 131 ? -9.753  -5.094  1.745   1.00 23.60 ? 224 LYS A O   1 
ATOM   1034 C CB  . LYS A 1 131 ? -11.529 -7.456  1.862   1.00 24.68 ? 224 LYS A CB  1 
ATOM   1035 C CG  . LYS A 1 131 ? -10.897 -8.463  0.899   1.00 27.14 ? 224 LYS A CG  1 
ATOM   1036 C CD  . LYS A 1 131 ? -10.712 -9.790  1.633   1.00 29.53 ? 224 LYS A CD  1 
ATOM   1037 C CE  . LYS A 1 131 ? -9.855  -10.754 0.905   1.00 34.01 ? 224 LYS A CE  1 
ATOM   1038 N NZ  . LYS A 1 131 ? -9.675  -12.014 1.761   1.00 36.09 ? 224 LYS A NZ  1 
ATOM   1039 N N   . PHE A 1 132 ? -10.344 -5.208  -0.457  1.00 24.63 ? 225 PHE A N   1 
ATOM   1040 C CA  . PHE A 1 132 ? -9.128  -4.486  -0.913  1.00 24.14 ? 225 PHE A CA  1 
ATOM   1041 C C   . PHE A 1 132 ? -9.366  -2.959  -1.218  1.00 24.18 ? 225 PHE A C   1 
ATOM   1042 O O   . PHE A 1 132 ? -8.534  -2.340  -1.846  1.00 24.92 ? 225 PHE A O   1 
ATOM   1043 C CB  . PHE A 1 132 ? -8.589  -5.198  -2.147  1.00 21.68 ? 225 PHE A CB  1 
ATOM   1044 C CG  . PHE A 1 132 ? -8.146  -6.612  -1.883  1.00 22.76 ? 225 PHE A CG  1 
ATOM   1045 C CD1 . PHE A 1 132 ? -6.993  -6.885  -1.191  1.00 21.24 ? 225 PHE A CD1 1 
ATOM   1046 C CD2 . PHE A 1 132 ? -8.847  -7.680  -2.453  1.00 23.98 ? 225 PHE A CD2 1 
ATOM   1047 C CE1 . PHE A 1 132 ? -6.634  -8.184  -0.944  1.00 24.60 ? 225 PHE A CE1 1 
ATOM   1048 C CE2 . PHE A 1 132 ? -8.466  -8.997  -2.197  1.00 25.48 ? 225 PHE A CE2 1 
ATOM   1049 C CZ  . PHE A 1 132 ? -7.365  -9.253  -1.492  1.00 25.17 ? 225 PHE A CZ  1 
ATOM   1050 N N   . PHE A 1 133 ? -10.489 -2.404  -0.742  0.57 24.91 ? 226 PHE A N   1 
ATOM   1051 C CA  . PHE A 1 133 ? -10.861 -1.008  -1.001  0.57 27.36 ? 226 PHE A CA  1 
ATOM   1052 C C   . PHE A 1 133 ? -9.776  0.051   -0.804  0.57 26.75 ? 226 PHE A C   1 
ATOM   1053 O O   . PHE A 1 133 ? -9.652  0.970   -1.624  0.57 26.74 ? 226 PHE A O   1 
ATOM   1054 C CB  . PHE A 1 133 ? -12.172 -0.633  -0.257  0.57 28.59 ? 226 PHE A CB  1 
ATOM   1055 C CG  . PHE A 1 133 ? -12.050 -0.513  1.260   0.57 28.71 ? 226 PHE A CG  1 
ATOM   1056 C CD1 . PHE A 1 133 ? -12.066 -1.628  2.094   0.57 28.03 ? 226 PHE A CD1 1 
ATOM   1057 C CD2 . PHE A 1 133 ? -12.038 0.756   1.852   0.57 31.91 ? 226 PHE A CD2 1 
ATOM   1058 C CE1 . PHE A 1 133 ? -11.967 -1.504  3.476   0.57 31.86 ? 226 PHE A CE1 1 
ATOM   1059 C CE2 . PHE A 1 133 ? -11.966 0.877   3.225   0.57 31.61 ? 226 PHE A CE2 1 
ATOM   1060 C CZ  . PHE A 1 133 ? -11.915 -0.234  4.034   0.57 29.70 ? 226 PHE A CZ  1 
ATOM   1061 N N   . MET A 1 134 ? -8.969  -0.093  0.238   1.00 24.86 ? 227 MET A N   1 
ATOM   1062 C CA  . MET A 1 134 ? -7.870  0.915   0.524   1.00 25.95 ? 227 MET A CA  1 
ATOM   1063 C C   . MET A 1 134 ? -6.717  0.790   -0.459  1.00 24.78 ? 227 MET A C   1 
ATOM   1064 O O   . MET A 1 134 ? -5.999  1.756   -0.726  1.00 27.05 ? 227 MET A O   1 
ATOM   1065 C CB  . MET A 1 134 ? -7.373  0.752   1.963   1.00 28.60 ? 227 MET A CB  1 
ATOM   1066 C CG  . MET A 1 134 ? -8.449  1.104   3.030   1.00 33.51 ? 227 MET A CG  1 
ATOM   1067 S SD  . MET A 1 134 ? -7.875  0.905   4.722   1.00 40.75 ? 227 MET A SD  1 
ATOM   1068 C CE  . MET A 1 134 ? -7.849  -0.910  4.919   1.00 39.20 ? 227 MET A CE  1 
ATOM   1069 N N   . ALA A 1 135 ? -6.455  -0.439  -0.960  1.00 24.64 ? 228 ALA A N   1 
ATOM   1070 C CA  . ALA A 1 135 ? -5.422  -0.659  -1.992  1.00 22.35 ? 228 ALA A CA  1 
ATOM   1071 C C   . ALA A 1 135 ? -5.778  -0.363  -3.417  1.00 23.15 ? 228 ALA A C   1 
ATOM   1072 O O   . ALA A 1 135 ? -4.949  0.012   -4.258  1.00 23.01 ? 228 ALA A O   1 
ATOM   1073 C CB  . ALA A 1 135 ? -4.946  -2.056  -1.960  1.00 21.72 ? 228 ALA A CB  1 
ATOM   1074 N N   . ILE A 1 136 ? -7.086  -0.590  -3.787  1.00 22.30 ? 229 ILE A N   1 
ATOM   1075 C CA  . ILE A 1 136 ? -7.512  -0.502  -5.151  1.00 24.23 ? 229 ILE A CA  1 
ATOM   1076 C C   . ILE A 1 136 ? -7.104  0.724   -5.963  1.00 23.49 ? 229 ILE A C   1 
ATOM   1077 O O   . ILE A 1 136 ? -6.650  0.591   -7.105  1.00 24.28 ? 229 ILE A O   1 
ATOM   1078 C CB  . ILE A 1 136 ? -9.074  -0.732  -5.215  1.00 25.70 ? 229 ILE A CB  1 
ATOM   1079 C CG1 . ILE A 1 136 ? -9.344  -2.259  -5.122  1.00 25.19 ? 229 ILE A CG1 1 
ATOM   1080 C CG2 . ILE A 1 136 ? -9.746  -0.058  -6.410  1.00 29.54 ? 229 ILE A CG2 1 
ATOM   1081 C CD1 . ILE A 1 136 ? -10.824 -2.680  -4.770  1.00 26.38 ? 229 ILE A CD1 1 
ATOM   1082 N N   . PRO A 1 137 ? -7.151  1.965   -5.403  1.00 26.38 ? 230 PRO A N   1 
ATOM   1083 C CA  . PRO A 1 137 ? -6.805  3.145   -6.187  1.00 25.97 ? 230 PRO A CA  1 
ATOM   1084 C C   . PRO A 1 137 ? -5.372  3.154   -6.731  1.00 23.90 ? 230 PRO A C   1 
ATOM   1085 O O   . PRO A 1 137 ? -5.055  3.737   -7.722  1.00 26.53 ? 230 PRO A O   1 
ATOM   1086 C CB  . PRO A 1 137 ? -6.957  4.308   -5.175  1.00 29.08 ? 230 PRO A CB  1 
ATOM   1087 C CG  . PRO A 1 137 ? -7.893  3.827   -4.177  1.00 32.70 ? 230 PRO A CG  1 
ATOM   1088 C CD  . PRO A 1 137 ? -7.672  2.298   -4.076  1.00 27.55 ? 230 PRO A CD  1 
ATOM   1089 N N   . PHE A 1 138 ? -4.472  2.418   -6.052  1.00 23.66 ? 231 PHE A N   1 
ATOM   1090 C CA  . PHE A 1 138 ? -3.047  2.322   -6.469  1.00 22.96 ? 231 PHE A CA  1 
ATOM   1091 C C   . PHE A 1 138 ? -2.683  1.288   -7.494  1.00 23.26 ? 231 PHE A C   1 
ATOM   1092 O O   . PHE A 1 138 ? -1.547  1.291   -7.992  1.00 24.57 ? 231 PHE A O   1 
ATOM   1093 C CB  . PHE A 1 138 ? -2.126  2.124   -5.216  1.00 22.85 ? 231 PHE A CB  1 
ATOM   1094 C CG  . PHE A 1 138 ? -2.200  3.277   -4.202  1.00 22.83 ? 231 PHE A CG  1 
ATOM   1095 C CD1 . PHE A 1 138 ? -1.296  4.386   -4.398  1.00 26.70 ? 231 PHE A CD1 1 
ATOM   1096 C CD2 . PHE A 1 138 ? -3.100  3.299   -3.125  1.00 25.68 ? 231 PHE A CD2 1 
ATOM   1097 C CE1 . PHE A 1 138 ? -1.383  5.493   -3.508  1.00 29.60 ? 231 PHE A CE1 1 
ATOM   1098 C CE2 . PHE A 1 138 ? -3.085  4.404   -2.223  1.00 30.42 ? 231 PHE A CE2 1 
ATOM   1099 C CZ  . PHE A 1 138 ? -2.227  5.445   -2.445  1.00 25.99 ? 231 PHE A CZ  1 
ATOM   1100 N N   . ILE A 1 139 ? -3.590  0.335   -7.748  1.00 24.19 ? 232 ILE A N   1 
ATOM   1101 C CA  . ILE A 1 139 ? -3.316  -0.868  -8.581  1.00 22.85 ? 232 ILE A CA  1 
ATOM   1102 C C   . ILE A 1 139 ? -3.024  -0.585  -10.073 1.00 26.73 ? 232 ILE A C   1 
ATOM   1103 O O   . ILE A 1 139 ? -1.990  -0.966  -10.614 1.00 26.53 ? 232 ILE A O   1 
ATOM   1104 C CB  . ILE A 1 139 ? -4.346  -2.034  -8.385  1.00 23.90 ? 232 ILE A CB  1 
ATOM   1105 C CG1 . ILE A 1 139 ? -4.416  -2.523  -6.911  1.00 23.20 ? 232 ILE A CG1 1 
ATOM   1106 C CG2 . ILE A 1 139 ? -3.954  -3.206  -9.221  1.00 29.91 ? 232 ILE A CG2 1 
ATOM   1107 C CD1 . ILE A 1 139 ? -3.103  -2.876  -6.242  1.00 25.22 ? 232 ILE A CD1 1 
ATOM   1108 N N   . ARG A 1 140 ? -3.914  0.151   -10.735 1.00 27.30 ? 233 ARG A N   1 
ATOM   1109 C CA  . ARG A 1 140 ? -3.609  0.489   -12.106 1.00 28.73 ? 233 ARG A CA  1 
ATOM   1110 C C   . ARG A 1 140 ? -2.356  1.379   -12.236 1.00 27.15 ? 233 ARG A C   1 
ATOM   1111 O O   . ARG A 1 140 ? -1.540  1.122   -13.081 1.00 29.65 ? 233 ARG A O   1 
ATOM   1112 C CB  . ARG A 1 140 ? -4.844  1.093   -12.809 1.00 34.19 ? 233 ARG A CB  1 
ATOM   1113 C CG  . ARG A 1 140 ? -4.534  1.376   -14.288 1.00 41.44 ? 233 ARG A CG  1 
ATOM   1114 C CD  . ARG A 1 140 ? -4.020  0.163   -15.082 1.00 56.66 ? 233 ARG A CD  1 
ATOM   1115 N NE  . ARG A 1 140 ? -4.813  -1.077  -14.938 1.00 63.43 ? 233 ARG A NE  1 
ATOM   1116 C CZ  . ARG A 1 140 ? -4.516  -2.247  -15.514 1.00 71.08 ? 233 ARG A CZ  1 
ATOM   1117 N NH1 . ARG A 1 140 ? -3.421  -2.396  -16.295 1.00 74.06 ? 233 ARG A NH1 1 
ATOM   1118 N NH2 . ARG A 1 140 ? -5.315  -3.290  -15.308 1.00 77.61 ? 233 ARG A NH2 1 
ATOM   1119 N N   . PRO A 1 141 ? -2.234  2.500   -11.437 1.00 27.33 ? 234 PRO A N   1 
ATOM   1120 C CA  . PRO A 1 141 ? -1.005  3.231   -11.563 1.00 30.26 ? 234 PRO A CA  1 
ATOM   1121 C C   . PRO A 1 141 ? 0.268   2.442   -11.270 1.00 28.61 ? 234 PRO A C   1 
ATOM   1122 O O   . PRO A 1 141 ? 1.336   2.679   -11.927 1.00 28.57 ? 234 PRO A O   1 
ATOM   1123 C CB  . PRO A 1 141 ? -1.146  4.360   -10.533 1.00 29.70 ? 234 PRO A CB  1 
ATOM   1124 C CG  . PRO A 1 141 ? -2.539  4.349   -10.125 1.00 31.70 ? 234 PRO A CG  1 
ATOM   1125 C CD  . PRO A 1 141 ? -3.257  3.223   -10.704 1.00 31.38 ? 234 PRO A CD  1 
ATOM   1126 N N   . LEU A 1 142 ? 0.174   1.502   -10.321 1.00 25.23 ? 235 LEU A N   1 
ATOM   1127 C CA  . LEU A 1 142 ? 1.356   0.579   -10.076 1.00 25.58 ? 235 LEU A CA  1 
ATOM   1128 C C   . LEU A 1 142 ? 1.717   -0.351  -11.308 1.00 27.65 ? 235 LEU A C   1 
ATOM   1129 O O   . LEU A 1 142 ? 2.892   -0.444  -11.712 1.00 28.22 ? 235 LEU A O   1 
ATOM   1130 C CB  . LEU A 1 142 ? 1.159   -0.332  -8.854  1.00 23.29 ? 235 LEU A CB  1 
ATOM   1131 C CG  . LEU A 1 142 ? 2.200   -1.404  -8.599  1.00 25.53 ? 235 LEU A CG  1 
ATOM   1132 C CD1 . LEU A 1 142 ? 3.579   -0.856  -8.376  1.00 26.37 ? 235 LEU A CD1 1 
ATOM   1133 C CD2 . LEU A 1 142 ? 1.769   -2.333  -7.452  1.00 26.05 ? 235 LEU A CD2 1 
ATOM   1134 N N   . ARG A 1 143 ? 0.698   -0.972  -11.886 1.00 27.76 ? 236 ARG A N   1 
ATOM   1135 C CA  . ARG A 1 143 ? 0.891   -1.792  -13.105 1.00 27.06 ? 236 ARG A CA  1 
ATOM   1136 C C   . ARG A 1 143 ? 1.536   -0.946  -14.241 1.00 28.91 ? 236 ARG A C   1 
ATOM   1137 O O   . ARG A 1 143 ? 2.497   -1.428  -14.884 1.00 30.96 ? 236 ARG A O   1 
ATOM   1138 C CB  . ARG A 1 143 ? -0.399  -2.427  -13.540 1.00 27.15 ? 236 ARG A CB  1 
ATOM   1139 C CG  . ARG A 1 143 ? -0.929  -3.480  -12.604 1.00 27.50 ? 236 ARG A CG  1 
ATOM   1140 C CD  . ARG A 1 143 ? -2.295  -4.033  -13.077 1.00 34.72 ? 236 ARG A CD  1 
ATOM   1141 N NE  . ARG A 1 143 ? -2.791  -5.121  -12.224 1.00 34.40 ? 236 ARG A NE  1 
ATOM   1142 C CZ  . ARG A 1 143 ? -4.082  -5.475  -12.024 1.00 33.44 ? 236 ARG A CZ  1 
ATOM   1143 N NH1 . ARG A 1 143 ? -5.030  -4.846  -12.663 1.00 32.86 ? 236 ARG A NH1 1 
ATOM   1144 N NH2 . ARG A 1 143 ? -4.421  -6.484  -11.185 1.00 34.92 ? 236 ARG A NH2 1 
ATOM   1145 N N   . ASP A 1 144 ? 1.094   0.307   -14.379 1.00 30.42 ? 237 ASP A N   1 
ATOM   1146 C CA  . ASP A 1 144 ? 1.606   1.173   -15.440 1.00 31.58 ? 237 ASP A CA  1 
ATOM   1147 C C   . ASP A 1 144 ? 3.026   1.602   -15.157 1.00 34.76 ? 237 ASP A C   1 
ATOM   1148 O O   . ASP A 1 144 ? 3.845   1.680   -16.079 1.00 35.37 ? 237 ASP A O   1 
ATOM   1149 C CB  . ASP A 1 144 ? 0.697   2.384   -15.664 1.00 32.94 ? 237 ASP A CB  1 
ATOM   1150 C CG  . ASP A 1 144 ? -0.733  1.985   -16.261 1.00 39.10 ? 237 ASP A CG  1 
ATOM   1151 O OD1 . ASP A 1 144 ? -1.009  0.817   -16.736 1.00 44.51 ? 237 ASP A OD1 1 
ATOM   1152 O OD2 . ASP A 1 144 ? -1.636  2.840   -16.135 1.00 48.75 ? 237 ASP A OD2 1 
ATOM   1153 N N   . TRP A 1 145 ? 3.320   1.898   -13.881 1.00 29.79 ? 238 TRP A N   1 
ATOM   1154 C CA  . TRP A 1 145 ? 4.668   2.203   -13.473 1.00 28.86 ? 238 TRP A CA  1 
ATOM   1155 C C   . TRP A 1 145 ? 5.637   1.071   -13.723 1.00 30.90 ? 238 TRP A C   1 
ATOM   1156 O O   . TRP A 1 145 ? 6.743   1.261   -14.275 1.00 32.55 ? 238 TRP A O   1 
ATOM   1157 C CB  . TRP A 1 145 ? 4.661   2.700   -11.985 1.00 30.04 ? 238 TRP A CB  1 
ATOM   1158 C CG  . TRP A 1 145 ? 5.967   3.295   -11.479 1.00 33.43 ? 238 TRP A CG  1 
ATOM   1159 C CD1 . TRP A 1 145 ? 6.276   4.647   -11.306 1.00 37.27 ? 238 TRP A CD1 1 
ATOM   1160 C CD2 . TRP A 1 145 ? 7.128   2.583   -11.023 1.00 30.85 ? 238 TRP A CD2 1 
ATOM   1161 N NE1 . TRP A 1 145 ? 7.509   4.799   -10.810 1.00 34.20 ? 238 TRP A NE1 1 
ATOM   1162 C CE2 . TRP A 1 145 ? 8.093   3.567   -10.673 1.00 35.64 ? 238 TRP A CE2 1 
ATOM   1163 C CE3 . TRP A 1 145 ? 7.482   1.251   -10.968 1.00 30.02 ? 238 TRP A CE3 1 
ATOM   1164 C CZ2 . TRP A 1 145 ? 9.328   3.224   -10.164 1.00 34.23 ? 238 TRP A CZ2 1 
ATOM   1165 C CZ3 . TRP A 1 145 ? 8.700   0.910   -10.425 1.00 31.17 ? 238 TRP A CZ3 1 
ATOM   1166 C CH2 . TRP A 1 145 ? 9.621   1.899   -10.080 1.00 32.93 ? 238 TRP A CH2 1 
ATOM   1167 N N   . LEU A 1 146 ? 5.241   -0.146  -13.391 1.00 28.66 ? 239 LEU A N   1 
ATOM   1168 C CA  . LEU A 1 146 ? 6.082   -1.311  -13.537 1.00 28.13 ? 239 LEU A CA  1 
ATOM   1169 C C   . LEU A 1 146 ? 6.362   -1.639  -15.060 1.00 36.55 ? 239 LEU A C   1 
ATOM   1170 O O   . LEU A 1 146 ? 7.486   -2.043  -15.425 1.00 34.09 ? 239 LEU A O   1 
ATOM   1171 C CB  . LEU A 1 146 ? 5.509   -2.580  -12.894 1.00 28.59 ? 239 LEU A CB  1 
ATOM   1172 C CG  . LEU A 1 146 ? 5.475   -2.503  -11.369 1.00 27.72 ? 239 LEU A CG  1 
ATOM   1173 C CD1 . LEU A 1 146 ? 4.617   -3.660  -10.836 1.00 26.72 ? 239 LEU A CD1 1 
ATOM   1174 C CD2 . LEU A 1 146 ? 6.876   -2.637  -10.826 1.00 27.92 ? 239 LEU A CD2 1 
ATOM   1175 N N   . SER A 1 147 ? 5.343   -1.412  -15.880 1.00 34.63 ? 240 SER A N   1 
ATOM   1176 C CA  . SER A 1 147 ? 5.472   -1.573  -17.385 1.00 40.56 ? 240 SER A CA  1 
ATOM   1177 C C   . SER A 1 147 ? 6.489   -0.615  -17.937 1.00 39.45 ? 240 SER A C   1 
ATOM   1178 O O   . SER A 1 147 ? 7.403   -1.028  -18.663 1.00 47.65 ? 240 SER A O   1 
ATOM   1179 C CB  . SER A 1 147 ? 4.141   -1.333  -18.099 1.00 37.51 ? 240 SER A CB  1 
ATOM   1180 O OG  . SER A 1 147 ? 3.431   -2.514  -18.015 1.00 54.40 ? 240 SER A OG  1 
ATOM   1181 N N   . ARG A 1 148 ? 6.405   0.645   -17.600 1.00 40.54 ? 241 ARG A N   1 
ATOM   1182 C CA  . ARG A 1 148 ? 7.421   1.605   -18.045 1.00 46.48 ? 241 ARG A CA  1 
ATOM   1183 C C   . ARG A 1 148 ? 8.884   1.440   -17.492 1.00 56.62 ? 241 ARG A C   1 
ATOM   1184 O O   . ARG A 1 148 ? 9.832   1.715   -18.228 1.00 56.11 ? 241 ARG A O   1 
ATOM   1185 C CB  . ARG A 1 148 ? 6.989   3.050   -17.733 1.00 48.18 ? 241 ARG A CB  1 
ATOM   1186 C CG  . ARG A 1 148 ? 5.666   3.492   -18.351 1.00 53.21 ? 241 ARG A CG  1 
ATOM   1187 N N   . ARG A 1 149 ? 9.022   1.022   -16.230 0.50 54.70 ? 242 ARG A N   1 
ATOM   1188 C CA  . ARG A 1 149 ? 10.325  0.871   -15.557 0.50 57.41 ? 242 ARG A CA  1 
ATOM   1189 C C   . ARG A 1 149 ? 11.067  -0.417  -15.879 0.50 61.61 ? 242 ARG A C   1 
ATOM   1190 O O   . ARG A 1 149 ? 12.289  -0.396  -16.033 0.50 66.51 ? 242 ARG A O   1 
ATOM   1191 C CB  . ARG A 1 149 ? 10.143  0.924   -14.045 0.50 60.49 ? 242 ARG A CB  1 
ATOM   1192 C CG  . ARG A 1 149 ? 11.327  0.360   -13.274 0.50 61.24 ? 242 ARG A CG  1 
ATOM   1193 C CD  . ARG A 1 149 ? 12.590  1.155   -13.527 0.50 61.08 ? 242 ARG A CD  1 
ATOM   1194 N NE  . ARG A 1 149 ? 12.384  2.581   -13.310 0.50 62.65 ? 242 ARG A NE  1 
ATOM   1195 C CZ  . ARG A 1 149 ? 12.710  3.212   -12.194 0.50 58.58 ? 242 ARG A CZ  1 
ATOM   1196 N NH1 . ARG A 1 149 ? 12.485  4.513   -12.078 0.50 61.65 ? 242 ARG A NH1 1 
ATOM   1197 N NH2 . ARG A 1 149 ? 13.264  2.538   -11.196 0.50 57.62 ? 242 ARG A NH2 1 
ATOM   1198 N N   . PHE A 1 150 ? 10.336  -1.532  -15.965 1.00 61.46 ? 243 PHE A N   1 
ATOM   1199 C CA  . PHE A 1 150 ? 10.924  -2.870  -16.192 1.00 55.67 ? 243 PHE A CA  1 
ATOM   1200 C C   . PHE A 1 150 ? 10.587  -3.430  -17.561 1.00 66.93 ? 243 PHE A C   1 
ATOM   1201 O O   . PHE A 1 150 ? 11.489  -3.774  -18.313 1.00 77.36 ? 243 PHE A O   1 
ATOM   1202 C CB  . PHE A 1 150 ? 10.483  -3.838  -15.110 1.00 48.09 ? 243 PHE A CB  1 
ATOM   1203 C CG  . PHE A 1 150 ? 10.995  -3.468  -13.742 1.00 60.88 ? 243 PHE A CG  1 
ATOM   1204 C CD1 . PHE A 1 150 ? 12.299  -3.776  -13.361 1.00 65.09 ? 243 PHE A CD1 1 
ATOM   1205 C CD2 . PHE A 1 150 ? 10.213  -2.790  -12.848 1.00 48.72 ? 243 PHE A CD2 1 
ATOM   1206 C CE1 . PHE A 1 150 ? 12.779  -3.437  -12.101 1.00 63.60 ? 243 PHE A CE1 1 
ATOM   1207 C CE2 . PHE A 1 150 ? 10.699  -2.439  -11.593 1.00 58.66 ? 243 PHE A CE2 1 
ATOM   1208 C CZ  . PHE A 1 150 ? 11.993  -2.757  -11.221 1.00 57.58 ? 243 PHE A CZ  1 
ATOM   1209 N N   . GLY A 1 151 ? 9.300   -3.565  -17.880 1.00 82.81 ? 244 GLY A N   1 
ATOM   1210 C CA  . GLY A 1 151 ? 8.877   -4.105  -19.185 1.00 80.28 ? 244 GLY A CA  1 
ATOM   1211 C C   . GLY A 1 151 ? 7.414   -4.475  -19.271 1.00 82.60 ? 244 GLY A C   1 
ATOM   1212 O O   . GLY A 1 151 ? 7.071   -5.663  -19.340 1.00 92.94 ? 244 GLY A O   1 
HETATM 1213 C C1  . EDO B 2 .   ? 13.004  3.224   9.962   1.00 66.30 ? 301 EDO A C1  1 
HETATM 1214 O O1  . EDO B 2 .   ? 12.820  3.027   11.378  1.00 76.13 ? 301 EDO A O1  1 
HETATM 1215 C C2  . EDO B 2 .   ? 14.391  3.806   9.595   1.00 59.39 ? 301 EDO A C2  1 
HETATM 1216 O O2  . EDO B 2 .   ? 14.409  5.267   9.367   1.00 55.91 ? 301 EDO A O2  1 
HETATM 1217 S S   . DMS C 3 .   ? 2.080   -15.423 -2.768  1.00 69.53 ? 302 DMS A S   1 
HETATM 1218 O O   . DMS C 3 .   ? 0.932   -14.547 -3.126  1.00 52.19 ? 302 DMS A O   1 
HETATM 1219 C C1  . DMS C 3 .   ? 1.546   -16.483 -1.534  1.00 64.50 ? 302 DMS A C1  1 
HETATM 1220 C C2  . DMS C 3 .   ? 2.472   -16.412 -4.118  1.00 70.03 ? 302 DMS A C2  1 
HETATM 1221 C C   . ACT D 4 .   ? -14.778 -5.988  11.173  1.00 44.99 ? 303 ACT A C   1 
HETATM 1222 O O   . ACT D 4 .   ? -14.666 -5.682  9.958   1.00 70.63 ? 303 ACT A O   1 
HETATM 1223 O OXT . ACT D 4 .   ? -14.002 -5.489  11.959  1.00 50.35 ? 303 ACT A OXT 1 
HETATM 1224 C CH3 . ACT D 4 .   ? -15.869 -6.953  11.690  1.00 50.21 ? 303 ACT A CH3 1 
HETATM 1225 C C1  . PEG E 5 .   ? -4.263  -1.031  6.326   1.00 56.78 ? 304 PEG A C1  1 
HETATM 1226 O O1  . PEG E 5 .   ? -5.343  -1.950  6.375   1.00 46.60 ? 304 PEG A O1  1 
HETATM 1227 C C2  . PEG E 5 .   ? -3.923  -0.523  7.728   1.00 47.90 ? 304 PEG A C2  1 
HETATM 1228 O O2  . PEG E 5 .   ? -3.845  0.887   7.636   1.00 60.05 ? 304 PEG A O2  1 
HETATM 1229 C C3  . PEG E 5 .   ? -2.542  1.537   7.764   1.00 67.97 ? 304 PEG A C3  1 
HETATM 1230 C C4  . PEG E 5 .   ? -2.694  3.071   8.033   1.00 65.11 ? 304 PEG A C4  1 
HETATM 1231 O O4  . PEG E 5 .   ? -1.982  3.677   9.198   1.00 56.97 ? 304 PEG A O4  1 
HETATM 1232 N N1  . LDJ F 6 .   ? -13.925 -5.303  5.518   0.57 40.24 ? 305 LDJ A N1  1 
HETATM 1233 N N3  . LDJ F 6 .   ? -14.965 -2.040  4.731   0.57 45.45 ? 305 LDJ A N3  1 
HETATM 1234 C C4  . LDJ F 6 .   ? -13.834 -6.567  5.009   0.57 37.86 ? 305 LDJ A C4  1 
HETATM 1235 C C5  . LDJ F 6 .   ? -14.398 -4.183  4.879   0.57 41.29 ? 305 LDJ A C5  1 
HETATM 1236 C C6  . LDJ F 6 .   ? -15.383 -2.480  3.583   0.57 42.24 ? 305 LDJ A C6  1 
HETATM 1237 C C7  . LDJ F 6 .   ? -16.314 -1.705  2.714   0.57 45.87 ? 305 LDJ A C7  1 
HETATM 1238 C C8  . LDJ F 6 .   ? -16.287 -2.168  1.267   0.57 44.38 ? 305 LDJ A C8  1 
HETATM 1239 C C10 . LDJ F 6 .   ? -15.802 0.084   1.323   0.57 46.78 ? 305 LDJ A C10 1 
HETATM 1240 C C1  . LDJ F 6 .   ? -12.114 -8.251  5.408   0.57 32.96 ? 305 LDJ A C1  1 
HETATM 1241 C C2  . LDJ F 6 .   ? -13.363 -7.624  5.983   0.57 35.11 ? 305 LDJ A C2  1 
HETATM 1242 C C3  . LDJ F 6 .   ? -14.476 -8.641  6.170   0.57 37.97 ? 305 LDJ A C3  1 
HETATM 1243 C C9  . LDJ F 6 .   ? -15.378 -1.137  0.619   0.57 44.35 ? 305 LDJ A C9  1 
HETATM 1244 N N2  . LDJ F 6 .   ? -14.554 -3.072  5.549   0.57 41.47 ? 305 LDJ A N2  1 
HETATM 1245 O O1  . LDJ F 6 .   ? -14.122 -6.860  3.859   0.57 34.18 ? 305 LDJ A O1  1 
HETATM 1246 O O2  . LDJ F 6 .   ? -15.957 -0.316  2.684   0.57 47.73 ? 305 LDJ A O2  1 
HETATM 1247 S S1  . LDJ F 6 .   ? -14.836 -4.095  3.210   0.57 39.08 ? 305 LDJ A S1  1 
HETATM 1248 O O   . HOH G 7 .   ? -3.586  -8.170  16.346  1.00 46.67 ? 401 HOH A O   1 
HETATM 1249 O O   . HOH G 7 .   ? -12.166 -5.104  13.170  1.00 32.39 ? 402 HOH A O   1 
HETATM 1250 O O   . HOH G 7 .   ? 7.643   -13.117 4.166   1.00 44.73 ? 403 HOH A O   1 
HETATM 1251 O O   . HOH G 7 .   ? -22.237 -6.343  -7.592  1.00 55.84 ? 404 HOH A O   1 
HETATM 1252 O O   . HOH G 7 .   ? 11.474  18.431  7.767   1.00 74.05 ? 405 HOH A O   1 
HETATM 1253 O O   . HOH G 7 .   ? -2.772  4.131   -14.328 1.00 60.44 ? 406 HOH A O   1 
HETATM 1254 O O   . HOH G 7 .   ? 4.424   -7.344  -12.203 1.00 43.52 ? 407 HOH A O   1 
HETATM 1255 O O   . HOH G 7 .   ? 8.222   7.881   -9.917  1.00 40.02 ? 408 HOH A O   1 
HETATM 1256 O O   . HOH G 7 .   ? -6.469  -12.172 8.236   1.00 35.00 ? 409 HOH A O   1 
HETATM 1257 O O   . HOH G 7 .   ? 1.978   -14.686 -7.527  1.00 47.61 ? 410 HOH A O   1 
HETATM 1258 O O   . HOH G 7 .   ? -6.795  4.221   -0.622  1.00 49.04 ? 411 HOH A O   1 
HETATM 1259 O O   . HOH G 7 .   ? 22.706  0.044   7.062   1.00 46.06 ? 412 HOH A O   1 
HETATM 1260 O O   . HOH G 7 .   ? 17.950  4.661   0.151   1.00 43.83 ? 413 HOH A O   1 
HETATM 1261 O O   . HOH G 7 .   ? 14.925  7.106   7.579   1.00 47.66 ? 414 HOH A O   1 
HETATM 1262 O O   . HOH G 7 .   ? 12.638  13.864  9.272   1.00 46.76 ? 415 HOH A O   1 
HETATM 1263 O O   . HOH G 7 .   ? 4.701   16.387  4.117   1.00 44.60 ? 416 HOH A O   1 
HETATM 1264 O O   . HOH G 7 .   ? 1.918   2.819   12.001  1.00 43.38 ? 417 HOH A O   1 
HETATM 1265 O O   . HOH G 7 .   ? -6.467  5.637   -8.968  1.00 35.23 ? 418 HOH A O   1 
HETATM 1266 O O   . HOH G 7 .   ? 4.629   7.984   -10.212 1.00 40.42 ? 419 HOH A O   1 
HETATM 1267 O O   . HOH G 7 .   ? -9.700  -6.656  10.460  1.00 27.44 ? 420 HOH A O   1 
HETATM 1268 O O   . HOH G 7 .   ? -13.812 -5.716  -8.862  1.00 44.44 ? 421 HOH A O   1 
HETATM 1269 O O   . HOH G 7 .   ? -34.011 0.968   -9.205  1.00 33.66 ? 422 HOH A O   1 
HETATM 1270 O O   . HOH G 7 .   ? 10.754  0.767   7.062   1.00 29.14 ? 423 HOH A O   1 
HETATM 1271 O O   . HOH G 7 .   ? 12.146  13.151  1.803   1.00 44.06 ? 424 HOH A O   1 
HETATM 1272 O O   . HOH G 7 .   ? 0.061   -1.570  -17.510 1.00 64.22 ? 425 HOH A O   1 
HETATM 1273 O O   . HOH G 7 .   ? -8.787  -11.675 4.319   1.00 31.35 ? 426 HOH A O   1 
HETATM 1274 O O   . HOH G 7 .   ? -15.447 12.590  -3.313  1.00 40.96 ? 427 HOH A O   1 
HETATM 1275 O O   . HOH G 7 .   ? -2.387  -13.883 0.506   1.00 35.99 ? 428 HOH A O   1 
HETATM 1276 O O   . HOH G 7 .   ? 16.036  -3.956  6.213   1.00 34.00 ? 429 HOH A O   1 
HETATM 1277 O O   . HOH G 7 .   ? -6.518  1.185   -9.795  1.00 28.56 ? 430 HOH A O   1 
HETATM 1278 O O   . HOH G 7 .   ? 1.799   5.181   -12.992 1.00 37.10 ? 431 HOH A O   1 
HETATM 1279 O O   . HOH G 7 .   ? -24.294 0.188   -9.018  1.00 35.88 ? 432 HOH A O   1 
HETATM 1280 O O   . HOH G 7 .   ? 8.794   11.499  13.911  1.00 59.76 ? 433 HOH A O   1 
HETATM 1281 O O   . HOH G 7 .   ? 12.332  6.990   10.035  1.00 38.66 ? 434 HOH A O   1 
HETATM 1282 O O   . HOH G 7 .   ? 7.497   -10.472 -13.481 1.00 45.01 ? 435 HOH A O   1 
HETATM 1283 O O   . HOH G 7 .   ? 3.875   -2.841  0.685   1.00 22.79 ? 436 HOH A O   1 
HETATM 1284 O O   . HOH G 7 .   ? -3.514  1.571   3.468   1.00 32.04 ? 437 HOH A O   1 
HETATM 1285 O O   . HOH G 7 .   ? 2.611   -4.204  -15.148 1.00 33.96 ? 438 HOH A O   1 
HETATM 1286 O O   . HOH G 7 .   ? 14.810  -9.583  3.478   1.00 47.14 ? 439 HOH A O   1 
HETATM 1287 O O   . HOH G 7 .   ? 12.533  1.553   -6.580  1.00 32.22 ? 440 HOH A O   1 
HETATM 1288 O O   . HOH G 7 .   ? 11.341  11.688  -2.455  1.00 38.49 ? 441 HOH A O   1 
HETATM 1289 O O   . HOH G 7 .   ? -9.062  -2.221  2.099   1.00 27.25 ? 442 HOH A O   1 
HETATM 1290 O O   . HOH G 7 .   ? -2.597  16.150  2.124   1.00 37.58 ? 443 HOH A O   1 
HETATM 1291 O O   . HOH G 7 .   ? 17.118  -0.475  5.302   1.00 30.56 ? 444 HOH A O   1 
HETATM 1292 O O   . HOH G 7 .   ? 11.571  3.978   -3.545  1.00 24.27 ? 445 HOH A O   1 
HETATM 1293 O O   . HOH G 7 .   ? -7.773  -12.408 13.875  1.00 23.49 ? 446 HOH A O   1 
HETATM 1294 O O   . HOH G 7 .   ? -8.802  15.582  -4.364  1.00 39.99 ? 447 HOH A O   1 
HETATM 1295 O O   . HOH G 7 .   ? -13.762 1.368   -7.589  1.00 42.46 ? 448 HOH A O   1 
HETATM 1296 O O   . HOH G 7 .   ? -19.305 -3.606  -12.161 1.00 55.08 ? 449 HOH A O   1 
HETATM 1297 O O   . HOH G 7 .   ? 15.998  6.622   3.553   1.00 44.91 ? 450 HOH A O   1 
HETATM 1298 O O   . HOH G 7 .   ? -11.817 1.283   -3.490  1.00 48.61 ? 451 HOH A O   1 
HETATM 1299 O O   . HOH G 7 .   ? -3.530  1.408   0.720   1.00 26.59 ? 452 HOH A O   1 
HETATM 1300 O O   . HOH G 7 .   ? 1.023   -11.005 -10.577 1.00 31.70 ? 453 HOH A O   1 
HETATM 1301 O O   . HOH G 7 .   ? 14.480  -4.881  8.371   1.00 34.01 ? 454 HOH A O   1 
HETATM 1302 O O   . HOH G 7 .   ? 4.742   -15.979 -6.839  1.00 62.29 ? 455 HOH A O   1 
HETATM 1303 O O   . HOH G 7 .   ? -21.195 3.096   -3.064  1.00 42.66 ? 456 HOH A O   1 
HETATM 1304 O O   . HOH G 7 .   ? -10.408 2.376   -9.312  1.00 53.52 ? 457 HOH A O   1 
HETATM 1305 O O   . HOH G 7 .   ? -0.124  1.089   13.025  1.00 45.96 ? 458 HOH A O   1 
HETATM 1306 O O   . HOH G 7 .   ? 3.098   2.367   -18.837 1.00 56.79 ? 459 HOH A O   1 
HETATM 1307 O O   . HOH G 7 .   ? -9.046  -12.480 -8.708  1.00 53.13 ? 460 HOH A O   1 
HETATM 1308 O O   . HOH G 7 .   ? -1.572  7.585   10.711  1.00 40.47 ? 461 HOH A O   1 
HETATM 1309 O O   . HOH G 7 .   ? 17.516  8.200   -3.888  1.00 42.53 ? 462 HOH A O   1 
HETATM 1310 O O   . HOH G 7 .   ? -4.620  11.878  -7.762  1.00 42.50 ? 463 HOH A O   1 
HETATM 1311 O O   . HOH G 7 .   ? 1.988   -14.301 2.635   1.00 31.09 ? 464 HOH A O   1 
HETATM 1312 O O   . HOH G 7 .   ? 11.318  9.444   11.800  1.00 56.98 ? 465 HOH A O   1 
HETATM 1313 O O   . HOH G 7 .   ? 3.871   15.682  15.188  1.00 53.92 ? 466 HOH A O   1 
HETATM 1314 O O   . HOH G 7 .   ? 13.833  -12.080 7.867   1.00 50.42 ? 467 HOH A O   1 
HETATM 1315 O O   . HOH G 7 .   ? 2.641   9.607   -8.979  1.00 46.15 ? 468 HOH A O   1 
HETATM 1316 O O   . HOH G 7 .   ? -14.069 -8.770  -0.832  1.00 33.00 ? 469 HOH A O   1 
HETATM 1317 O O   . HOH G 7 .   ? -19.479 2.275   -0.902  1.00 50.29 ? 470 HOH A O   1 
HETATM 1318 O O   . HOH G 7 .   ? -3.040  -13.714 -4.258  1.00 25.01 ? 471 HOH A O   1 
HETATM 1319 O O   . HOH G 7 .   ? 1.587   16.975  10.445  1.00 52.87 ? 472 HOH A O   1 
HETATM 1320 O O   . HOH G 7 .   ? 14.252  6.788   5.222   1.00 40.22 ? 473 HOH A O   1 
HETATM 1321 O O   . HOH G 7 .   ? 14.284  -15.137 6.581   1.00 65.01 ? 474 HOH A O   1 
HETATM 1322 O O   . HOH G 7 .   ? 20.329  5.555   4.729   1.00 71.93 ? 475 HOH A O   1 
HETATM 1323 O O   . HOH G 7 .   ? -6.685  -13.883 5.229   1.00 54.26 ? 476 HOH A O   1 
HETATM 1324 O O   . HOH G 7 .   ? -6.036  19.298  -10.052 1.00 28.96 ? 477 HOH A O   1 
HETATM 1325 O O   . HOH G 7 .   ? -16.330 2.919   1.930   0.57 65.25 ? 478 HOH A O   1 
HETATM 1326 O O   . HOH G 7 .   ? -0.164  7.956   -9.669  1.00 52.09 ? 479 HOH A O   1 
HETATM 1327 O O   . HOH G 7 .   ? -15.752 1.242   -10.583 1.00 48.72 ? 480 HOH A O   1 
HETATM 1328 O O   . HOH G 7 .   ? -4.375  20.231  0.224   1.00 54.26 ? 481 HOH A O   1 
HETATM 1329 O O   . HOH G 7 .   ? -15.955 -8.251  0.634   0.57 46.28 ? 482 HOH A O   1 
HETATM 1330 O O   . HOH G 7 .   ? 7.924   11.266  -10.161 1.00 58.98 ? 483 HOH A O   1 
HETATM 1331 O O   . HOH G 7 .   ? -6.879  -11.831 -4.544  1.00 44.94 ? 484 HOH A O   1 
HETATM 1332 O O   . HOH G 7 .   ? -0.274  6.103   -14.289 1.00 47.79 ? 485 HOH A O   1 
HETATM 1333 O O   . HOH G 7 .   ? 13.983  -7.795  8.459   1.00 45.36 ? 486 HOH A O   1 
HETATM 1334 O O   . HOH G 7 .   ? 2.064   7.170   -11.470 1.00 50.64 ? 487 HOH A O   1 
HETATM 1335 O O   . HOH G 7 .   ? 15.764  -4.094  10.910  1.00 48.40 ? 488 HOH A O   1 
# 
